data_8IW5
# 
_entry.id   8IW5 
# 
_audit_conform.dict_name       mmcif_pdbx.dic 
_audit_conform.dict_version    5.397 
_audit_conform.dict_location   http://mmcif.pdb.org/dictionaries/ascii/mmcif_pdbx.dic 
# 
loop_
_database_2.database_id 
_database_2.database_code 
_database_2.pdbx_database_accession 
_database_2.pdbx_DOI 
PDB   8IW5         pdb_00008iw5 10.2210/pdb8iw5/pdb 
WWPDB D_1300036620 ?            ?                   
# 
loop_
_pdbx_audit_revision_history.ordinal 
_pdbx_audit_revision_history.data_content_type 
_pdbx_audit_revision_history.major_revision 
_pdbx_audit_revision_history.minor_revision 
_pdbx_audit_revision_history.revision_date 
1 'Structure model' 1 0 2023-11-08 
2 'Structure model' 1 1 2024-10-16 
# 
_pdbx_audit_revision_details.ordinal             1 
_pdbx_audit_revision_details.revision_ordinal    1 
_pdbx_audit_revision_details.data_content_type   'Structure model' 
_pdbx_audit_revision_details.provider            repository 
_pdbx_audit_revision_details.type                'Initial release' 
_pdbx_audit_revision_details.description         ? 
_pdbx_audit_revision_details.details             ? 
# 
_pdbx_audit_revision_group.ordinal             1 
_pdbx_audit_revision_group.revision_ordinal    2 
_pdbx_audit_revision_group.data_content_type   'Structure model' 
_pdbx_audit_revision_group.group               'Structure summary' 
# 
loop_
_pdbx_audit_revision_category.ordinal 
_pdbx_audit_revision_category.revision_ordinal 
_pdbx_audit_revision_category.data_content_type 
_pdbx_audit_revision_category.category 
1 2 'Structure model' pdbx_entry_details        
2 2 'Structure model' pdbx_modification_feature 
# 
_pdbx_audit_revision_item.ordinal             1 
_pdbx_audit_revision_item.revision_ordinal    2 
_pdbx_audit_revision_item.data_content_type   'Structure model' 
_pdbx_audit_revision_item.item                '_pdbx_entry_details.has_protein_modification' 
# 
_pdbx_database_status.status_code                     REL 
_pdbx_database_status.status_code_sf                  REL 
_pdbx_database_status.status_code_mr                  ? 
_pdbx_database_status.entry_id                        8IW5 
_pdbx_database_status.recvd_initial_deposition_date   2023-03-29 
_pdbx_database_status.SG_entry                        N 
_pdbx_database_status.deposit_site                    PDBJ 
_pdbx_database_status.process_site                    PDBC 
_pdbx_database_status.status_code_cs                  ? 
_pdbx_database_status.status_code_nmr_data            ? 
_pdbx_database_status.methods_development_category    ? 
_pdbx_database_status.pdb_format_compatible           Y 
# 
_pdbx_contact_author.id                 2 
_pdbx_contact_author.email              weizy@sustc.edu.cn 
_pdbx_contact_author.name_first         Zhiyi 
_pdbx_contact_author.name_last          Wei 
_pdbx_contact_author.name_mi            ? 
_pdbx_contact_author.role               'principal investigator/group leader' 
_pdbx_contact_author.identifier_ORCID   0000-0002-4446-6502 
# 
loop_
_audit_author.name 
_audit_author.pdbx_ordinal 
_audit_author.identifier_ORCID 
'Zhang, J.' 1 ? 
'Chen, S.'  2 ? 
'Wei, Z.'   3 ? 
# 
_citation.abstract                  ? 
_citation.abstract_id_CAS           ? 
_citation.book_id_ISBN              ? 
_citation.book_publisher            ? 
_citation.book_publisher_city       ? 
_citation.book_title                ? 
_citation.coordinate_linkage        ? 
_citation.country                   US 
_citation.database_id_Medline       ? 
_citation.details                   ? 
_citation.id                        primary 
_citation.journal_abbrev            'Cell Rep' 
_citation.journal_id_ASTM           ? 
_citation.journal_id_CSD            ? 
_citation.journal_id_ISSN           2211-1247 
_citation.journal_full              ? 
_citation.journal_issue             ? 
_citation.journal_volume            42 
_citation.language                  ? 
_citation.page_first                113321 
_citation.page_last                 113321 
_citation.title                     
'KANK1 shapes focal adhesions by orchestrating protein binding, mechanical force sensing, and phase separation.' 
_citation.year                      2023 
_citation.database_id_CSD           ? 
_citation.pdbx_database_id_DOI      10.1016/j.celrep.2023.113321 
_citation.pdbx_database_id_PubMed   37874676 
_citation.pdbx_database_id_patent   ? 
_citation.unpublished_flag          ? 
# 
loop_
_citation_author.citation_id 
_citation_author.name 
_citation_author.ordinal 
_citation_author.identifier_ORCID 
primary 'Guo, K.'   1  ? 
primary 'Zhang, J.' 2  ? 
primary 'Huang, P.' 3  ? 
primary 'Xu, Y.'    4  ? 
primary 'Pan, W.'   5  ? 
primary 'Li, K.'    6  ? 
primary 'Chen, L.'  7  ? 
primary 'Luo, L.'   8  ? 
primary 'Yu, W.'    9  ? 
primary 'Chen, S.'  10 ? 
primary 'He, S.'    11 ? 
primary 'Wei, Z.'   12 ? 
primary 'Yu, C.'    13 ? 
# 
loop_
_entity.id 
_entity.type 
_entity.src_method 
_entity.pdbx_description 
_entity.formula_weight 
_entity.pdbx_number_of_molecules 
_entity.pdbx_ec 
_entity.pdbx_mutation 
_entity.pdbx_fragment 
_entity.details 
1 polymer     man Liprin-beta-1 5715.494 2  ? ? ? ? 
2 non-polymer syn 'CALCIUM ION' 40.078   1  ? ? ? ? 
3 water       nat water         18.015   39 ? ? ? ? 
# 
_entity_name_com.entity_id   1 
_entity_name_com.name        
;Protein tyrosine phosphatase receptor type f polypeptide-interacting protein-binding protein 1,PTPRF-interacting protein-binding protein 1
;
# 
_entity_poly.entity_id                      1 
_entity_poly.type                           'polypeptide(L)' 
_entity_poly.nstd_linkage                   no 
_entity_poly.nstd_monomer                   no 
_entity_poly.pdbx_seq_one_letter_code       GPGSMGSLRALHLVEDLRGLLEMMETDEKEGLRCQIPDSTAEVLIEWLQNQ 
_entity_poly.pdbx_seq_one_letter_code_can   GPGSMGSLRALHLVEDLRGLLEMMETDEKEGLRCQIPDSTAEVLIEWLQNQ 
_entity_poly.pdbx_strand_id                 A,B 
_entity_poly.pdbx_target_identifier         ? 
# 
loop_
_pdbx_entity_nonpoly.entity_id 
_pdbx_entity_nonpoly.name 
_pdbx_entity_nonpoly.comp_id 
2 'CALCIUM ION' CA  
3 water         HOH 
# 
loop_
_entity_poly_seq.entity_id 
_entity_poly_seq.num 
_entity_poly_seq.mon_id 
_entity_poly_seq.hetero 
1 1  GLY n 
1 2  PRO n 
1 3  GLY n 
1 4  SER n 
1 5  MET n 
1 6  GLY n 
1 7  SER n 
1 8  LEU n 
1 9  ARG n 
1 10 ALA n 
1 11 LEU n 
1 12 HIS n 
1 13 LEU n 
1 14 VAL n 
1 15 GLU n 
1 16 ASP n 
1 17 LEU n 
1 18 ARG n 
1 19 GLY n 
1 20 LEU n 
1 21 LEU n 
1 22 GLU n 
1 23 MET n 
1 24 MET n 
1 25 GLU n 
1 26 THR n 
1 27 ASP n 
1 28 GLU n 
1 29 LYS n 
1 30 GLU n 
1 31 GLY n 
1 32 LEU n 
1 33 ARG n 
1 34 CYS n 
1 35 GLN n 
1 36 ILE n 
1 37 PRO n 
1 38 ASP n 
1 39 SER n 
1 40 THR n 
1 41 ALA n 
1 42 GLU n 
1 43 VAL n 
1 44 LEU n 
1 45 ILE n 
1 46 GLU n 
1 47 TRP n 
1 48 LEU n 
1 49 GLN n 
1 50 ASN n 
1 51 GLN n 
# 
_entity_src_gen.entity_id                          1 
_entity_src_gen.pdbx_src_id                        1 
_entity_src_gen.pdbx_alt_source_flag               sample 
_entity_src_gen.pdbx_seq_type                      'Biological sequence' 
_entity_src_gen.pdbx_beg_seq_num                   1 
_entity_src_gen.pdbx_end_seq_num                   51 
_entity_src_gen.gene_src_common_name               'house mouse' 
_entity_src_gen.gene_src_genus                     ? 
_entity_src_gen.pdbx_gene_src_gene                 'Ppfibp1, Kiaa1230' 
_entity_src_gen.gene_src_species                   ? 
_entity_src_gen.gene_src_strain                    ? 
_entity_src_gen.gene_src_tissue                    ? 
_entity_src_gen.gene_src_tissue_fraction           ? 
_entity_src_gen.gene_src_details                   ? 
_entity_src_gen.pdbx_gene_src_fragment             ? 
_entity_src_gen.pdbx_gene_src_scientific_name      'Mus musculus' 
_entity_src_gen.pdbx_gene_src_ncbi_taxonomy_id     10090 
_entity_src_gen.pdbx_gene_src_variant              ? 
_entity_src_gen.pdbx_gene_src_cell_line            ? 
_entity_src_gen.pdbx_gene_src_atcc                 ? 
_entity_src_gen.pdbx_gene_src_organ                ? 
_entity_src_gen.pdbx_gene_src_organelle            ? 
_entity_src_gen.pdbx_gene_src_cell                 ? 
_entity_src_gen.pdbx_gene_src_cellular_location    ? 
_entity_src_gen.host_org_common_name               ? 
_entity_src_gen.pdbx_host_org_scientific_name      'Escherichia coli BL21(DE3)' 
_entity_src_gen.pdbx_host_org_ncbi_taxonomy_id     469008 
_entity_src_gen.host_org_genus                     ? 
_entity_src_gen.pdbx_host_org_gene                 ? 
_entity_src_gen.pdbx_host_org_organ                ? 
_entity_src_gen.host_org_species                   ? 
_entity_src_gen.pdbx_host_org_tissue               ? 
_entity_src_gen.pdbx_host_org_tissue_fraction      ? 
_entity_src_gen.pdbx_host_org_strain               ? 
_entity_src_gen.pdbx_host_org_variant              ? 
_entity_src_gen.pdbx_host_org_cell_line            ? 
_entity_src_gen.pdbx_host_org_atcc                 ? 
_entity_src_gen.pdbx_host_org_culture_collection   ? 
_entity_src_gen.pdbx_host_org_cell                 ? 
_entity_src_gen.pdbx_host_org_organelle            ? 
_entity_src_gen.pdbx_host_org_cellular_location    ? 
_entity_src_gen.pdbx_host_org_vector_type          ? 
_entity_src_gen.pdbx_host_org_vector               ? 
_entity_src_gen.host_org_details                   ? 
_entity_src_gen.expression_system_id               ? 
_entity_src_gen.plasmid_name                       ? 
_entity_src_gen.plasmid_details                    ? 
_entity_src_gen.pdbx_description                   ? 
# 
loop_
_chem_comp.id 
_chem_comp.type 
_chem_comp.mon_nstd_flag 
_chem_comp.name 
_chem_comp.pdbx_synonyms 
_chem_comp.formula 
_chem_comp.formula_weight 
ALA 'L-peptide linking' y ALANINE         ? 'C3 H7 N O2'     89.093  
ARG 'L-peptide linking' y ARGININE        ? 'C6 H15 N4 O2 1' 175.209 
ASN 'L-peptide linking' y ASPARAGINE      ? 'C4 H8 N2 O3'    132.118 
ASP 'L-peptide linking' y 'ASPARTIC ACID' ? 'C4 H7 N O4'     133.103 
CA  non-polymer         . 'CALCIUM ION'   ? 'Ca 2'           40.078  
CYS 'L-peptide linking' y CYSTEINE        ? 'C3 H7 N O2 S'   121.158 
GLN 'L-peptide linking' y GLUTAMINE       ? 'C5 H10 N2 O3'   146.144 
GLU 'L-peptide linking' y 'GLUTAMIC ACID' ? 'C5 H9 N O4'     147.129 
GLY 'peptide linking'   y GLYCINE         ? 'C2 H5 N O2'     75.067  
HIS 'L-peptide linking' y HISTIDINE       ? 'C6 H10 N3 O2 1' 156.162 
HOH non-polymer         . WATER           ? 'H2 O'           18.015  
ILE 'L-peptide linking' y ISOLEUCINE      ? 'C6 H13 N O2'    131.173 
LEU 'L-peptide linking' y LEUCINE         ? 'C6 H13 N O2'    131.173 
LYS 'L-peptide linking' y LYSINE          ? 'C6 H15 N2 O2 1' 147.195 
MET 'L-peptide linking' y METHIONINE      ? 'C5 H11 N O2 S'  149.211 
PRO 'L-peptide linking' y PROLINE         ? 'C5 H9 N O2'     115.130 
SER 'L-peptide linking' y SERINE          ? 'C3 H7 N O3'     105.093 
THR 'L-peptide linking' y THREONINE       ? 'C4 H9 N O3'     119.119 
TRP 'L-peptide linking' y TRYPTOPHAN      ? 'C11 H12 N2 O2'  204.225 
VAL 'L-peptide linking' y VALINE          ? 'C5 H11 N O2'    117.146 
# 
loop_
_pdbx_poly_seq_scheme.asym_id 
_pdbx_poly_seq_scheme.entity_id 
_pdbx_poly_seq_scheme.seq_id 
_pdbx_poly_seq_scheme.mon_id 
_pdbx_poly_seq_scheme.ndb_seq_num 
_pdbx_poly_seq_scheme.pdb_seq_num 
_pdbx_poly_seq_scheme.auth_seq_num 
_pdbx_poly_seq_scheme.pdb_mon_id 
_pdbx_poly_seq_scheme.auth_mon_id 
_pdbx_poly_seq_scheme.pdb_strand_id 
_pdbx_poly_seq_scheme.pdb_ins_code 
_pdbx_poly_seq_scheme.hetero 
A 1 1  GLY 1  39 ?  ?   ?   A . n 
A 1 2  PRO 2  40 ?  ?   ?   A . n 
A 1 3  GLY 3  41 41 GLY GLY A . n 
A 1 4  SER 4  42 42 SER SER A . n 
A 1 5  MET 5  43 43 MET MET A . n 
A 1 6  GLY 6  44 44 GLY GLY A . n 
A 1 7  SER 7  45 45 SER SER A . n 
A 1 8  LEU 8  46 46 LEU LEU A . n 
A 1 9  ARG 9  47 47 ARG ARG A . n 
A 1 10 ALA 10 48 48 ALA ALA A . n 
A 1 11 LEU 11 49 49 LEU LEU A . n 
A 1 12 HIS 12 50 50 HIS HIS A . n 
A 1 13 LEU 13 51 51 LEU LEU A . n 
A 1 14 VAL 14 52 52 VAL VAL A . n 
A 1 15 GLU 15 53 53 GLU GLU A . n 
A 1 16 ASP 16 54 54 ASP ASP A . n 
A 1 17 LEU 17 55 55 LEU LEU A . n 
A 1 18 ARG 18 56 56 ARG ARG A . n 
A 1 19 GLY 19 57 57 GLY GLY A . n 
A 1 20 LEU 20 58 58 LEU LEU A . n 
A 1 21 LEU 21 59 59 LEU LEU A . n 
A 1 22 GLU 22 60 60 GLU GLU A . n 
A 1 23 MET 23 61 61 MET MET A . n 
A 1 24 MET 24 62 62 MET MET A . n 
A 1 25 GLU 25 63 63 GLU GLU A . n 
A 1 26 THR 26 64 64 THR THR A . n 
A 1 27 ASP 27 65 65 ASP ASP A . n 
A 1 28 GLU 28 66 66 GLU GLU A . n 
A 1 29 LYS 29 67 67 LYS LYS A . n 
A 1 30 GLU 30 68 68 GLU GLU A . n 
A 1 31 GLY 31 69 69 GLY GLY A . n 
A 1 32 LEU 32 70 70 LEU LEU A . n 
A 1 33 ARG 33 71 71 ARG ARG A . n 
A 1 34 CYS 34 72 72 CYS CYS A . n 
A 1 35 GLN 35 73 73 GLN GLN A . n 
A 1 36 ILE 36 74 74 ILE ILE A . n 
A 1 37 PRO 37 75 75 PRO PRO A . n 
A 1 38 ASP 38 76 76 ASP ASP A . n 
A 1 39 SER 39 77 77 SER SER A . n 
A 1 40 THR 40 78 78 THR THR A . n 
A 1 41 ALA 41 79 79 ALA ALA A . n 
A 1 42 GLU 42 80 80 GLU GLU A . n 
A 1 43 VAL 43 81 81 VAL VAL A . n 
A 1 44 LEU 44 82 82 LEU LEU A . n 
A 1 45 ILE 45 83 83 ILE ILE A . n 
A 1 46 GLU 46 84 84 GLU GLU A . n 
A 1 47 TRP 47 85 85 TRP TRP A . n 
A 1 48 LEU 48 86 86 LEU LEU A . n 
A 1 49 GLN 49 87 87 GLN GLN A . n 
A 1 50 ASN 50 88 88 ASN ASN A . n 
A 1 51 GLN 51 89 ?  ?   ?   A . n 
B 1 1  GLY 1  39 ?  ?   ?   B . n 
B 1 2  PRO 2  40 ?  ?   ?   B . n 
B 1 3  GLY 3  41 ?  ?   ?   B . n 
B 1 4  SER 4  42 ?  ?   ?   B . n 
B 1 5  MET 5  43 ?  ?   ?   B . n 
B 1 6  GLY 6  44 ?  ?   ?   B . n 
B 1 7  SER 7  45 45 SER SER B . n 
B 1 8  LEU 8  46 46 LEU LEU B . n 
B 1 9  ARG 9  47 47 ARG ARG B . n 
B 1 10 ALA 10 48 48 ALA ALA B . n 
B 1 11 LEU 11 49 49 LEU LEU B . n 
B 1 12 HIS 12 50 50 HIS HIS B . n 
B 1 13 LEU 13 51 51 LEU LEU B . n 
B 1 14 VAL 14 52 52 VAL VAL B . n 
B 1 15 GLU 15 53 53 GLU GLU B . n 
B 1 16 ASP 16 54 54 ASP ASP B . n 
B 1 17 LEU 17 55 55 LEU LEU B . n 
B 1 18 ARG 18 56 56 ARG ARG B . n 
B 1 19 GLY 19 57 57 GLY GLY B . n 
B 1 20 LEU 20 58 58 LEU LEU B . n 
B 1 21 LEU 21 59 59 LEU LEU B . n 
B 1 22 GLU 22 60 60 GLU GLU B . n 
B 1 23 MET 23 61 61 MET MET B . n 
B 1 24 MET 24 62 62 MET MET B . n 
B 1 25 GLU 25 63 63 GLU GLU B . n 
B 1 26 THR 26 64 64 THR THR B . n 
B 1 27 ASP 27 65 65 ASP ASP B . n 
B 1 28 GLU 28 66 66 GLU GLU B . n 
B 1 29 LYS 29 67 67 LYS LYS B . n 
B 1 30 GLU 30 68 68 GLU GLU B . n 
B 1 31 GLY 31 69 69 GLY GLY B . n 
B 1 32 LEU 32 70 70 LEU LEU B . n 
B 1 33 ARG 33 71 71 ARG ARG B . n 
B 1 34 CYS 34 72 72 CYS CYS B . n 
B 1 35 GLN 35 73 73 GLN GLN B . n 
B 1 36 ILE 36 74 74 ILE ILE B . n 
B 1 37 PRO 37 75 75 PRO PRO B . n 
B 1 38 ASP 38 76 76 ASP ASP B . n 
B 1 39 SER 39 77 77 SER SER B . n 
B 1 40 THR 40 78 78 THR THR B . n 
B 1 41 ALA 41 79 79 ALA ALA B . n 
B 1 42 GLU 42 80 80 GLU GLU B . n 
B 1 43 VAL 43 81 81 VAL VAL B . n 
B 1 44 LEU 44 82 82 LEU LEU B . n 
B 1 45 ILE 45 83 83 ILE ILE B . n 
B 1 46 GLU 46 84 84 GLU GLU B . n 
B 1 47 TRP 47 85 85 TRP TRP B . n 
B 1 48 LEU 48 86 86 LEU LEU B . n 
B 1 49 GLN 49 87 87 GLN GLN B . n 
B 1 50 ASN 50 88 88 ASN ASN B . n 
B 1 51 GLN 51 89 ?  ?   ?   B . n 
# 
loop_
_pdbx_nonpoly_scheme.asym_id 
_pdbx_nonpoly_scheme.entity_id 
_pdbx_nonpoly_scheme.mon_id 
_pdbx_nonpoly_scheme.ndb_seq_num 
_pdbx_nonpoly_scheme.pdb_seq_num 
_pdbx_nonpoly_scheme.auth_seq_num 
_pdbx_nonpoly_scheme.pdb_mon_id 
_pdbx_nonpoly_scheme.auth_mon_id 
_pdbx_nonpoly_scheme.pdb_strand_id 
_pdbx_nonpoly_scheme.pdb_ins_code 
C 2 CA  1  101 1  CA  CA  B . 
D 3 HOH 1  101 8  HOH HOH A . 
D 3 HOH 2  102 14 HOH HOH A . 
D 3 HOH 3  103 31 HOH HOH A . 
D 3 HOH 4  104 34 HOH HOH A . 
D 3 HOH 5  105 26 HOH HOH A . 
D 3 HOH 6  106 19 HOH HOH A . 
D 3 HOH 7  107 24 HOH HOH A . 
D 3 HOH 8  108 2  HOH HOH A . 
D 3 HOH 9  109 41 HOH HOH A . 
D 3 HOH 10 110 27 HOH HOH A . 
D 3 HOH 11 111 25 HOH HOH A . 
D 3 HOH 12 112 5  HOH HOH A . 
D 3 HOH 13 113 37 HOH HOH A . 
D 3 HOH 14 114 18 HOH HOH A . 
D 3 HOH 15 115 22 HOH HOH A . 
D 3 HOH 16 116 17 HOH HOH A . 
E 3 HOH 1  201 30 HOH HOH B . 
E 3 HOH 2  202 15 HOH HOH B . 
E 3 HOH 3  203 38 HOH HOH B . 
E 3 HOH 4  204 3  HOH HOH B . 
E 3 HOH 5  205 6  HOH HOH B . 
E 3 HOH 6  206 4  HOH HOH B . 
E 3 HOH 7  207 43 HOH HOH B . 
E 3 HOH 8  208 20 HOH HOH B . 
E 3 HOH 9  209 39 HOH HOH B . 
E 3 HOH 10 210 42 HOH HOH B . 
E 3 HOH 11 211 11 HOH HOH B . 
E 3 HOH 12 212 13 HOH HOH B . 
E 3 HOH 13 213 10 HOH HOH B . 
E 3 HOH 14 214 12 HOH HOH B . 
E 3 HOH 15 215 7  HOH HOH B . 
E 3 HOH 16 216 1  HOH HOH B . 
E 3 HOH 17 217 29 HOH HOH B . 
E 3 HOH 18 218 28 HOH HOH B . 
E 3 HOH 19 219 40 HOH HOH B . 
E 3 HOH 20 220 21 HOH HOH B . 
E 3 HOH 21 221 16 HOH HOH B . 
E 3 HOH 22 222 44 HOH HOH B . 
E 3 HOH 23 223 32 HOH HOH B . 
# 
loop_
_pdbx_unobs_or_zero_occ_atoms.id 
_pdbx_unobs_or_zero_occ_atoms.PDB_model_num 
_pdbx_unobs_or_zero_occ_atoms.polymer_flag 
_pdbx_unobs_or_zero_occ_atoms.occupancy_flag 
_pdbx_unobs_or_zero_occ_atoms.auth_asym_id 
_pdbx_unobs_or_zero_occ_atoms.auth_comp_id 
_pdbx_unobs_or_zero_occ_atoms.auth_seq_id 
_pdbx_unobs_or_zero_occ_atoms.PDB_ins_code 
_pdbx_unobs_or_zero_occ_atoms.auth_atom_id 
_pdbx_unobs_or_zero_occ_atoms.label_alt_id 
_pdbx_unobs_or_zero_occ_atoms.label_asym_id 
_pdbx_unobs_or_zero_occ_atoms.label_comp_id 
_pdbx_unobs_or_zero_occ_atoms.label_seq_id 
_pdbx_unobs_or_zero_occ_atoms.label_atom_id 
1  1 Y 1 A GLU 53 ? CG  ? A GLU 15 CG  
2  1 Y 1 A GLU 53 ? CD  ? A GLU 15 CD  
3  1 Y 1 A GLU 53 ? OE1 ? A GLU 15 OE1 
4  1 Y 1 A GLU 53 ? OE2 ? A GLU 15 OE2 
5  1 Y 1 A ASP 65 ? CG  ? A ASP 27 CG  
6  1 Y 1 A ASP 65 ? OD1 ? A ASP 27 OD1 
7  1 Y 1 A ASP 65 ? OD2 ? A ASP 27 OD2 
8  1 Y 1 A ASN 88 ? CG  ? A ASN 50 CG  
9  1 Y 1 A ASN 88 ? OD1 ? A ASN 50 OD1 
10 1 Y 1 A ASN 88 ? ND2 ? A ASN 50 ND2 
11 1 Y 1 B LEU 46 ? CG  ? B LEU 8  CG  
12 1 Y 1 B LEU 46 ? CD1 ? B LEU 8  CD1 
13 1 Y 1 B LEU 46 ? CD2 ? B LEU 8  CD2 
14 1 Y 1 B GLU 66 ? CG  ? B GLU 28 CG  
15 1 Y 1 B GLU 66 ? CD  ? B GLU 28 CD  
16 1 Y 1 B GLU 66 ? OE1 ? B GLU 28 OE1 
17 1 Y 1 B GLU 66 ? OE2 ? B GLU 28 OE2 
# 
loop_
_software.citation_id 
_software.classification 
_software.compiler_name 
_software.compiler_version 
_software.contact_author 
_software.contact_author_email 
_software.date 
_software.description 
_software.dependencies 
_software.hardware 
_software.language 
_software.location 
_software.mods 
_software.name 
_software.os 
_software.os_version 
_software.type 
_software.version 
_software.pdbx_ordinal 
? refinement        ? ? ? ? ? ? ? ? ? ? ? PHENIX      ? ? ? '(1.19.2_4158: ???)' 1 
? 'data scaling'    ? ? ? ? ? ? ? ? ? ? ? SCALEPACK   ? ? ? .                    2 
? 'data extraction' ? ? ? ? ? ? ? ? ? ? ? PDB_EXTRACT ? ? ? 3.27                 3 
? 'data reduction'  ? ? ? ? ? ? ? ? ? ? ? HKL-2000    ? ? ? .                    4 
? phasing           ? ? ? ? ? ? ? ? ? ? ? PHENIX      ? ? ? .                    5 
# 
_cell.angle_alpha                  90.00 
_cell.angle_alpha_esd              ? 
_cell.angle_beta                   113.44 
_cell.angle_beta_esd               ? 
_cell.angle_gamma                  90.00 
_cell.angle_gamma_esd              ? 
_cell.entry_id                     8IW5 
_cell.details                      ? 
_cell.formula_units_Z              ? 
_cell.length_a                     29.793 
_cell.length_a_esd                 ? 
_cell.length_b                     50.637 
_cell.length_b_esd                 ? 
_cell.length_c                     30.780 
_cell.length_c_esd                 ? 
_cell.volume                       ? 
_cell.volume_esd                   ? 
_cell.Z_PDB                        4 
_cell.reciprocal_angle_alpha       ? 
_cell.reciprocal_angle_beta        ? 
_cell.reciprocal_angle_gamma       ? 
_cell.reciprocal_angle_alpha_esd   ? 
_cell.reciprocal_angle_beta_esd    ? 
_cell.reciprocal_angle_gamma_esd   ? 
_cell.reciprocal_length_a          ? 
_cell.reciprocal_length_b          ? 
_cell.reciprocal_length_c          ? 
_cell.reciprocal_length_a_esd      ? 
_cell.reciprocal_length_b_esd      ? 
_cell.reciprocal_length_c_esd      ? 
_cell.pdbx_unique_axis             ? 
_cell.pdbx_esd_method              ? 
# 
_symmetry.entry_id                         8IW5 
_symmetry.cell_setting                     ? 
_symmetry.Int_Tables_number                4 
_symmetry.space_group_name_Hall            ? 
_symmetry.space_group_name_H-M             'P 1 21 1' 
_symmetry.pdbx_full_space_group_name_H-M   ? 
# 
_exptl.absorpt_coefficient_mu     ? 
_exptl.absorpt_correction_T_max   ? 
_exptl.absorpt_correction_T_min   ? 
_exptl.absorpt_correction_type    ? 
_exptl.absorpt_process_details    ? 
_exptl.entry_id                   8IW5 
_exptl.crystals_number            1 
_exptl.details                    ? 
_exptl.method                     'X-RAY DIFFRACTION' 
_exptl.method_details             ? 
# 
_exptl_crystal.colour                       ? 
_exptl_crystal.density_diffrn               ? 
_exptl_crystal.density_Matthews             1.86 
_exptl_crystal.density_method               ? 
_exptl_crystal.density_percent_sol          34.00 
_exptl_crystal.description                  ? 
_exptl_crystal.F_000                        ? 
_exptl_crystal.id                           1 
_exptl_crystal.preparation                  ? 
_exptl_crystal.size_max                     ? 
_exptl_crystal.size_mid                     ? 
_exptl_crystal.size_min                     ? 
_exptl_crystal.size_rad                     ? 
_exptl_crystal.colour_lustre                ? 
_exptl_crystal.colour_modifier              ? 
_exptl_crystal.colour_primary               ? 
_exptl_crystal.density_meas                 ? 
_exptl_crystal.density_meas_esd             ? 
_exptl_crystal.density_meas_gt              ? 
_exptl_crystal.density_meas_lt              ? 
_exptl_crystal.density_meas_temp            ? 
_exptl_crystal.density_meas_temp_esd        ? 
_exptl_crystal.density_meas_temp_gt         ? 
_exptl_crystal.density_meas_temp_lt         ? 
_exptl_crystal.pdbx_crystal_image_url       ? 
_exptl_crystal.pdbx_crystal_image_format    ? 
_exptl_crystal.pdbx_mosaicity               ? 
_exptl_crystal.pdbx_mosaicity_esd           ? 
_exptl_crystal.pdbx_mosaic_method           ? 
_exptl_crystal.pdbx_mosaic_block_size       ? 
_exptl_crystal.pdbx_mosaic_block_size_esd   ? 
# 
_exptl_crystal_grow.apparatus       ? 
_exptl_crystal_grow.atmosphere      ? 
_exptl_crystal_grow.crystal_id      1 
_exptl_crystal_grow.details         ? 
_exptl_crystal_grow.method          'VAPOR DIFFUSION, SITTING DROP' 
_exptl_crystal_grow.method_ref      ? 
_exptl_crystal_grow.pH              ? 
_exptl_crystal_grow.pressure        ? 
_exptl_crystal_grow.pressure_esd    ? 
_exptl_crystal_grow.seeding         ? 
_exptl_crystal_grow.seeding_ref     ? 
_exptl_crystal_grow.temp_details    ? 
_exptl_crystal_grow.temp_esd        ? 
_exptl_crystal_grow.time            ? 
_exptl_crystal_grow.pdbx_details    '0.05 M Calcium acetate, 0.1 M Sodium cacodylate pH 6.0 and 25% v/v MPD' 
_exptl_crystal_grow.pdbx_pH_range   ? 
_exptl_crystal_grow.temp            289 
# 
_diffrn.ambient_environment              ? 
_diffrn.ambient_temp                     100 
_diffrn.ambient_temp_details             ? 
_diffrn.ambient_temp_esd                 ? 
_diffrn.crystal_id                       1 
_diffrn.crystal_support                  ? 
_diffrn.crystal_treatment                ? 
_diffrn.details                          ? 
_diffrn.id                               1 
_diffrn.ambient_pressure                 ? 
_diffrn.ambient_pressure_esd             ? 
_diffrn.ambient_pressure_gt              ? 
_diffrn.ambient_pressure_lt              ? 
_diffrn.ambient_temp_gt                  ? 
_diffrn.ambient_temp_lt                  ? 
_diffrn.pdbx_serial_crystal_experiment   N 
# 
_diffrn_detector.details                      ? 
_diffrn_detector.detector                     PIXEL 
_diffrn_detector.diffrn_id                    1 
_diffrn_detector.type                         'DECTRIS PILATUS3 6M' 
_diffrn_detector.area_resol_mean              ? 
_diffrn_detector.dtime                        ? 
_diffrn_detector.pdbx_frames_total            ? 
_diffrn_detector.pdbx_collection_time_total   ? 
_diffrn_detector.pdbx_collection_date         2021-11-01 
_diffrn_detector.pdbx_frequency               ? 
_diffrn_detector.id                           ? 
_diffrn_detector.number_of_axes               ? 
# 
_diffrn_radiation.collimation                      ? 
_diffrn_radiation.diffrn_id                        1 
_diffrn_radiation.filter_edge                      ? 
_diffrn_radiation.inhomogeneity                    ? 
_diffrn_radiation.monochromator                    ? 
_diffrn_radiation.polarisn_norm                    ? 
_diffrn_radiation.polarisn_ratio                   ? 
_diffrn_radiation.probe                            ? 
_diffrn_radiation.type                             ? 
_diffrn_radiation.xray_symbol                      ? 
_diffrn_radiation.wavelength_id                    1 
_diffrn_radiation.pdbx_monochromatic_or_laue_m_l   M 
_diffrn_radiation.pdbx_wavelength_list             ? 
_diffrn_radiation.pdbx_wavelength                  ? 
_diffrn_radiation.pdbx_diffrn_protocol             'SINGLE WAVELENGTH' 
_diffrn_radiation.pdbx_analyzer                    ? 
_diffrn_radiation.pdbx_scattering_type             x-ray 
# 
_diffrn_radiation_wavelength.id           1 
_diffrn_radiation_wavelength.wavelength   0.98 
_diffrn_radiation_wavelength.wt           1.0 
# 
_diffrn_source.current                     ? 
_diffrn_source.details                     ? 
_diffrn_source.diffrn_id                   1 
_diffrn_source.power                       ? 
_diffrn_source.size                        ? 
_diffrn_source.source                      SYNCHROTRON 
_diffrn_source.target                      ? 
_diffrn_source.type                        'SSRF BEAMLINE BL18U1' 
_diffrn_source.voltage                     ? 
_diffrn_source.take-off_angle              ? 
_diffrn_source.pdbx_wavelength_list        0.98 
_diffrn_source.pdbx_wavelength             ? 
_diffrn_source.pdbx_synchrotron_beamline   BL18U1 
_diffrn_source.pdbx_synchrotron_site       SSRF 
# 
_reflns.B_iso_Wilson_estimate                          ? 
_reflns.entry_id                                       8IW5 
_reflns.data_reduction_details                         ? 
_reflns.data_reduction_method                          ? 
_reflns.d_resolution_high                              1.70 
_reflns.d_resolution_low                               50.00 
_reflns.details                                        ? 
_reflns.limit_h_max                                    ? 
_reflns.limit_h_min                                    ? 
_reflns.limit_k_max                                    ? 
_reflns.limit_k_min                                    ? 
_reflns.limit_l_max                                    ? 
_reflns.limit_l_min                                    ? 
_reflns.number_all                                     ? 
_reflns.number_obs                                     8724 
_reflns.observed_criterion                             ? 
_reflns.observed_criterion_F_max                       ? 
_reflns.observed_criterion_F_min                       ? 
_reflns.observed_criterion_I_max                       ? 
_reflns.observed_criterion_I_min                       ? 
_reflns.observed_criterion_sigma_F                     ? 
_reflns.observed_criterion_sigma_I                     ? 
_reflns.percent_possible_obs                           93.3 
_reflns.R_free_details                                 ? 
_reflns.Rmerge_F_all                                   ? 
_reflns.Rmerge_F_obs                                   ? 
_reflns.Friedel_coverage                               ? 
_reflns.number_gt                                      ? 
_reflns.threshold_expression                           ? 
_reflns.pdbx_redundancy                                5.7 
_reflns.pdbx_netI_over_av_sigmaI                       ? 
_reflns.pdbx_netI_over_sigmaI                          8.4 
_reflns.pdbx_res_netI_over_av_sigmaI_2                 ? 
_reflns.pdbx_res_netI_over_sigmaI_2                    ? 
_reflns.pdbx_chi_squared                               1.320 
_reflns.pdbx_scaling_rejects                           ? 
_reflns.pdbx_d_res_high_opt                            ? 
_reflns.pdbx_d_res_low_opt                             ? 
_reflns.pdbx_d_res_opt_method                          ? 
_reflns.phase_calculation_details                      ? 
_reflns.pdbx_Rrim_I_all                                0.116 
_reflns.pdbx_Rpim_I_all                                0.051 
_reflns.pdbx_d_opt                                     ? 
_reflns.pdbx_number_measured_all                       49910 
_reflns.pdbx_diffrn_id                                 1 
_reflns.pdbx_ordinal                                   1 
_reflns.pdbx_CC_half                                   0.992 
_reflns.pdbx_CC_star                                   0.998 
_reflns.pdbx_R_split                                   ? 
_reflns.pdbx_Rmerge_I_obs                              0.104 
_reflns.pdbx_Rmerge_I_all                              ? 
_reflns.pdbx_Rsym_value                                ? 
_reflns.pdbx_CC_split_method                           ? 
_reflns.pdbx_aniso_diffraction_limit_axis_1_ortho[1]   ? 
_reflns.pdbx_aniso_diffraction_limit_axis_1_ortho[2]   ? 
_reflns.pdbx_aniso_diffraction_limit_axis_1_ortho[3]   ? 
_reflns.pdbx_aniso_diffraction_limit_axis_2_ortho[1]   ? 
_reflns.pdbx_aniso_diffraction_limit_axis_2_ortho[2]   ? 
_reflns.pdbx_aniso_diffraction_limit_axis_2_ortho[3]   ? 
_reflns.pdbx_aniso_diffraction_limit_axis_3_ortho[1]   ? 
_reflns.pdbx_aniso_diffraction_limit_axis_3_ortho[2]   ? 
_reflns.pdbx_aniso_diffraction_limit_axis_3_ortho[3]   ? 
_reflns.pdbx_aniso_diffraction_limit_1                 ? 
_reflns.pdbx_aniso_diffraction_limit_2                 ? 
_reflns.pdbx_aniso_diffraction_limit_3                 ? 
_reflns.pdbx_aniso_B_tensor_eigenvector_1_ortho[1]     ? 
_reflns.pdbx_aniso_B_tensor_eigenvector_1_ortho[2]     ? 
_reflns.pdbx_aniso_B_tensor_eigenvector_1_ortho[3]     ? 
_reflns.pdbx_aniso_B_tensor_eigenvector_2_ortho[1]     ? 
_reflns.pdbx_aniso_B_tensor_eigenvector_2_ortho[2]     ? 
_reflns.pdbx_aniso_B_tensor_eigenvector_2_ortho[3]     ? 
_reflns.pdbx_aniso_B_tensor_eigenvector_3_ortho[1]     ? 
_reflns.pdbx_aniso_B_tensor_eigenvector_3_ortho[2]     ? 
_reflns.pdbx_aniso_B_tensor_eigenvector_3_ortho[3]     ? 
_reflns.pdbx_aniso_B_tensor_eigenvalue_1               ? 
_reflns.pdbx_aniso_B_tensor_eigenvalue_2               ? 
_reflns.pdbx_aniso_B_tensor_eigenvalue_3               ? 
_reflns.pdbx_orthogonalization_convention              ? 
_reflns.pdbx_percent_possible_ellipsoidal              ? 
_reflns.pdbx_percent_possible_spherical                ? 
_reflns.pdbx_percent_possible_ellipsoidal_anomalous    ? 
_reflns.pdbx_percent_possible_spherical_anomalous      ? 
_reflns.pdbx_redundancy_anomalous                      ? 
_reflns.pdbx_CC_half_anomalous                         ? 
_reflns.pdbx_absDiff_over_sigma_anomalous              ? 
_reflns.pdbx_percent_possible_anomalous                ? 
_reflns.pdbx_observed_signal_threshold                 ? 
_reflns.pdbx_signal_type                               ? 
_reflns.pdbx_signal_details                            ? 
_reflns.pdbx_signal_software_id                        ? 
# 
loop_
_reflns_shell.d_res_high 
_reflns_shell.d_res_low 
_reflns_shell.meanI_over_sigI_all 
_reflns_shell.meanI_over_sigI_obs 
_reflns_shell.number_measured_all 
_reflns_shell.number_measured_obs 
_reflns_shell.number_possible 
_reflns_shell.number_unique_all 
_reflns_shell.number_unique_obs 
_reflns_shell.percent_possible_obs 
_reflns_shell.Rmerge_F_all 
_reflns_shell.Rmerge_F_obs 
_reflns_shell.meanI_over_sigI_gt 
_reflns_shell.meanI_over_uI_all 
_reflns_shell.meanI_over_uI_gt 
_reflns_shell.number_measured_gt 
_reflns_shell.number_unique_gt 
_reflns_shell.percent_possible_gt 
_reflns_shell.Rmerge_F_gt 
_reflns_shell.Rmerge_I_gt 
_reflns_shell.pdbx_redundancy 
_reflns_shell.pdbx_chi_squared 
_reflns_shell.pdbx_netI_over_sigmaI_all 
_reflns_shell.pdbx_netI_over_sigmaI_obs 
_reflns_shell.pdbx_Rrim_I_all 
_reflns_shell.pdbx_Rpim_I_all 
_reflns_shell.pdbx_rejects 
_reflns_shell.pdbx_ordinal 
_reflns_shell.pdbx_diffrn_id 
_reflns_shell.pdbx_CC_half 
_reflns_shell.pdbx_CC_star 
_reflns_shell.pdbx_R_split 
_reflns_shell.percent_possible_all 
_reflns_shell.Rmerge_I_all 
_reflns_shell.Rmerge_I_obs 
_reflns_shell.pdbx_Rsym_value 
_reflns_shell.pdbx_percent_possible_ellipsoidal 
_reflns_shell.pdbx_percent_possible_spherical 
_reflns_shell.pdbx_percent_possible_ellipsoidal_anomalous 
_reflns_shell.pdbx_percent_possible_spherical_anomalous 
_reflns_shell.pdbx_redundancy_anomalous 
_reflns_shell.pdbx_CC_half_anomalous 
_reflns_shell.pdbx_absDiff_over_sigma_anomalous 
_reflns_shell.pdbx_percent_possible_anomalous 
1.70 1.73  ? ? ? ? ? ? 431 ? ? ? ? ? ? ? ? ? ? ? 4.3 0.672 ? ? 0.832 0.396 ? 1  1 0.704 0.909 ? 92.7  ? 0.724 ? ? ? ? ? ? ? ? ? 
1.73 1.76  ? ? ? ? ? ? 441 ? ? ? ? ? ? ? ? ? ? ? 4.9 0.680 ? ? 0.782 0.343 ? 2  1 0.831 0.953 ? 96.1  ? 0.699 ? ? ? ? ? ? ? ? ? 
1.76 1.79  ? ? ? ? ? ? 457 ? ? ? ? ? ? ? ? ? ? ? 5.6 0.821 ? ? 0.575 0.239 ? 3  1 0.912 0.977 ? 100.0 ? 0.522 ? ? ? ? ? ? ? ? ? 
1.79 1.83  ? ? ? ? ? ? 477 ? ? ? ? ? ? ? ? ? ? ? 6.1 0.896 ? ? 0.489 0.196 ? 4  1 0.931 0.982 ? 100.0 ? 0.447 ? ? ? ? ? ? ? ? ? 
1.83 1.87  ? ? ? ? ? ? 463 ? ? ? ? ? ? ? ? ? ? ? 6.6 0.910 ? ? 0.418 0.159 ? 5  1 0.962 0.990 ? 99.8  ? 0.386 ? ? ? ? ? ? ? ? ? 
1.87 1.91  ? ? ? ? ? ? 461 ? ? ? ? ? ? ? ? ? ? ? 6.7 1.008 ? ? 0.351 0.134 ? 6  1 0.965 0.991 ? 100.0 ? 0.324 ? ? ? ? ? ? ? ? ? 
1.91 1.96  ? ? ? ? ? ? 474 ? ? ? ? ? ? ? ? ? ? ? 6.6 1.212 ? ? 0.301 0.118 ? 7  1 0.962 0.990 ? 99.8  ? 0.276 ? ? ? ? ? ? ? ? ? 
1.96 2.02  ? ? ? ? ? ? 451 ? ? ? ? ? ? ? ? ? ? ? 6.2 1.274 ? ? 0.252 0.101 ? 8  1 0.961 0.990 ? 100.0 ? 0.230 ? ? ? ? ? ? ? ? ? 
2.02 2.07  ? ? ? ? ? ? 459 ? ? ? ? ? ? ? ? ? ? ? 6.6 1.511 ? ? 0.208 0.081 ? 9  1 0.980 0.995 ? 99.6  ? 0.191 ? ? ? ? ? ? ? ? ? 
2.07 2.14  ? ? ? ? ? ? 466 ? ? ? ? ? ? ? ? ? ? ? 6.2 1.639 ? ? 0.186 0.076 ? 10 1 0.976 0.994 ? 99.6  ? 0.169 ? ? ? ? ? ? ? ? ? 
2.14 2.22  ? ? ? ? ? ? 472 ? ? ? ? ? ? ? ? ? ? ? 6.4 1.732 ? ? 0.159 0.063 ? 11 1 0.978 0.994 ? 99.2  ? 0.145 ? ? ? ? ? ? ? ? ? 
2.22 2.31  ? ? ? ? ? ? 458 ? ? ? ? ? ? ? ? ? ? ? 6.2 1.808 ? ? 0.150 0.062 ? 12 1 0.982 0.995 ? 98.9  ? 0.137 ? ? ? ? ? ? ? ? ? 
2.31 2.41  ? ? ? ? ? ? 461 ? ? ? ? ? ? ? ? ? ? ? 5.8 1.761 ? ? 0.135 0.057 ? 13 1 0.983 0.996 ? 98.9  ? 0.122 ? ? ? ? ? ? ? ? ? 
2.41 2.54  ? ? ? ? ? ? 458 ? ? ? ? ? ? ? ? ? ? ? 5.7 1.684 ? ? 0.123 0.052 ? 14 1 0.981 0.995 ? 97.2  ? 0.111 ? ? ? ? ? ? ? ? ? 
2.54 2.70  ? ? ? ? ? ? 437 ? ? ? ? ? ? ? ? ? ? ? 5.5 1.550 ? ? 0.107 0.045 ? 15 1 0.987 0.997 ? 94.6  ? 0.096 ? ? ? ? ? ? ? ? ? 
2.70 2.91  ? ? ? ? ? ? 422 ? ? ? ? ? ? ? ? ? ? ? 5.7 1.519 ? ? 0.099 0.042 ? 16 1 0.992 0.998 ? 91.3  ? 0.089 ? ? ? ? ? ? ? ? ? 
2.91 3.20  ? ? ? ? ? ? 410 ? ? ? ? ? ? ? ? ? ? ? 4.8 1.594 ? ? 0.092 0.042 ? 17 1 0.990 0.997 ? 86.5  ? 0.081 ? ? ? ? ? ? ? ? ? 
3.20 3.66  ? ? ? ? ? ? 369 ? ? ? ? ? ? ? ? ? ? ? 4.7 1.421 ? ? 0.089 0.041 ? 18 1 0.988 0.997 ? 78.2  ? 0.079 ? ? ? ? ? ? ? ? ? 
3.66 4.61  ? ? ? ? ? ? 308 ? ? ? ? ? ? ? ? ? ? ? 4.3 1.241 ? ? 0.086 0.040 ? 19 1 0.986 0.997 ? 64.3  ? 0.075 ? ? ? ? ? ? ? ? ? 
4.61 50.00 ? ? ? ? ? ? 349 ? ? ? ? ? ? ? ? ? ? ? 4.3 1.201 ? ? 0.087 0.041 ? 20 1 0.990 0.997 ? 71.5  ? 0.076 ? ? ? ? ? ? ? ? ? 
# 
_refine.aniso_B[1][1]                            ? 
_refine.aniso_B[1][2]                            ? 
_refine.aniso_B[1][3]                            ? 
_refine.aniso_B[2][2]                            ? 
_refine.aniso_B[2][3]                            ? 
_refine.aniso_B[3][3]                            ? 
_refine.B_iso_max                                ? 
_refine.B_iso_mean                               ? 
_refine.B_iso_min                                ? 
_refine.correlation_coeff_Fo_to_Fc               ? 
_refine.correlation_coeff_Fo_to_Fc_free          ? 
_refine.details                                  ? 
_refine.diff_density_max                         ? 
_refine.diff_density_max_esd                     ? 
_refine.diff_density_min                         ? 
_refine.diff_density_min_esd                     ? 
_refine.diff_density_rms                         ? 
_refine.diff_density_rms_esd                     ? 
_refine.entry_id                                 8IW5 
_refine.pdbx_refine_id                           'X-RAY DIFFRACTION' 
_refine.ls_abs_structure_details                 ? 
_refine.ls_abs_structure_Flack                   ? 
_refine.ls_abs_structure_Flack_esd               ? 
_refine.ls_abs_structure_Rogers                  ? 
_refine.ls_abs_structure_Rogers_esd              ? 
_refine.ls_d_res_high                            1.70 
_refine.ls_d_res_low                             27.33 
_refine.ls_extinction_coef                       ? 
_refine.ls_extinction_coef_esd                   ? 
_refine.ls_extinction_expression                 ? 
_refine.ls_extinction_method                     ? 
_refine.ls_goodness_of_fit_all                   ? 
_refine.ls_goodness_of_fit_all_esd               ? 
_refine.ls_goodness_of_fit_obs                   ? 
_refine.ls_goodness_of_fit_obs_esd               ? 
_refine.ls_hydrogen_treatment                    ? 
_refine.ls_matrix_type                           ? 
_refine.ls_number_constraints                    ? 
_refine.ls_number_parameters                     ? 
_refine.ls_number_reflns_all                     ? 
_refine.ls_number_reflns_obs                     8679 
_refine.ls_number_reflns_R_free                  445 
_refine.ls_number_reflns_R_work                  ? 
_refine.ls_number_restraints                     ? 
_refine.ls_percent_reflns_obs                    93.20 
_refine.ls_percent_reflns_R_free                 5.13 
_refine.ls_R_factor_all                          ? 
_refine.ls_R_factor_obs                          0.2236 
_refine.ls_R_factor_R_free                       0.2717 
_refine.ls_R_factor_R_free_error                 ? 
_refine.ls_R_factor_R_free_error_details         ? 
_refine.ls_R_factor_R_work                       0.2210 
_refine.ls_R_Fsqd_factor_obs                     ? 
_refine.ls_R_I_factor_obs                        ? 
_refine.ls_redundancy_reflns_all                 ? 
_refine.ls_redundancy_reflns_obs                 ? 
_refine.ls_restrained_S_all                      ? 
_refine.ls_restrained_S_obs                      ? 
_refine.ls_shift_over_esd_max                    ? 
_refine.ls_shift_over_esd_mean                   ? 
_refine.ls_structure_factor_coef                 ? 
_refine.ls_weighting_details                     ? 
_refine.ls_weighting_scheme                      ? 
_refine.ls_wR_factor_all                         ? 
_refine.ls_wR_factor_obs                         ? 
_refine.ls_wR_factor_R_free                      ? 
_refine.ls_wR_factor_R_work                      ? 
_refine.occupancy_max                            ? 
_refine.occupancy_min                            ? 
_refine.solvent_model_details                    'FLAT BULK SOLVENT MODEL' 
_refine.solvent_model_param_bsol                 ? 
_refine.solvent_model_param_ksol                 ? 
_refine.pdbx_R_complete                          ? 
_refine.ls_R_factor_gt                           ? 
_refine.ls_goodness_of_fit_gt                    ? 
_refine.ls_goodness_of_fit_ref                   ? 
_refine.ls_shift_over_su_max                     ? 
_refine.ls_shift_over_su_max_lt                  ? 
_refine.ls_shift_over_su_mean                    ? 
_refine.ls_shift_over_su_mean_lt                 ? 
_refine.pdbx_ls_sigma_I                          ? 
_refine.pdbx_ls_sigma_F                          1.36 
_refine.pdbx_ls_sigma_Fsqd                       ? 
_refine.pdbx_data_cutoff_high_absF               ? 
_refine.pdbx_data_cutoff_high_rms_absF           ? 
_refine.pdbx_data_cutoff_low_absF                ? 
_refine.pdbx_isotropic_thermal_model             ? 
_refine.pdbx_ls_cross_valid_method               THROUGHOUT 
_refine.pdbx_method_to_determine_struct          'MOLECULAR REPLACEMENT' 
_refine.pdbx_starting_model                      ? 
_refine.pdbx_stereochemistry_target_values       ML 
_refine.pdbx_R_Free_selection_details            ? 
_refine.pdbx_stereochem_target_val_spec_case     ? 
_refine.pdbx_overall_ESU_R                       ? 
_refine.pdbx_overall_ESU_R_Free                  ? 
_refine.pdbx_solvent_vdw_probe_radii             1.11 
_refine.pdbx_solvent_ion_probe_radii             ? 
_refine.pdbx_solvent_shrinkage_radii             0.90 
_refine.pdbx_real_space_R                        ? 
_refine.pdbx_density_correlation                 ? 
_refine.pdbx_pd_number_of_powder_patterns        ? 
_refine.pdbx_pd_number_of_points                 ? 
_refine.pdbx_pd_meas_number_of_points            ? 
_refine.pdbx_pd_proc_ls_prof_R_factor            ? 
_refine.pdbx_pd_proc_ls_prof_wR_factor           ? 
_refine.pdbx_pd_Marquardt_correlation_coeff      ? 
_refine.pdbx_pd_Fsqrd_R_factor                   ? 
_refine.pdbx_pd_ls_matrix_band_width             ? 
_refine.pdbx_overall_phase_error                 37.41 
_refine.pdbx_overall_SU_R_free_Cruickshank_DPI   ? 
_refine.pdbx_overall_SU_R_free_Blow_DPI          ? 
_refine.pdbx_overall_SU_R_Blow_DPI               ? 
_refine.pdbx_TLS_residual_ADP_flag               ? 
_refine.pdbx_diffrn_id                           1 
_refine.overall_SU_B                             ? 
_refine.overall_SU_ML                            0.22 
_refine.overall_SU_R_Cruickshank_DPI             ? 
_refine.overall_SU_R_free                        ? 
_refine.overall_FOM_free_R_set                   ? 
_refine.overall_FOM_work_R_set                   ? 
_refine.pdbx_average_fsc_overall                 ? 
_refine.pdbx_average_fsc_work                    ? 
_refine.pdbx_average_fsc_free                    ? 
# 
_refine_hist.pdbx_refine_id                   'X-RAY DIFFRACTION' 
_refine_hist.cycle_id                         LAST 
_refine_hist.details                          ? 
_refine_hist.d_res_high                       1.70 
_refine_hist.d_res_low                        27.33 
_refine_hist.number_atoms_solvent             39 
_refine_hist.number_atoms_total               753 
_refine_hist.number_reflns_all                ? 
_refine_hist.number_reflns_obs                ? 
_refine_hist.number_reflns_R_free             ? 
_refine_hist.number_reflns_R_work             ? 
_refine_hist.R_factor_all                     ? 
_refine_hist.R_factor_obs                     ? 
_refine_hist.R_factor_R_free                  ? 
_refine_hist.R_factor_R_work                  ? 
_refine_hist.pdbx_number_residues_total       ? 
_refine_hist.pdbx_B_iso_mean_ligand           ? 
_refine_hist.pdbx_B_iso_mean_solvent          ? 
_refine_hist.pdbx_number_atoms_protein        713 
_refine_hist.pdbx_number_atoms_nucleic_acid   0 
_refine_hist.pdbx_number_atoms_ligand         1 
_refine_hist.pdbx_number_atoms_lipid          ? 
_refine_hist.pdbx_number_atoms_carb           ? 
_refine_hist.pdbx_pseudo_atom_details         ? 
# 
loop_
_refine_ls_restr.pdbx_refine_id 
_refine_ls_restr.criterion 
_refine_ls_restr.dev_ideal 
_refine_ls_restr.dev_ideal_target 
_refine_ls_restr.number 
_refine_ls_restr.rejects 
_refine_ls_restr.type 
_refine_ls_restr.weight 
_refine_ls_restr.pdbx_restraint_function 
'X-RAY DIFFRACTION' ? 0.005  ? 739  ? f_bond_d           ? ? 
'X-RAY DIFFRACTION' ? 0.774  ? 1000 ? f_angle_d          ? ? 
'X-RAY DIFFRACTION' ? 14.763 ? 288  ? f_dihedral_angle_d ? ? 
'X-RAY DIFFRACTION' ? 0.043  ? 118  ? f_chiral_restr     ? ? 
'X-RAY DIFFRACTION' ? 0.005  ? 130  ? f_plane_restr      ? ? 
# 
loop_
_refine_ls_shell.pdbx_refine_id 
_refine_ls_shell.d_res_high 
_refine_ls_shell.d_res_low 
_refine_ls_shell.number_reflns_all 
_refine_ls_shell.number_reflns_obs 
_refine_ls_shell.number_reflns_R_free 
_refine_ls_shell.number_reflns_R_work 
_refine_ls_shell.percent_reflns_obs 
_refine_ls_shell.percent_reflns_R_free 
_refine_ls_shell.R_factor_all 
_refine_ls_shell.R_factor_obs 
_refine_ls_shell.R_factor_R_free_error 
_refine_ls_shell.R_factor_R_work 
_refine_ls_shell.redundancy_reflns_all 
_refine_ls_shell.redundancy_reflns_obs 
_refine_ls_shell.wR_factor_all 
_refine_ls_shell.wR_factor_obs 
_refine_ls_shell.wR_factor_R_free 
_refine_ls_shell.wR_factor_R_work 
_refine_ls_shell.pdbx_R_complete 
_refine_ls_shell.pdbx_total_number_of_bins_used 
_refine_ls_shell.pdbx_phase_error 
_refine_ls_shell.pdbx_fsc_work 
_refine_ls_shell.pdbx_fsc_free 
_refine_ls_shell.R_factor_R_free 
'X-RAY DIFFRACTION' 1.70 1.95  . . 152 2883 98.00 . . . . 0.2230 . . . . . . . . . . . 0.3284 
'X-RAY DIFFRACTION' 1.95 2.45  . . 160 2896 99.00 . . . . 0.2439 . . . . . . . . . . . 0.2910 
'X-RAY DIFFRACTION' 2.45 27.33 . . 133 2455 82.00 . . . . 0.2108 . . . . . . . . . . . 0.2548 
# 
_struct.entry_id                     8IW5 
_struct.title                        'Crystal structure of liprin-beta H2H3 dimer' 
_struct.pdbx_model_details           ? 
_struct.pdbx_formula_weight          ? 
_struct.pdbx_formula_weight_method   ? 
_struct.pdbx_model_type_details      ? 
_struct.pdbx_CASP_flag               N 
# 
_struct_keywords.entry_id        8IW5 
_struct_keywords.text            'Focal adhesion, Cortical microtubule stabilizing complex, PROTEIN BINDING' 
_struct_keywords.pdbx_keywords   'PROTEIN BINDING' 
# 
loop_
_struct_asym.id 
_struct_asym.pdbx_blank_PDB_chainid_flag 
_struct_asym.pdbx_modified 
_struct_asym.entity_id 
_struct_asym.details 
A N N 1 ? 
B N N 1 ? 
C N N 2 ? 
D N N 3 ? 
E N N 3 ? 
# 
_struct_ref.id                         1 
_struct_ref.db_name                    UNP 
_struct_ref.db_code                    LIPB1_MOUSE 
_struct_ref.pdbx_db_accession          Q8C8U0 
_struct_ref.pdbx_db_isoform            ? 
_struct_ref.entity_id                  1 
_struct_ref.pdbx_seq_one_letter_code   MGSLRALHLVEDLRGLLEMMETDEKEGLRCQIPDSTAEVLIEWLQNQ 
_struct_ref.pdbx_align_begin           43 
# 
loop_
_struct_ref_seq.align_id 
_struct_ref_seq.ref_id 
_struct_ref_seq.pdbx_PDB_id_code 
_struct_ref_seq.pdbx_strand_id 
_struct_ref_seq.seq_align_beg 
_struct_ref_seq.pdbx_seq_align_beg_ins_code 
_struct_ref_seq.seq_align_end 
_struct_ref_seq.pdbx_seq_align_end_ins_code 
_struct_ref_seq.pdbx_db_accession 
_struct_ref_seq.db_align_beg 
_struct_ref_seq.pdbx_db_align_beg_ins_code 
_struct_ref_seq.db_align_end 
_struct_ref_seq.pdbx_db_align_end_ins_code 
_struct_ref_seq.pdbx_auth_seq_align_beg 
_struct_ref_seq.pdbx_auth_seq_align_end 
1 1 8IW5 A 5 ? 51 ? Q8C8U0 43 ? 89 ? 43 89 
2 1 8IW5 B 5 ? 51 ? Q8C8U0 43 ? 89 ? 43 89 
# 
loop_
_struct_ref_seq_dif.align_id 
_struct_ref_seq_dif.pdbx_pdb_id_code 
_struct_ref_seq_dif.mon_id 
_struct_ref_seq_dif.pdbx_pdb_strand_id 
_struct_ref_seq_dif.seq_num 
_struct_ref_seq_dif.pdbx_pdb_ins_code 
_struct_ref_seq_dif.pdbx_seq_db_name 
_struct_ref_seq_dif.pdbx_seq_db_accession_code 
_struct_ref_seq_dif.db_mon_id 
_struct_ref_seq_dif.pdbx_seq_db_seq_num 
_struct_ref_seq_dif.details 
_struct_ref_seq_dif.pdbx_auth_seq_num 
_struct_ref_seq_dif.pdbx_ordinal 
1 8IW5 GLY A 1 ? UNP Q8C8U0 ? ? 'expression tag' 39 1 
1 8IW5 PRO A 2 ? UNP Q8C8U0 ? ? 'expression tag' 40 2 
1 8IW5 GLY A 3 ? UNP Q8C8U0 ? ? 'expression tag' 41 3 
1 8IW5 SER A 4 ? UNP Q8C8U0 ? ? 'expression tag' 42 4 
2 8IW5 GLY B 1 ? UNP Q8C8U0 ? ? 'expression tag' 39 5 
2 8IW5 PRO B 2 ? UNP Q8C8U0 ? ? 'expression tag' 40 6 
2 8IW5 GLY B 3 ? UNP Q8C8U0 ? ? 'expression tag' 41 7 
2 8IW5 SER B 4 ? UNP Q8C8U0 ? ? 'expression tag' 42 8 
# 
_pdbx_struct_assembly.id                   1 
_pdbx_struct_assembly.details              author_and_software_defined_assembly 
_pdbx_struct_assembly.method_details       PISA 
_pdbx_struct_assembly.oligomeric_details   dimeric 
_pdbx_struct_assembly.oligomeric_count     2 
# 
loop_
_pdbx_struct_assembly_prop.biol_id 
_pdbx_struct_assembly_prop.type 
_pdbx_struct_assembly_prop.value 
_pdbx_struct_assembly_prop.details 
1 'ABSA (A^2)' 3120 ? 
1 MORE         -37  ? 
1 'SSA (A^2)'  5610 ? 
# 
_pdbx_struct_assembly_gen.assembly_id       1 
_pdbx_struct_assembly_gen.oper_expression   1 
_pdbx_struct_assembly_gen.asym_id_list      A,B,C,D,E 
# 
_pdbx_struct_assembly_auth_evidence.id                     1 
_pdbx_struct_assembly_auth_evidence.assembly_id            1 
_pdbx_struct_assembly_auth_evidence.experimental_support   'light scattering' 
_pdbx_struct_assembly_auth_evidence.details                ? 
# 
_pdbx_struct_oper_list.id                   1 
_pdbx_struct_oper_list.type                 'identity operation' 
_pdbx_struct_oper_list.name                 1_555 
_pdbx_struct_oper_list.symmetry_operation   x,y,z 
_pdbx_struct_oper_list.matrix[1][1]         1.0000000000 
_pdbx_struct_oper_list.matrix[1][2]         0.0000000000 
_pdbx_struct_oper_list.matrix[1][3]         0.0000000000 
_pdbx_struct_oper_list.vector[1]            0.0000000000 
_pdbx_struct_oper_list.matrix[2][1]         0.0000000000 
_pdbx_struct_oper_list.matrix[2][2]         1.0000000000 
_pdbx_struct_oper_list.matrix[2][3]         0.0000000000 
_pdbx_struct_oper_list.vector[2]            0.0000000000 
_pdbx_struct_oper_list.matrix[3][1]         0.0000000000 
_pdbx_struct_oper_list.matrix[3][2]         0.0000000000 
_pdbx_struct_oper_list.matrix[3][3]         1.0000000000 
_pdbx_struct_oper_list.vector[3]            0.0000000000 
# 
loop_
_struct_conf.conf_type_id 
_struct_conf.id 
_struct_conf.pdbx_PDB_helix_id 
_struct_conf.beg_label_comp_id 
_struct_conf.beg_label_asym_id 
_struct_conf.beg_label_seq_id 
_struct_conf.pdbx_beg_PDB_ins_code 
_struct_conf.end_label_comp_id 
_struct_conf.end_label_asym_id 
_struct_conf.end_label_seq_id 
_struct_conf.pdbx_end_PDB_ins_code 
_struct_conf.beg_auth_comp_id 
_struct_conf.beg_auth_asym_id 
_struct_conf.beg_auth_seq_id 
_struct_conf.end_auth_comp_id 
_struct_conf.end_auth_asym_id 
_struct_conf.end_auth_seq_id 
_struct_conf.pdbx_PDB_helix_class 
_struct_conf.details 
_struct_conf.pdbx_PDB_helix_length 
HELX_P HELX_P1 AA1 SER A 4  ? MET A 23 ? SER A 42 MET A 61 1 ? 20 
HELX_P HELX_P2 AA2 GLU A 25 ? ILE A 36 ? GLU A 63 ILE A 74 1 ? 12 
HELX_P HELX_P3 AA3 PRO A 37 ? GLN A 49 ? PRO A 75 GLN A 87 1 ? 13 
HELX_P HELX_P4 AA4 LEU B 8  ? MET B 23 ? LEU B 46 MET B 61 1 ? 16 
HELX_P HELX_P5 AA5 GLU B 25 ? GLN B 35 ? GLU B 63 GLN B 73 1 ? 11 
HELX_P HELX_P6 AA6 PRO B 37 ? GLN B 49 ? PRO B 75 GLN B 87 1 ? 13 
# 
_struct_conf_type.id          HELX_P 
_struct_conf_type.criteria    ? 
_struct_conf_type.reference   ? 
# 
loop_
_struct_conn.id 
_struct_conn.conn_type_id 
_struct_conn.pdbx_leaving_atom_flag 
_struct_conn.pdbx_PDB_id 
_struct_conn.ptnr1_label_asym_id 
_struct_conn.ptnr1_label_comp_id 
_struct_conn.ptnr1_label_seq_id 
_struct_conn.ptnr1_label_atom_id 
_struct_conn.pdbx_ptnr1_label_alt_id 
_struct_conn.pdbx_ptnr1_PDB_ins_code 
_struct_conn.pdbx_ptnr1_standard_comp_id 
_struct_conn.ptnr1_symmetry 
_struct_conn.ptnr2_label_asym_id 
_struct_conn.ptnr2_label_comp_id 
_struct_conn.ptnr2_label_seq_id 
_struct_conn.ptnr2_label_atom_id 
_struct_conn.pdbx_ptnr2_label_alt_id 
_struct_conn.pdbx_ptnr2_PDB_ins_code 
_struct_conn.ptnr1_auth_asym_id 
_struct_conn.ptnr1_auth_comp_id 
_struct_conn.ptnr1_auth_seq_id 
_struct_conn.ptnr2_auth_asym_id 
_struct_conn.ptnr2_auth_comp_id 
_struct_conn.ptnr2_auth_seq_id 
_struct_conn.ptnr2_symmetry 
_struct_conn.pdbx_ptnr3_label_atom_id 
_struct_conn.pdbx_ptnr3_label_seq_id 
_struct_conn.pdbx_ptnr3_label_comp_id 
_struct_conn.pdbx_ptnr3_label_asym_id 
_struct_conn.pdbx_ptnr3_label_alt_id 
_struct_conn.pdbx_ptnr3_PDB_ins_code 
_struct_conn.details 
_struct_conn.pdbx_dist_value 
_struct_conn.pdbx_value_order 
_struct_conn.pdbx_role 
disulf1 disulf ? ? A CYS 34 SG  ? ? ? 1_555 B CYS 34 SG ? ? A CYS 72  B CYS 72  1_656 ? ? ? ? ? ? ? 2.033 ? ? 
metalc1 metalc ? ? B GLU 25 OE1 ? ? ? 1_555 C CA  .  CA ? ? B GLU 63  B CA  101 2_555 ? ? ? ? ? ? ? 2.522 ? ? 
metalc2 metalc ? ? B ASP 27 OD1 A ? ? 1_555 C CA  .  CA ? ? B ASP 65  B CA  101 2_555 ? ? ? ? ? ? ? 2.488 ? ? 
metalc3 metalc ? ? B GLU 42 OE2 A ? ? 1_555 C CA  .  CA ? ? B GLU 80  B CA  101 1_555 ? ? ? ? ? ? ? 2.413 ? ? 
metalc4 metalc ? ? B GLU 46 OE2 ? ? ? 1_555 C CA  .  CA ? ? B GLU 84  B CA  101 1_555 ? ? ? ? ? ? ? 2.315 ? ? 
metalc5 metalc ? ? C CA  .  CA  ? ? ? 1_555 E HOH .  O  ? ? B CA  101 B HOH 201 2_545 ? ? ? ? ? ? ? 2.320 ? ? 
# 
loop_
_struct_conn_type.id 
_struct_conn_type.criteria 
_struct_conn_type.reference 
disulf ? ? 
metalc ? ? 
# 
loop_
_pdbx_struct_conn_angle.id 
_pdbx_struct_conn_angle.ptnr1_label_atom_id 
_pdbx_struct_conn_angle.ptnr1_label_alt_id 
_pdbx_struct_conn_angle.ptnr1_label_asym_id 
_pdbx_struct_conn_angle.ptnr1_label_comp_id 
_pdbx_struct_conn_angle.ptnr1_label_seq_id 
_pdbx_struct_conn_angle.ptnr1_auth_atom_id 
_pdbx_struct_conn_angle.ptnr1_auth_asym_id 
_pdbx_struct_conn_angle.ptnr1_auth_comp_id 
_pdbx_struct_conn_angle.ptnr1_auth_seq_id 
_pdbx_struct_conn_angle.ptnr1_PDB_ins_code 
_pdbx_struct_conn_angle.ptnr1_symmetry 
_pdbx_struct_conn_angle.ptnr2_label_atom_id 
_pdbx_struct_conn_angle.ptnr2_label_alt_id 
_pdbx_struct_conn_angle.ptnr2_label_asym_id 
_pdbx_struct_conn_angle.ptnr2_label_comp_id 
_pdbx_struct_conn_angle.ptnr2_label_seq_id 
_pdbx_struct_conn_angle.ptnr2_auth_atom_id 
_pdbx_struct_conn_angle.ptnr2_auth_asym_id 
_pdbx_struct_conn_angle.ptnr2_auth_comp_id 
_pdbx_struct_conn_angle.ptnr2_auth_seq_id 
_pdbx_struct_conn_angle.ptnr2_PDB_ins_code 
_pdbx_struct_conn_angle.ptnr2_symmetry 
_pdbx_struct_conn_angle.ptnr3_label_atom_id 
_pdbx_struct_conn_angle.ptnr3_label_alt_id 
_pdbx_struct_conn_angle.ptnr3_label_asym_id 
_pdbx_struct_conn_angle.ptnr3_label_comp_id 
_pdbx_struct_conn_angle.ptnr3_label_seq_id 
_pdbx_struct_conn_angle.ptnr3_auth_atom_id 
_pdbx_struct_conn_angle.ptnr3_auth_asym_id 
_pdbx_struct_conn_angle.ptnr3_auth_comp_id 
_pdbx_struct_conn_angle.ptnr3_auth_seq_id 
_pdbx_struct_conn_angle.ptnr3_PDB_ins_code 
_pdbx_struct_conn_angle.ptnr3_symmetry 
_pdbx_struct_conn_angle.value 
_pdbx_struct_conn_angle.value_esd 
1  OE1 ? B GLU 25 ? B GLU 63 ? 1_555 CA ? C CA . ? B CA 101 ? 2_555 OD1 A B ASP 27 ? B ASP 65  ? 1_555 87.5  ? 
2  OE1 ? B GLU 25 ? B GLU 63 ? 1_555 CA ? C CA . ? B CA 101 ? 2_555 OE2 A B GLU 42 ? B GLU 80  ? 1_555 106.3 ? 
3  OD1 A B ASP 27 ? B ASP 65 ? 1_555 CA ? C CA . ? B CA 101 ? 2_555 OE2 A B GLU 42 ? B GLU 80  ? 1_555 30.3  ? 
4  OE1 ? B GLU 25 ? B GLU 63 ? 1_555 CA ? C CA . ? B CA 101 ? 2_555 OE2 ? B GLU 46 ? B GLU 84  ? 1_555 102.1 ? 
5  OD1 A B ASP 27 ? B ASP 65 ? 1_555 CA ? C CA . ? B CA 101 ? 2_555 OE2 ? B GLU 46 ? B GLU 84  ? 1_555 33.0  ? 
6  OE2 A B GLU 42 ? B GLU 80 ? 1_555 CA ? C CA . ? B CA 101 ? 2_555 OE2 ? B GLU 46 ? B GLU 84  ? 1_555 6.9   ? 
7  OE1 ? B GLU 25 ? B GLU 63 ? 1_555 CA ? C CA . ? B CA 101 ? 2_555 O   ? E HOH .  ? B HOH 201 ? 2_545 102.4 ? 
8  OD1 A B ASP 27 ? B ASP 65 ? 1_555 CA ? C CA . ? B CA 101 ? 2_555 O   ? E HOH .  ? B HOH 201 ? 2_545 29.9  ? 
9  OE2 A B GLU 42 ? B GLU 80 ? 1_555 CA ? C CA . ? B CA 101 ? 2_555 O   ? E HOH .  ? B HOH 201 ? 2_545 4.3   ? 
10 OE2 ? B GLU 46 ? B GLU 84 ? 1_555 CA ? C CA . ? B CA 101 ? 2_555 O   ? E HOH .  ? B HOH 201 ? 2_545 3.6   ? 
# 
_pdbx_modification_feature.ordinal                            1 
_pdbx_modification_feature.label_comp_id                      CYS 
_pdbx_modification_feature.label_asym_id                      A 
_pdbx_modification_feature.label_seq_id                       34 
_pdbx_modification_feature.label_alt_id                       ? 
_pdbx_modification_feature.modified_residue_label_comp_id     CYS 
_pdbx_modification_feature.modified_residue_label_asym_id     B 
_pdbx_modification_feature.modified_residue_label_seq_id      34 
_pdbx_modification_feature.modified_residue_label_alt_id      ? 
_pdbx_modification_feature.auth_comp_id                       CYS 
_pdbx_modification_feature.auth_asym_id                       A 
_pdbx_modification_feature.auth_seq_id                        72 
_pdbx_modification_feature.PDB_ins_code                       ? 
_pdbx_modification_feature.symmetry                           1_555 
_pdbx_modification_feature.modified_residue_auth_comp_id      CYS 
_pdbx_modification_feature.modified_residue_auth_asym_id      B 
_pdbx_modification_feature.modified_residue_auth_seq_id       72 
_pdbx_modification_feature.modified_residue_PDB_ins_code      ? 
_pdbx_modification_feature.modified_residue_symmetry          1_656 
_pdbx_modification_feature.comp_id_linking_atom               SG 
_pdbx_modification_feature.modified_residue_id_linking_atom   SG 
_pdbx_modification_feature.modified_residue_id                . 
_pdbx_modification_feature.ref_pcm_id                         . 
_pdbx_modification_feature.ref_comp_id                        . 
_pdbx_modification_feature.type                               None 
_pdbx_modification_feature.category                           'Disulfide bridge' 
# 
_pdbx_entry_details.entry_id                   8IW5 
_pdbx_entry_details.has_ligand_of_interest     N 
_pdbx_entry_details.compound_details           ? 
_pdbx_entry_details.source_details             ? 
_pdbx_entry_details.nonpolymer_details         ? 
_pdbx_entry_details.sequence_details           ? 
_pdbx_entry_details.has_protein_modification   Y 
# 
loop_
_pdbx_refine_tls.id 
_pdbx_refine_tls.pdbx_refine_id 
_pdbx_refine_tls.details 
_pdbx_refine_tls.method 
_pdbx_refine_tls.origin_x 
_pdbx_refine_tls.origin_y 
_pdbx_refine_tls.origin_z 
_pdbx_refine_tls.T[1][1] 
_pdbx_refine_tls.T[1][1]_esd 
_pdbx_refine_tls.T[1][2] 
_pdbx_refine_tls.T[1][2]_esd 
_pdbx_refine_tls.T[1][3] 
_pdbx_refine_tls.T[1][3]_esd 
_pdbx_refine_tls.T[2][2] 
_pdbx_refine_tls.T[2][2]_esd 
_pdbx_refine_tls.T[2][3] 
_pdbx_refine_tls.T[2][3]_esd 
_pdbx_refine_tls.T[3][3] 
_pdbx_refine_tls.T[3][3]_esd 
_pdbx_refine_tls.L[1][1] 
_pdbx_refine_tls.L[1][1]_esd 
_pdbx_refine_tls.L[1][2] 
_pdbx_refine_tls.L[1][2]_esd 
_pdbx_refine_tls.L[1][3] 
_pdbx_refine_tls.L[1][3]_esd 
_pdbx_refine_tls.L[2][2] 
_pdbx_refine_tls.L[2][2]_esd 
_pdbx_refine_tls.L[2][3] 
_pdbx_refine_tls.L[2][3]_esd 
_pdbx_refine_tls.L[3][3] 
_pdbx_refine_tls.L[3][3]_esd 
_pdbx_refine_tls.S[1][1] 
_pdbx_refine_tls.S[1][1]_esd 
_pdbx_refine_tls.S[1][2] 
_pdbx_refine_tls.S[1][2]_esd 
_pdbx_refine_tls.S[1][3] 
_pdbx_refine_tls.S[1][3]_esd 
_pdbx_refine_tls.S[2][1] 
_pdbx_refine_tls.S[2][1]_esd 
_pdbx_refine_tls.S[2][2] 
_pdbx_refine_tls.S[2][2]_esd 
_pdbx_refine_tls.S[2][3] 
_pdbx_refine_tls.S[2][3]_esd 
_pdbx_refine_tls.S[3][1] 
_pdbx_refine_tls.S[3][1]_esd 
_pdbx_refine_tls.S[3][2] 
_pdbx_refine_tls.S[3][2]_esd 
_pdbx_refine_tls.S[3][3] 
_pdbx_refine_tls.S[3][3]_esd 
1 'X-RAY DIFFRACTION' ? refined 2.0891  6.3153  -3.8637 0.2470 ? -0.0166 ? 0.0253  ? 0.2326 ? 0.0110  ? 0.2863 ? 1.1473 ? -0.4685 ? -0.7194 ? 1.8800 ? 0.5154  ? 0.7385 ? 0.0233  ? 0.3090  ? -0.0188 ? -0.0900 ? -0.0216 ? -0.1091 ? -0.1519 ? 0.4061  ? 0.0357  ? 
2 'X-RAY DIFFRACTION' ? refined -1.1001 -2.0368 7.1683  0.2474 ? -0.0108 ? 0.0105  ? 0.3436 ? 0.0048  ? 0.2349 ? 2.8649 ? -0.6710 ? -0.7159 ? 1.8561 ? -1.4220 ? 1.8410 ? 0.0271  ? -0.1661 ? 0.1178  ? 0.4503  ? -0.0349 ? 0.0149  ? 0.3374  ? -0.0825 ? 0.0626  ? 
3 'X-RAY DIFFRACTION' ? refined -4.0502 -0.5337 -5.2873 0.2775 ? -0.0350 ? 0.0152  ? 0.2803 ? -0.0121 ? 0.2771 ? 2.6268 ? -0.8149 ? 1.1928  ? 2.3580 ? -1.8234 ? 2.3328 ? 0.1077  ? 0.3095  ? 0.1067  ? -0.1332 ? -0.0883 ? 0.0950  ? -0.1362 ? -0.4026 ? -0.1026 ? 
4 'X-RAY DIFFRACTION' ? refined 7.1536  -3.1803 3.2769  0.2523 ? 0.0300  ? -0.0345 ? 0.2389 ? -0.0046 ? 0.3160 ? 3.0629 ? 0.8545  ? -3.3155 ? 0.6897 ? -0.8593 ? 3.6049 ? -0.0623 ? -0.5529 ? -0.0984 ? -0.0828 ? -0.0409 ? -0.2607 ? 0.7091  ? 0.9562  ? 0.5191  ? 
# 
loop_
_pdbx_refine_tls_group.id 
_pdbx_refine_tls_group.pdbx_refine_id 
_pdbx_refine_tls_group.refine_tls_id 
_pdbx_refine_tls_group.beg_label_asym_id 
_pdbx_refine_tls_group.beg_label_seq_id 
_pdbx_refine_tls_group.beg_auth_asym_id 
_pdbx_refine_tls_group.beg_auth_seq_id 
_pdbx_refine_tls_group.beg_PDB_ins_code 
_pdbx_refine_tls_group.end_label_asym_id 
_pdbx_refine_tls_group.end_label_seq_id 
_pdbx_refine_tls_group.end_auth_asym_id 
_pdbx_refine_tls_group.end_auth_seq_id 
_pdbx_refine_tls_group.end_PDB_ins_code 
_pdbx_refine_tls_group.selection 
_pdbx_refine_tls_group.selection_details 
1 'X-RAY DIFFRACTION' 1 ? ? ? ? ? ? ? ? ? ? ? 
;chain 'A' and (resid 41 through 61 )
;
2 'X-RAY DIFFRACTION' 2 ? ? ? ? ? ? ? ? ? ? ? 
;chain 'A' and (resid 62 through 88 )
;
3 'X-RAY DIFFRACTION' 3 ? ? ? ? ? ? ? ? ? ? ? 
;chain 'B' and (resid 45 through 73 )
;
4 'X-RAY DIFFRACTION' 4 ? ? ? ? ? ? ? ? ? ? ? 
;chain 'B' and (resid 74 through 88 )
;
# 
loop_
_pdbx_unobs_or_zero_occ_residues.id 
_pdbx_unobs_or_zero_occ_residues.PDB_model_num 
_pdbx_unobs_or_zero_occ_residues.polymer_flag 
_pdbx_unobs_or_zero_occ_residues.occupancy_flag 
_pdbx_unobs_or_zero_occ_residues.auth_asym_id 
_pdbx_unobs_or_zero_occ_residues.auth_comp_id 
_pdbx_unobs_or_zero_occ_residues.auth_seq_id 
_pdbx_unobs_or_zero_occ_residues.PDB_ins_code 
_pdbx_unobs_or_zero_occ_residues.label_asym_id 
_pdbx_unobs_or_zero_occ_residues.label_comp_id 
_pdbx_unobs_or_zero_occ_residues.label_seq_id 
1  1 Y 1 A GLY 39 ? A GLY 1  
2  1 Y 1 A PRO 40 ? A PRO 2  
3  1 Y 1 A GLN 89 ? A GLN 51 
4  1 Y 1 B GLY 39 ? B GLY 1  
5  1 Y 1 B PRO 40 ? B PRO 2  
6  1 Y 1 B GLY 41 ? B GLY 3  
7  1 Y 1 B SER 42 ? B SER 4  
8  1 Y 1 B MET 43 ? B MET 5  
9  1 Y 1 B GLY 44 ? B GLY 6  
10 1 Y 1 B GLN 89 ? B GLN 51 
# 
loop_
_chem_comp_atom.comp_id 
_chem_comp_atom.atom_id 
_chem_comp_atom.type_symbol 
_chem_comp_atom.pdbx_aromatic_flag 
_chem_comp_atom.pdbx_stereo_config 
_chem_comp_atom.pdbx_ordinal 
ALA N    N  N N 1   
ALA CA   C  N S 2   
ALA C    C  N N 3   
ALA O    O  N N 4   
ALA CB   C  N N 5   
ALA OXT  O  N N 6   
ALA H    H  N N 7   
ALA H2   H  N N 8   
ALA HA   H  N N 9   
ALA HB1  H  N N 10  
ALA HB2  H  N N 11  
ALA HB3  H  N N 12  
ALA HXT  H  N N 13  
ARG N    N  N N 14  
ARG CA   C  N S 15  
ARG C    C  N N 16  
ARG O    O  N N 17  
ARG CB   C  N N 18  
ARG CG   C  N N 19  
ARG CD   C  N N 20  
ARG NE   N  N N 21  
ARG CZ   C  N N 22  
ARG NH1  N  N N 23  
ARG NH2  N  N N 24  
ARG OXT  O  N N 25  
ARG H    H  N N 26  
ARG H2   H  N N 27  
ARG HA   H  N N 28  
ARG HB2  H  N N 29  
ARG HB3  H  N N 30  
ARG HG2  H  N N 31  
ARG HG3  H  N N 32  
ARG HD2  H  N N 33  
ARG HD3  H  N N 34  
ARG HE   H  N N 35  
ARG HH11 H  N N 36  
ARG HH12 H  N N 37  
ARG HH21 H  N N 38  
ARG HH22 H  N N 39  
ARG HXT  H  N N 40  
ASN N    N  N N 41  
ASN CA   C  N S 42  
ASN C    C  N N 43  
ASN O    O  N N 44  
ASN CB   C  N N 45  
ASN CG   C  N N 46  
ASN OD1  O  N N 47  
ASN ND2  N  N N 48  
ASN OXT  O  N N 49  
ASN H    H  N N 50  
ASN H2   H  N N 51  
ASN HA   H  N N 52  
ASN HB2  H  N N 53  
ASN HB3  H  N N 54  
ASN HD21 H  N N 55  
ASN HD22 H  N N 56  
ASN HXT  H  N N 57  
ASP N    N  N N 58  
ASP CA   C  N S 59  
ASP C    C  N N 60  
ASP O    O  N N 61  
ASP CB   C  N N 62  
ASP CG   C  N N 63  
ASP OD1  O  N N 64  
ASP OD2  O  N N 65  
ASP OXT  O  N N 66  
ASP H    H  N N 67  
ASP H2   H  N N 68  
ASP HA   H  N N 69  
ASP HB2  H  N N 70  
ASP HB3  H  N N 71  
ASP HD2  H  N N 72  
ASP HXT  H  N N 73  
CA  CA   CA N N 74  
CYS N    N  N N 75  
CYS CA   C  N R 76  
CYS C    C  N N 77  
CYS O    O  N N 78  
CYS CB   C  N N 79  
CYS SG   S  N N 80  
CYS OXT  O  N N 81  
CYS H    H  N N 82  
CYS H2   H  N N 83  
CYS HA   H  N N 84  
CYS HB2  H  N N 85  
CYS HB3  H  N N 86  
CYS HG   H  N N 87  
CYS HXT  H  N N 88  
GLN N    N  N N 89  
GLN CA   C  N S 90  
GLN C    C  N N 91  
GLN O    O  N N 92  
GLN CB   C  N N 93  
GLN CG   C  N N 94  
GLN CD   C  N N 95  
GLN OE1  O  N N 96  
GLN NE2  N  N N 97  
GLN OXT  O  N N 98  
GLN H    H  N N 99  
GLN H2   H  N N 100 
GLN HA   H  N N 101 
GLN HB2  H  N N 102 
GLN HB3  H  N N 103 
GLN HG2  H  N N 104 
GLN HG3  H  N N 105 
GLN HE21 H  N N 106 
GLN HE22 H  N N 107 
GLN HXT  H  N N 108 
GLU N    N  N N 109 
GLU CA   C  N S 110 
GLU C    C  N N 111 
GLU O    O  N N 112 
GLU CB   C  N N 113 
GLU CG   C  N N 114 
GLU CD   C  N N 115 
GLU OE1  O  N N 116 
GLU OE2  O  N N 117 
GLU OXT  O  N N 118 
GLU H    H  N N 119 
GLU H2   H  N N 120 
GLU HA   H  N N 121 
GLU HB2  H  N N 122 
GLU HB3  H  N N 123 
GLU HG2  H  N N 124 
GLU HG3  H  N N 125 
GLU HE2  H  N N 126 
GLU HXT  H  N N 127 
GLY N    N  N N 128 
GLY CA   C  N N 129 
GLY C    C  N N 130 
GLY O    O  N N 131 
GLY OXT  O  N N 132 
GLY H    H  N N 133 
GLY H2   H  N N 134 
GLY HA2  H  N N 135 
GLY HA3  H  N N 136 
GLY HXT  H  N N 137 
HIS N    N  N N 138 
HIS CA   C  N S 139 
HIS C    C  N N 140 
HIS O    O  N N 141 
HIS CB   C  N N 142 
HIS CG   C  Y N 143 
HIS ND1  N  Y N 144 
HIS CD2  C  Y N 145 
HIS CE1  C  Y N 146 
HIS NE2  N  Y N 147 
HIS OXT  O  N N 148 
HIS H    H  N N 149 
HIS H2   H  N N 150 
HIS HA   H  N N 151 
HIS HB2  H  N N 152 
HIS HB3  H  N N 153 
HIS HD1  H  N N 154 
HIS HD2  H  N N 155 
HIS HE1  H  N N 156 
HIS HE2  H  N N 157 
HIS HXT  H  N N 158 
HOH O    O  N N 159 
HOH H1   H  N N 160 
HOH H2   H  N N 161 
ILE N    N  N N 162 
ILE CA   C  N S 163 
ILE C    C  N N 164 
ILE O    O  N N 165 
ILE CB   C  N S 166 
ILE CG1  C  N N 167 
ILE CG2  C  N N 168 
ILE CD1  C  N N 169 
ILE OXT  O  N N 170 
ILE H    H  N N 171 
ILE H2   H  N N 172 
ILE HA   H  N N 173 
ILE HB   H  N N 174 
ILE HG12 H  N N 175 
ILE HG13 H  N N 176 
ILE HG21 H  N N 177 
ILE HG22 H  N N 178 
ILE HG23 H  N N 179 
ILE HD11 H  N N 180 
ILE HD12 H  N N 181 
ILE HD13 H  N N 182 
ILE HXT  H  N N 183 
LEU N    N  N N 184 
LEU CA   C  N S 185 
LEU C    C  N N 186 
LEU O    O  N N 187 
LEU CB   C  N N 188 
LEU CG   C  N N 189 
LEU CD1  C  N N 190 
LEU CD2  C  N N 191 
LEU OXT  O  N N 192 
LEU H    H  N N 193 
LEU H2   H  N N 194 
LEU HA   H  N N 195 
LEU HB2  H  N N 196 
LEU HB3  H  N N 197 
LEU HG   H  N N 198 
LEU HD11 H  N N 199 
LEU HD12 H  N N 200 
LEU HD13 H  N N 201 
LEU HD21 H  N N 202 
LEU HD22 H  N N 203 
LEU HD23 H  N N 204 
LEU HXT  H  N N 205 
LYS N    N  N N 206 
LYS CA   C  N S 207 
LYS C    C  N N 208 
LYS O    O  N N 209 
LYS CB   C  N N 210 
LYS CG   C  N N 211 
LYS CD   C  N N 212 
LYS CE   C  N N 213 
LYS NZ   N  N N 214 
LYS OXT  O  N N 215 
LYS H    H  N N 216 
LYS H2   H  N N 217 
LYS HA   H  N N 218 
LYS HB2  H  N N 219 
LYS HB3  H  N N 220 
LYS HG2  H  N N 221 
LYS HG3  H  N N 222 
LYS HD2  H  N N 223 
LYS HD3  H  N N 224 
LYS HE2  H  N N 225 
LYS HE3  H  N N 226 
LYS HZ1  H  N N 227 
LYS HZ2  H  N N 228 
LYS HZ3  H  N N 229 
LYS HXT  H  N N 230 
MET N    N  N N 231 
MET CA   C  N S 232 
MET C    C  N N 233 
MET O    O  N N 234 
MET CB   C  N N 235 
MET CG   C  N N 236 
MET SD   S  N N 237 
MET CE   C  N N 238 
MET OXT  O  N N 239 
MET H    H  N N 240 
MET H2   H  N N 241 
MET HA   H  N N 242 
MET HB2  H  N N 243 
MET HB3  H  N N 244 
MET HG2  H  N N 245 
MET HG3  H  N N 246 
MET HE1  H  N N 247 
MET HE2  H  N N 248 
MET HE3  H  N N 249 
MET HXT  H  N N 250 
PRO N    N  N N 251 
PRO CA   C  N S 252 
PRO C    C  N N 253 
PRO O    O  N N 254 
PRO CB   C  N N 255 
PRO CG   C  N N 256 
PRO CD   C  N N 257 
PRO OXT  O  N N 258 
PRO H    H  N N 259 
PRO HA   H  N N 260 
PRO HB2  H  N N 261 
PRO HB3  H  N N 262 
PRO HG2  H  N N 263 
PRO HG3  H  N N 264 
PRO HD2  H  N N 265 
PRO HD3  H  N N 266 
PRO HXT  H  N N 267 
SER N    N  N N 268 
SER CA   C  N S 269 
SER C    C  N N 270 
SER O    O  N N 271 
SER CB   C  N N 272 
SER OG   O  N N 273 
SER OXT  O  N N 274 
SER H    H  N N 275 
SER H2   H  N N 276 
SER HA   H  N N 277 
SER HB2  H  N N 278 
SER HB3  H  N N 279 
SER HG   H  N N 280 
SER HXT  H  N N 281 
THR N    N  N N 282 
THR CA   C  N S 283 
THR C    C  N N 284 
THR O    O  N N 285 
THR CB   C  N R 286 
THR OG1  O  N N 287 
THR CG2  C  N N 288 
THR OXT  O  N N 289 
THR H    H  N N 290 
THR H2   H  N N 291 
THR HA   H  N N 292 
THR HB   H  N N 293 
THR HG1  H  N N 294 
THR HG21 H  N N 295 
THR HG22 H  N N 296 
THR HG23 H  N N 297 
THR HXT  H  N N 298 
TRP N    N  N N 299 
TRP CA   C  N S 300 
TRP C    C  N N 301 
TRP O    O  N N 302 
TRP CB   C  N N 303 
TRP CG   C  Y N 304 
TRP CD1  C  Y N 305 
TRP CD2  C  Y N 306 
TRP NE1  N  Y N 307 
TRP CE2  C  Y N 308 
TRP CE3  C  Y N 309 
TRP CZ2  C  Y N 310 
TRP CZ3  C  Y N 311 
TRP CH2  C  Y N 312 
TRP OXT  O  N N 313 
TRP H    H  N N 314 
TRP H2   H  N N 315 
TRP HA   H  N N 316 
TRP HB2  H  N N 317 
TRP HB3  H  N N 318 
TRP HD1  H  N N 319 
TRP HE1  H  N N 320 
TRP HE3  H  N N 321 
TRP HZ2  H  N N 322 
TRP HZ3  H  N N 323 
TRP HH2  H  N N 324 
TRP HXT  H  N N 325 
VAL N    N  N N 326 
VAL CA   C  N S 327 
VAL C    C  N N 328 
VAL O    O  N N 329 
VAL CB   C  N N 330 
VAL CG1  C  N N 331 
VAL CG2  C  N N 332 
VAL OXT  O  N N 333 
VAL H    H  N N 334 
VAL H2   H  N N 335 
VAL HA   H  N N 336 
VAL HB   H  N N 337 
VAL HG11 H  N N 338 
VAL HG12 H  N N 339 
VAL HG13 H  N N 340 
VAL HG21 H  N N 341 
VAL HG22 H  N N 342 
VAL HG23 H  N N 343 
VAL HXT  H  N N 344 
# 
loop_
_chem_comp_bond.comp_id 
_chem_comp_bond.atom_id_1 
_chem_comp_bond.atom_id_2 
_chem_comp_bond.value_order 
_chem_comp_bond.pdbx_aromatic_flag 
_chem_comp_bond.pdbx_stereo_config 
_chem_comp_bond.pdbx_ordinal 
ALA N   CA   sing N N 1   
ALA N   H    sing N N 2   
ALA N   H2   sing N N 3   
ALA CA  C    sing N N 4   
ALA CA  CB   sing N N 5   
ALA CA  HA   sing N N 6   
ALA C   O    doub N N 7   
ALA C   OXT  sing N N 8   
ALA CB  HB1  sing N N 9   
ALA CB  HB2  sing N N 10  
ALA CB  HB3  sing N N 11  
ALA OXT HXT  sing N N 12  
ARG N   CA   sing N N 13  
ARG N   H    sing N N 14  
ARG N   H2   sing N N 15  
ARG CA  C    sing N N 16  
ARG CA  CB   sing N N 17  
ARG CA  HA   sing N N 18  
ARG C   O    doub N N 19  
ARG C   OXT  sing N N 20  
ARG CB  CG   sing N N 21  
ARG CB  HB2  sing N N 22  
ARG CB  HB3  sing N N 23  
ARG CG  CD   sing N N 24  
ARG CG  HG2  sing N N 25  
ARG CG  HG3  sing N N 26  
ARG CD  NE   sing N N 27  
ARG CD  HD2  sing N N 28  
ARG CD  HD3  sing N N 29  
ARG NE  CZ   sing N N 30  
ARG NE  HE   sing N N 31  
ARG CZ  NH1  sing N N 32  
ARG CZ  NH2  doub N N 33  
ARG NH1 HH11 sing N N 34  
ARG NH1 HH12 sing N N 35  
ARG NH2 HH21 sing N N 36  
ARG NH2 HH22 sing N N 37  
ARG OXT HXT  sing N N 38  
ASN N   CA   sing N N 39  
ASN N   H    sing N N 40  
ASN N   H2   sing N N 41  
ASN CA  C    sing N N 42  
ASN CA  CB   sing N N 43  
ASN CA  HA   sing N N 44  
ASN C   O    doub N N 45  
ASN C   OXT  sing N N 46  
ASN CB  CG   sing N N 47  
ASN CB  HB2  sing N N 48  
ASN CB  HB3  sing N N 49  
ASN CG  OD1  doub N N 50  
ASN CG  ND2  sing N N 51  
ASN ND2 HD21 sing N N 52  
ASN ND2 HD22 sing N N 53  
ASN OXT HXT  sing N N 54  
ASP N   CA   sing N N 55  
ASP N   H    sing N N 56  
ASP N   H2   sing N N 57  
ASP CA  C    sing N N 58  
ASP CA  CB   sing N N 59  
ASP CA  HA   sing N N 60  
ASP C   O    doub N N 61  
ASP C   OXT  sing N N 62  
ASP CB  CG   sing N N 63  
ASP CB  HB2  sing N N 64  
ASP CB  HB3  sing N N 65  
ASP CG  OD1  doub N N 66  
ASP CG  OD2  sing N N 67  
ASP OD2 HD2  sing N N 68  
ASP OXT HXT  sing N N 69  
CYS N   CA   sing N N 70  
CYS N   H    sing N N 71  
CYS N   H2   sing N N 72  
CYS CA  C    sing N N 73  
CYS CA  CB   sing N N 74  
CYS CA  HA   sing N N 75  
CYS C   O    doub N N 76  
CYS C   OXT  sing N N 77  
CYS CB  SG   sing N N 78  
CYS CB  HB2  sing N N 79  
CYS CB  HB3  sing N N 80  
CYS SG  HG   sing N N 81  
CYS OXT HXT  sing N N 82  
GLN N   CA   sing N N 83  
GLN N   H    sing N N 84  
GLN N   H2   sing N N 85  
GLN CA  C    sing N N 86  
GLN CA  CB   sing N N 87  
GLN CA  HA   sing N N 88  
GLN C   O    doub N N 89  
GLN C   OXT  sing N N 90  
GLN CB  CG   sing N N 91  
GLN CB  HB2  sing N N 92  
GLN CB  HB3  sing N N 93  
GLN CG  CD   sing N N 94  
GLN CG  HG2  sing N N 95  
GLN CG  HG3  sing N N 96  
GLN CD  OE1  doub N N 97  
GLN CD  NE2  sing N N 98  
GLN NE2 HE21 sing N N 99  
GLN NE2 HE22 sing N N 100 
GLN OXT HXT  sing N N 101 
GLU N   CA   sing N N 102 
GLU N   H    sing N N 103 
GLU N   H2   sing N N 104 
GLU CA  C    sing N N 105 
GLU CA  CB   sing N N 106 
GLU CA  HA   sing N N 107 
GLU C   O    doub N N 108 
GLU C   OXT  sing N N 109 
GLU CB  CG   sing N N 110 
GLU CB  HB2  sing N N 111 
GLU CB  HB3  sing N N 112 
GLU CG  CD   sing N N 113 
GLU CG  HG2  sing N N 114 
GLU CG  HG3  sing N N 115 
GLU CD  OE1  doub N N 116 
GLU CD  OE2  sing N N 117 
GLU OE2 HE2  sing N N 118 
GLU OXT HXT  sing N N 119 
GLY N   CA   sing N N 120 
GLY N   H    sing N N 121 
GLY N   H2   sing N N 122 
GLY CA  C    sing N N 123 
GLY CA  HA2  sing N N 124 
GLY CA  HA3  sing N N 125 
GLY C   O    doub N N 126 
GLY C   OXT  sing N N 127 
GLY OXT HXT  sing N N 128 
HIS N   CA   sing N N 129 
HIS N   H    sing N N 130 
HIS N   H2   sing N N 131 
HIS CA  C    sing N N 132 
HIS CA  CB   sing N N 133 
HIS CA  HA   sing N N 134 
HIS C   O    doub N N 135 
HIS C   OXT  sing N N 136 
HIS CB  CG   sing N N 137 
HIS CB  HB2  sing N N 138 
HIS CB  HB3  sing N N 139 
HIS CG  ND1  sing Y N 140 
HIS CG  CD2  doub Y N 141 
HIS ND1 CE1  doub Y N 142 
HIS ND1 HD1  sing N N 143 
HIS CD2 NE2  sing Y N 144 
HIS CD2 HD2  sing N N 145 
HIS CE1 NE2  sing Y N 146 
HIS CE1 HE1  sing N N 147 
HIS NE2 HE2  sing N N 148 
HIS OXT HXT  sing N N 149 
HOH O   H1   sing N N 150 
HOH O   H2   sing N N 151 
ILE N   CA   sing N N 152 
ILE N   H    sing N N 153 
ILE N   H2   sing N N 154 
ILE CA  C    sing N N 155 
ILE CA  CB   sing N N 156 
ILE CA  HA   sing N N 157 
ILE C   O    doub N N 158 
ILE C   OXT  sing N N 159 
ILE CB  CG1  sing N N 160 
ILE CB  CG2  sing N N 161 
ILE CB  HB   sing N N 162 
ILE CG1 CD1  sing N N 163 
ILE CG1 HG12 sing N N 164 
ILE CG1 HG13 sing N N 165 
ILE CG2 HG21 sing N N 166 
ILE CG2 HG22 sing N N 167 
ILE CG2 HG23 sing N N 168 
ILE CD1 HD11 sing N N 169 
ILE CD1 HD12 sing N N 170 
ILE CD1 HD13 sing N N 171 
ILE OXT HXT  sing N N 172 
LEU N   CA   sing N N 173 
LEU N   H    sing N N 174 
LEU N   H2   sing N N 175 
LEU CA  C    sing N N 176 
LEU CA  CB   sing N N 177 
LEU CA  HA   sing N N 178 
LEU C   O    doub N N 179 
LEU C   OXT  sing N N 180 
LEU CB  CG   sing N N 181 
LEU CB  HB2  sing N N 182 
LEU CB  HB3  sing N N 183 
LEU CG  CD1  sing N N 184 
LEU CG  CD2  sing N N 185 
LEU CG  HG   sing N N 186 
LEU CD1 HD11 sing N N 187 
LEU CD1 HD12 sing N N 188 
LEU CD1 HD13 sing N N 189 
LEU CD2 HD21 sing N N 190 
LEU CD2 HD22 sing N N 191 
LEU CD2 HD23 sing N N 192 
LEU OXT HXT  sing N N 193 
LYS N   CA   sing N N 194 
LYS N   H    sing N N 195 
LYS N   H2   sing N N 196 
LYS CA  C    sing N N 197 
LYS CA  CB   sing N N 198 
LYS CA  HA   sing N N 199 
LYS C   O    doub N N 200 
LYS C   OXT  sing N N 201 
LYS CB  CG   sing N N 202 
LYS CB  HB2  sing N N 203 
LYS CB  HB3  sing N N 204 
LYS CG  CD   sing N N 205 
LYS CG  HG2  sing N N 206 
LYS CG  HG3  sing N N 207 
LYS CD  CE   sing N N 208 
LYS CD  HD2  sing N N 209 
LYS CD  HD3  sing N N 210 
LYS CE  NZ   sing N N 211 
LYS CE  HE2  sing N N 212 
LYS CE  HE3  sing N N 213 
LYS NZ  HZ1  sing N N 214 
LYS NZ  HZ2  sing N N 215 
LYS NZ  HZ3  sing N N 216 
LYS OXT HXT  sing N N 217 
MET N   CA   sing N N 218 
MET N   H    sing N N 219 
MET N   H2   sing N N 220 
MET CA  C    sing N N 221 
MET CA  CB   sing N N 222 
MET CA  HA   sing N N 223 
MET C   O    doub N N 224 
MET C   OXT  sing N N 225 
MET CB  CG   sing N N 226 
MET CB  HB2  sing N N 227 
MET CB  HB3  sing N N 228 
MET CG  SD   sing N N 229 
MET CG  HG2  sing N N 230 
MET CG  HG3  sing N N 231 
MET SD  CE   sing N N 232 
MET CE  HE1  sing N N 233 
MET CE  HE2  sing N N 234 
MET CE  HE3  sing N N 235 
MET OXT HXT  sing N N 236 
PRO N   CA   sing N N 237 
PRO N   CD   sing N N 238 
PRO N   H    sing N N 239 
PRO CA  C    sing N N 240 
PRO CA  CB   sing N N 241 
PRO CA  HA   sing N N 242 
PRO C   O    doub N N 243 
PRO C   OXT  sing N N 244 
PRO CB  CG   sing N N 245 
PRO CB  HB2  sing N N 246 
PRO CB  HB3  sing N N 247 
PRO CG  CD   sing N N 248 
PRO CG  HG2  sing N N 249 
PRO CG  HG3  sing N N 250 
PRO CD  HD2  sing N N 251 
PRO CD  HD3  sing N N 252 
PRO OXT HXT  sing N N 253 
SER N   CA   sing N N 254 
SER N   H    sing N N 255 
SER N   H2   sing N N 256 
SER CA  C    sing N N 257 
SER CA  CB   sing N N 258 
SER CA  HA   sing N N 259 
SER C   O    doub N N 260 
SER C   OXT  sing N N 261 
SER CB  OG   sing N N 262 
SER CB  HB2  sing N N 263 
SER CB  HB3  sing N N 264 
SER OG  HG   sing N N 265 
SER OXT HXT  sing N N 266 
THR N   CA   sing N N 267 
THR N   H    sing N N 268 
THR N   H2   sing N N 269 
THR CA  C    sing N N 270 
THR CA  CB   sing N N 271 
THR CA  HA   sing N N 272 
THR C   O    doub N N 273 
THR C   OXT  sing N N 274 
THR CB  OG1  sing N N 275 
THR CB  CG2  sing N N 276 
THR CB  HB   sing N N 277 
THR OG1 HG1  sing N N 278 
THR CG2 HG21 sing N N 279 
THR CG2 HG22 sing N N 280 
THR CG2 HG23 sing N N 281 
THR OXT HXT  sing N N 282 
TRP N   CA   sing N N 283 
TRP N   H    sing N N 284 
TRP N   H2   sing N N 285 
TRP CA  C    sing N N 286 
TRP CA  CB   sing N N 287 
TRP CA  HA   sing N N 288 
TRP C   O    doub N N 289 
TRP C   OXT  sing N N 290 
TRP CB  CG   sing N N 291 
TRP CB  HB2  sing N N 292 
TRP CB  HB3  sing N N 293 
TRP CG  CD1  doub Y N 294 
TRP CG  CD2  sing Y N 295 
TRP CD1 NE1  sing Y N 296 
TRP CD1 HD1  sing N N 297 
TRP CD2 CE2  doub Y N 298 
TRP CD2 CE3  sing Y N 299 
TRP NE1 CE2  sing Y N 300 
TRP NE1 HE1  sing N N 301 
TRP CE2 CZ2  sing Y N 302 
TRP CE3 CZ3  doub Y N 303 
TRP CE3 HE3  sing N N 304 
TRP CZ2 CH2  doub Y N 305 
TRP CZ2 HZ2  sing N N 306 
TRP CZ3 CH2  sing Y N 307 
TRP CZ3 HZ3  sing N N 308 
TRP CH2 HH2  sing N N 309 
TRP OXT HXT  sing N N 310 
VAL N   CA   sing N N 311 
VAL N   H    sing N N 312 
VAL N   H2   sing N N 313 
VAL CA  C    sing N N 314 
VAL CA  CB   sing N N 315 
VAL CA  HA   sing N N 316 
VAL C   O    doub N N 317 
VAL C   OXT  sing N N 318 
VAL CB  CG1  sing N N 319 
VAL CB  CG2  sing N N 320 
VAL CB  HB   sing N N 321 
VAL CG1 HG11 sing N N 322 
VAL CG1 HG12 sing N N 323 
VAL CG1 HG13 sing N N 324 
VAL CG2 HG21 sing N N 325 
VAL CG2 HG22 sing N N 326 
VAL CG2 HG23 sing N N 327 
VAL OXT HXT  sing N N 328 
# 
loop_
_pdbx_audit_support.funding_organization 
_pdbx_audit_support.country 
_pdbx_audit_support.grant_number 
_pdbx_audit_support.ordinal 
'National Natural Science Foundation of China (NSFC)' China 31971131 1 
'National Natural Science Foundation of China (NSFC)' China 32170697 2 
# 
_pdbx_initial_refinement_model.id               1 
_pdbx_initial_refinement_model.entity_id_list   ? 
_pdbx_initial_refinement_model.type             'in silico model' 
_pdbx_initial_refinement_model.source_name      AlphaFold 
_pdbx_initial_refinement_model.accession_code   ? 
_pdbx_initial_refinement_model.details          ? 
# 
_atom_sites.entry_id                    8IW5 
_atom_sites.Cartn_transf_matrix[1][1]   ? 
_atom_sites.Cartn_transf_matrix[1][2]   ? 
_atom_sites.Cartn_transf_matrix[1][3]   ? 
_atom_sites.Cartn_transf_matrix[2][1]   ? 
_atom_sites.Cartn_transf_matrix[2][2]   ? 
_atom_sites.Cartn_transf_matrix[2][3]   ? 
_atom_sites.Cartn_transf_matrix[3][1]   ? 
_atom_sites.Cartn_transf_matrix[3][2]   ? 
_atom_sites.Cartn_transf_matrix[3][3]   ? 
_atom_sites.Cartn_transf_vector[1]      ? 
_atom_sites.Cartn_transf_vector[2]      ? 
_atom_sites.Cartn_transf_vector[3]      ? 
_atom_sites.fract_transf_matrix[1][1]   -0.01660129 
_atom_sites.fract_transf_matrix[1][2]   0.02621242 
_atom_sites.fract_transf_matrix[1][3]   0.01938386 
_atom_sites.fract_transf_matrix[2][1]   -0.01759120 
_atom_sites.fract_transf_matrix[2][2]   -0.00688279 
_atom_sites.fract_transf_matrix[2][3]   -0.00575850 
_atom_sites.fract_transf_matrix[3][1]   -0.00718071 
_atom_sites.fract_transf_matrix[3][2]   -0.00953916 
_atom_sites.fract_transf_matrix[3][3]   0.03333738 
_atom_sites.fract_transf_vector[1]      0.387875 
_atom_sites.fract_transf_vector[2]      0.209172 
_atom_sites.fract_transf_vector[3]      0.153262 
_atom_sites.solution_primary            ? 
_atom_sites.solution_secondary          ? 
_atom_sites.solution_hydrogens          ? 
_atom_sites.special_details             ? 
# 
loop_
_atom_type.symbol 
C  
CA 
N  
O  
S  
# 
loop_
_atom_site.group_PDB 
_atom_site.id 
_atom_site.type_symbol 
_atom_site.label_atom_id 
_atom_site.label_alt_id 
_atom_site.label_comp_id 
_atom_site.label_asym_id 
_atom_site.label_entity_id 
_atom_site.label_seq_id 
_atom_site.pdbx_PDB_ins_code 
_atom_site.Cartn_x 
_atom_site.Cartn_y 
_atom_site.Cartn_z 
_atom_site.occupancy 
_atom_site.B_iso_or_equiv 
_atom_site.pdbx_formal_charge 
_atom_site.auth_seq_id 
_atom_site.auth_comp_id 
_atom_site.auth_asym_id 
_atom_site.auth_atom_id 
_atom_site.pdbx_PDB_model_num 
ATOM   1   N  N   . GLY A 1 3  ? -1.225  -0.741  -18.656 1.00 42.56 ? 41  GLY A N   1 
ATOM   2   C  CA  . GLY A 1 3  ? -1.518  0.150   -17.547 1.00 36.84 ? 41  GLY A CA  1 
ATOM   3   C  C   . GLY A 1 3  ? -2.693  1.076   -17.794 1.00 52.91 ? 41  GLY A C   1 
ATOM   4   O  O   . GLY A 1 3  ? -3.410  0.937   -18.785 1.00 48.56 ? 41  GLY A O   1 
ATOM   5   N  N   . SER A 1 4  ? -2.889  2.020   -16.876 1.00 38.94 ? 42  SER A N   1 
ATOM   6   C  CA  . SER A 1 4  ? -3.958  3.005   -16.964 1.00 39.35 ? 42  SER A CA  1 
ATOM   7   C  C   . SER A 1 4  ? -3.620  4.156   -16.024 1.00 26.67 ? 42  SER A C   1 
ATOM   8   O  O   . SER A 1 4  ? -2.661  4.092   -15.253 1.00 31.10 ? 42  SER A O   1 
ATOM   9   C  CB  . SER A 1 4  ? -5.317  2.391   -16.602 1.00 33.95 ? 42  SER A CB  1 
ATOM   10  O  OG  . SER A 1 4  ? -5.351  2.051   -15.228 1.00 31.62 ? 42  SER A OG  1 
ATOM   11  N  N   . MET A 1 5  ? -4.410  5.228   -16.120 1.00 28.15 ? 43  MET A N   1 
ATOM   12  C  CA  . MET A 1 5  ? -4.270  6.334   -15.181 1.00 29.94 ? 43  MET A CA  1 
ATOM   13  C  C   . MET A 1 5  ? -4.630  5.905   -13.766 1.00 30.75 ? 43  MET A C   1 
ATOM   14  O  O   . MET A 1 5  ? -4.165  6.516   -12.795 1.00 33.92 ? 43  MET A O   1 
ATOM   15  C  CB  . MET A 1 5  ? -5.142  7.515   -15.606 1.00 26.94 ? 43  MET A CB  1 
ATOM   16  C  CG  . MET A 1 5  ? -4.818  8.050   -16.980 1.00 28.28 ? 43  MET A CG  1 
ATOM   17  S  SD  . MET A 1 5  ? -3.112  8.610   -17.015 1.00 35.76 ? 43  MET A SD  1 
ATOM   18  C  CE  . MET A 1 5  ? -3.263  10.210  -16.229 1.00 38.16 ? 43  MET A CE  1 
ATOM   19  N  N   . GLY A 1 6  ? -5.457  4.867   -13.622 1.00 30.08 ? 44  GLY A N   1 
ATOM   20  C  CA  . GLY A 1 6  ? -5.715  4.334   -12.292 1.00 24.89 ? 44  GLY A CA  1 
ATOM   21  C  C   . GLY A 1 6  ? -4.510  3.632   -11.702 1.00 28.39 ? 44  GLY A C   1 
ATOM   22  O  O   . GLY A 1 6  ? -4.250  3.737   -10.498 1.00 29.29 ? 44  GLY A O   1 
ATOM   23  N  N   . SER A 1 7  ? -3.758  2.892   -12.523 1.00 28.98 ? 45  SER A N   1 
ATOM   24  C  CA  . SER A 1 7  ? -2.583  2.241   -11.953 1.00 28.22 ? 45  SER A CA  1 
ATOM   25  C  C   . SER A 1 7  ? -1.417  3.210   -11.800 1.00 35.62 ? 45  SER A C   1 
ATOM   26  O  O   . SER A 1 7  ? -0.577  3.018   -10.915 1.00 31.57 ? 45  SER A O   1 
ATOM   27  C  CB  . SER A 1 7  ? -2.180  1.009   -12.770 1.00 36.31 ? 45  SER A CB  1 
ATOM   28  O  OG  . SER A 1 7  ? -1.927  1.328   -14.119 1.00 36.67 ? 45  SER A OG  1 
ATOM   29  N  N   . LEU A 1 8  ? -1.356  4.268   -12.614 1.00 28.77 ? 46  LEU A N   1 
ATOM   30  C  CA  . LEU A 1 8  ? -0.438  5.356   -12.307 1.00 30.45 ? 46  LEU A CA  1 
ATOM   31  C  C   . LEU A 1 8  ? -0.785  5.989   -10.958 1.00 29.17 ? 46  LEU A C   1 
ATOM   32  O  O   . LEU A 1 8  ? 0.104   6.224   -10.129 1.00 30.63 ? 46  LEU A O   1 
ATOM   33  C  CB  . LEU A 1 8  ? -0.453  6.397   -13.426 1.00 30.20 ? 46  LEU A CB  1 
ATOM   34  C  CG  . LEU A 1 8  ? 0.686   7.420   -13.374 1.00 41.69 ? 46  LEU A CG  1 
ATOM   35  C  CD1 . LEU A 1 8  ? 2.040   6.732   -13.483 1.00 36.07 ? 46  LEU A CD1 1 
ATOM   36  C  CD2 . LEU A 1 8  ? 0.524   8.466   -14.473 1.00 44.48 ? 46  LEU A CD2 1 
ATOM   37  N  N   . ARG A 1 9  ? -2.079  6.225   -10.707 1.00 22.91 ? 47  ARG A N   1 
ATOM   38  C  CA  . ARG A 1 9  ? -2.522  6.748   -9.412  1.00 22.84 ? 47  ARG A CA  1 
ATOM   39  C  C   . ARG A 1 9  ? -2.103  5.825   -8.280  1.00 29.96 ? 47  ARG A C   1 
ATOM   40  O  O   . ARG A 1 9  ? -1.572  6.273   -7.253  1.00 28.24 ? 47  ARG A O   1 
ATOM   41  C  CB  . ARG A 1 9  ? -4.046  6.922   -9.393  1.00 36.75 ? 47  ARG A CB  1 
ATOM   42  C  CG  . ARG A 1 9  ? -4.580  8.196   -10.038 1.00 52.22 ? 47  ARG A CG  1 
ATOM   43  C  CD  . ARG A 1 9  ? -5.989  8.532   -9.533  1.00 54.25 ? 47  ARG A CD  1 
ATOM   44  N  NE  . ARG A 1 9  ? -6.006  8.828   -8.103  1.00 57.40 ? 47  ARG A NE  1 
ATOM   45  C  CZ  . ARG A 1 9  ? -6.551  8.051   -7.177  1.00 54.28 ? 47  ARG A CZ  1 
ATOM   46  N  NH1 . ARG A 1 9  ? -7.165  6.921   -7.494  1.00 58.52 ? 47  ARG A NH1 1 
ATOM   47  N  NH2 . ARG A 1 9  ? -6.485  8.418   -5.899  1.00 54.15 ? 47  ARG A NH2 1 
ATOM   48  N  N   . ALA A 1 10 ? -2.355  4.526   -8.444  1.00 24.81 ? 48  ALA A N   1 
ATOM   49  C  CA  . ALA A 1 10 ? -1.954  3.571   -7.414  1.00 22.43 ? 48  ALA A CA  1 
ATOM   50  C  C   . ALA A 1 10 ? -0.462  3.658   -7.143  1.00 20.91 ? 48  ALA A C   1 
ATOM   51  O  O   . ALA A 1 10 ? -0.031  3.618   -5.983  1.00 24.77 ? 48  ALA A O   1 
ATOM   52  C  CB  . ALA A 1 10 ? -2.334  2.150   -7.831  1.00 22.11 ? 48  ALA A CB  1 
ATOM   53  N  N   . LEU A 1 11 ? 0.349   3.754   -8.203  1.00 24.54 ? 49  LEU A N   1 
ATOM   54  C  CA  . LEU A 1 11 ? 1.790   3.831   -8.023  1.00 24.41 ? 49  LEU A CA  1 
ATOM   55  C  C   . LEU A 1 11 ? 2.176   5.018   -7.155  1.00 22.13 ? 49  LEU A C   1 
ATOM   56  O  O   . LEU A 1 11 ? 3.041   4.899   -6.278  1.00 24.78 ? 49  LEU A O   1 
ATOM   57  C  CB  . LEU A 1 11 ? 2.462   3.920   -9.387  1.00 25.18 ? 49  LEU A CB  1 
ATOM   58  C  CG  . LEU A 1 11 ? 3.978   3.989   -9.410  1.00 29.48 ? 49  LEU A CG  1 
ATOM   59  C  CD1 . LEU A 1 11 ? 4.575   2.803   -8.700  1.00 25.91 ? 49  LEU A CD1 1 
ATOM   60  C  CD2 . LEU A 1 11 ? 4.424   4.028   -10.858 1.00 33.65 ? 49  LEU A CD2 1 
ATOM   61  N  N   . HIS A 1 12 ? 1.534   6.170   -7.373  1.00 24.64 ? 50  HIS A N   1 
ATOM   62  C  CA  . HIS A 1 12 ? 1.845   7.353   -6.580  1.00 28.30 ? 50  HIS A CA  1 
ATOM   63  C  C   . HIS A 1 12 ? 1.337   7.232   -5.153  1.00 27.19 ? 50  HIS A C   1 
ATOM   64  O  O   . HIS A 1 12 ? 1.959   7.777   -4.233  1.00 31.05 ? 50  HIS A O   1 
ATOM   65  C  CB  . HIS A 1 12 ? 1.257   8.598   -7.236  1.00 27.67 ? 50  HIS A CB  1 
ATOM   66  C  CG  . HIS A 1 12 ? 1.879   8.920   -8.553  1.00 35.15 ? 50  HIS A CG  1 
ATOM   67  N  ND1 . HIS A 1 12 ? 1.200   9.579   -9.560  1.00 42.15 ? 50  HIS A ND1 1 
ATOM   68  C  CD2 . HIS A 1 12 ? 3.116   8.664   -9.038  1.00 45.23 ? 50  HIS A CD2 1 
ATOM   69  C  CE1 . HIS A 1 12 ? 1.999   9.720   -10.602 1.00 41.81 ? 50  HIS A CE1 1 
ATOM   70  N  NE2 . HIS A 1 12 ? 3.167   9.175   -10.311 1.00 44.78 ? 50  HIS A NE2 1 
ATOM   71  N  N   . LEU A 1 13 ? 0.214   6.549   -4.952  1.00 25.54 ? 51  LEU A N   1 
ATOM   72  C  CA  . LEU A 1 13 ? -0.274  6.337   -3.588  1.00 22.29 ? 51  LEU A CA  1 
ATOM   73  C  C   . LEU A 1 13 ? 0.714   5.511   -2.784  1.00 27.68 ? 51  LEU A C   1 
ATOM   74  O  O   . LEU A 1 13 ? 0.960   5.794   -1.603  1.00 26.12 ? 51  LEU A O   1 
ATOM   75  C  CB  . LEU A 1 13 ? -1.635  5.645   -3.602  1.00 24.21 ? 51  LEU A CB  1 
ATOM   76  C  CG  . LEU A 1 13 ? -2.818  6.412   -4.187  1.00 23.46 ? 51  LEU A CG  1 
ATOM   77  C  CD1 . LEU A 1 13 ? -4.025  5.494   -4.200  1.00 28.19 ? 51  LEU A CD1 1 
ATOM   78  C  CD2 . LEU A 1 13 ? -3.088  7.656   -3.362  1.00 29.12 ? 51  LEU A CD2 1 
ATOM   79  N  N   . VAL A 1 14 ? 1.270   4.468   -3.402  1.00 24.01 ? 52  VAL A N   1 
ATOM   80  C  CA  . VAL A 1 14 ? 2.255   3.633   -2.723  1.00 19.65 ? 52  VAL A CA  1 
ATOM   81  C  C   . VAL A 1 14 ? 3.470   4.461   -2.350  1.00 27.84 ? 52  VAL A C   1 
ATOM   82  O  O   . VAL A 1 14 ? 3.942   4.419   -1.210  1.00 25.18 ? 52  VAL A O   1 
ATOM   83  C  CB  . VAL A 1 14 ? 2.631   2.428   -3.600  1.00 22.84 ? 52  VAL A CB  1 
ATOM   84  C  CG1 . VAL A 1 14 ? 3.785   1.662   -2.984  1.00 30.35 ? 52  VAL A CG1 1 
ATOM   85  C  CG2 . VAL A 1 14 ? 1.433   1.513   -3.790  1.00 23.36 ? 52  VAL A CG2 1 
ATOM   86  N  N   . GLU A 1 15 ? 3.987   5.242   -3.308  1.00 26.15 ? 53  GLU A N   1 
ATOM   87  C  CA  . GLU A 1 15 ? 5.141   6.090   -3.033  1.00 30.94 ? 53  GLU A CA  1 
ATOM   88  C  C   . GLU A 1 15 ? 4.845   7.091   -1.920  1.00 26.06 ? 53  GLU A C   1 
ATOM   89  O  O   . GLU A 1 15 ? 5.685   7.319   -1.043  1.00 32.02 ? 53  GLU A O   1 
ATOM   90  C  CB  . GLU A 1 15 ? 5.569   6.805   -4.312  1.00 27.48 ? 53  GLU A CB  1 
ATOM   91  N  N   . ASP A 1 16 ? 3.646   7.679   -1.921  1.00 27.92 ? 54  ASP A N   1 
ATOM   92  C  CA  . ASP A 1 16 ? 3.302   8.644   -0.883  1.00 32.65 ? 54  ASP A CA  1 
ATOM   93  C  C   . ASP A 1 16 ? 3.215   7.971   0.479   1.00 26.73 ? 54  ASP A C   1 
ATOM   94  O  O   . ASP A 1 16 ? 3.634   8.542   1.493   1.00 30.07 ? 54  ASP A O   1 
ATOM   95  C  CB  . ASP A 1 16 ? 1.973   9.320   -1.217  1.00 32.14 ? 54  ASP A CB  1 
ATOM   96  C  CG  . ASP A 1 16 ? 2.123   10.472  -2.186  1.00 37.30 ? 54  ASP A CG  1 
ATOM   97  O  OD1 . ASP A 1 16 ? 3.256   10.758  -2.639  1.00 32.27 ? 54  ASP A OD1 1 
ATOM   98  O  OD2 . ASP A 1 16 ? 1.090   11.104  -2.492  1.00 43.63 ? 54  ASP A OD2 1 
ATOM   99  N  N   . LEU A 1 17 ? 2.674   6.755   0.521   1.00 26.01 ? 55  LEU A N   1 
ATOM   100 C  CA  . LEU A 1 17 ? 2.512   6.066   1.798   1.00 28.56 ? 55  LEU A CA  1 
ATOM   101 C  C   . LEU A 1 17 ? 3.868   5.755   2.423   1.00 28.92 ? 55  LEU A C   1 
ATOM   102 O  O   . LEU A 1 17 ? 4.072   5.954   3.630   1.00 28.83 ? 55  LEU A O   1 
ATOM   103 C  CB  . LEU A 1 17 ? 1.687   4.796   1.590   1.00 25.82 ? 55  LEU A CB  1 
ATOM   104 C  CG  . LEU A 1 17 ? 1.309   3.939   2.798   1.00 32.19 ? 55  LEU A CG  1 
ATOM   105 C  CD1 . LEU A 1 17 ? 0.555   4.782   3.816   1.00 29.32 ? 55  LEU A CD1 1 
ATOM   106 C  CD2 . LEU A 1 17 ? 0.477   2.738   2.326   1.00 21.40 ? 55  LEU A CD2 1 
ATOM   107 N  N   . ARG A 1 18 ? 4.822   5.277   1.614   1.00 28.61 ? 56  ARG A N   1 
ATOM   108 C  CA  . ARG A 1 18 ? 6.158   5.059   2.158   1.00 25.38 ? 56  ARG A CA  1 
ATOM   109 C  C   . ARG A 1 18 ? 6.751   6.367   2.661   1.00 34.17 ? 56  ARG A C   1 
ATOM   110 O  O   . ARG A 1 18 ? 7.359   6.402   3.732   1.00 27.27 ? 56  ARG A O   1 
ATOM   111 C  CB  . ARG A 1 18 ? 7.094   4.422   1.129   1.00 29.59 ? 56  ARG A CB  1 
ATOM   112 C  CG  . ARG A 1 18 ? 8.555   4.457   1.627   1.00 41.92 ? 56  ARG A CG  1 
ATOM   113 C  CD  . ARG A 1 18 ? 9.557   3.713   0.764   1.00 46.21 ? 56  ARG A CD  1 
ATOM   114 N  NE  . ARG A 1 18 ? 10.810  3.518   1.491   1.00 48.75 ? 56  ARG A NE  1 
ATOM   115 C  CZ  . ARG A 1 18 ? 11.915  2.995   0.975   1.00 52.47 ? 56  ARG A CZ  1 
ATOM   116 N  NH1 . ARG A 1 18 ? 11.965  2.587   -0.284  1.00 40.45 ? 56  ARG A NH1 1 
ATOM   117 N  NH2 . ARG A 1 18 ? 13.002  2.887   1.740   1.00 46.95 ? 56  ARG A NH2 1 
ATOM   118 N  N   . GLY A 1 19 ? 6.560   7.456   1.912   1.00 33.82 ? 57  GLY A N   1 
ATOM   119 C  CA  . GLY A 1 19 ? 7.123   8.732   2.327   1.00 34.42 ? 57  GLY A CA  1 
ATOM   120 C  C   . GLY A 1 19 ? 6.532   9.236   3.628   1.00 39.12 ? 57  GLY A C   1 
ATOM   121 O  O   . GLY A 1 19 ? 7.261   9.683   4.522   1.00 32.37 ? 57  GLY A O   1 
ATOM   122 N  N   . LEU A 1 20 ? 5.202   9.186   3.747   1.00 29.67 ? 58  LEU A N   1 
ATOM   123 C  CA  . LEU A 1 20 ? 4.540   9.552   4.997   1.00 28.82 ? 58  LEU A CA  1 
ATOM   124 C  C   . LEU A 1 20 ? 5.017   8.693   6.159   1.00 29.42 ? 58  LEU A C   1 
ATOM   125 O  O   . LEU A 1 20 ? 5.176   9.202   7.275   1.00 38.20 ? 58  LEU A O   1 
ATOM   126 C  CB  . LEU A 1 20 ? 3.021   9.416   4.845   1.00 28.08 ? 58  LEU A CB  1 
ATOM   127 C  CG  . LEU A 1 20 ? 2.435   10.371  3.811   1.00 28.94 ? 58  LEU A CG  1 
ATOM   128 C  CD1 . LEU A 1 20 ? 0.987   10.047  3.509   1.00 35.73 ? 58  LEU A CD1 1 
ATOM   129 C  CD2 . LEU A 1 20 ? 2.584   11.811  4.296   1.00 35.56 ? 58  LEU A CD2 1 
ATOM   130 N  N   . LEU A 1 21 ? 5.247   7.398   5.928   1.00 22.82 ? 59  LEU A N   1 
ATOM   131 C  CA  . LEU A 1 21 ? 5.674   6.542   7.028   1.00 26.82 ? 59  LEU A CA  1 
ATOM   132 C  C   . LEU A 1 21 ? 7.019   6.990   7.590   1.00 35.54 ? 59  LEU A C   1 
ATOM   133 O  O   . LEU A 1 21 ? 7.270   6.826   8.791   1.00 35.24 ? 59  LEU A O   1 
ATOM   134 C  CB  . LEU A 1 21 ? 5.736   5.079   6.586   1.00 27.01 ? 59  LEU A CB  1 
ATOM   135 C  CG  . LEU A 1 21 ? 4.404   4.329   6.460   1.00 35.78 ? 59  LEU A CG  1 
ATOM   136 C  CD1 . LEU A 1 21 ? 4.642   2.907   5.991   1.00 38.42 ? 59  LEU A CD1 1 
ATOM   137 C  CD2 . LEU A 1 21 ? 3.654   4.326   7.784   1.00 29.87 ? 59  LEU A CD2 1 
ATOM   138 N  N   . GLU A 1 22 ? 7.879   7.591   6.759   1.00 37.47 ? 60  GLU A N   1 
ATOM   139 C  CA  . GLU A 1 22 ? 9.193   8.021   7.242   1.00 37.58 ? 60  GLU A CA  1 
ATOM   140 C  C   . GLU A 1 22 ? 9.087   9.155   8.263   1.00 38.90 ? 60  GLU A C   1 
ATOM   141 O  O   . GLU A 1 22 ? 9.970   9.305   9.122   1.00 33.23 ? 60  GLU A O   1 
ATOM   142 C  CB  . GLU A 1 22 ? 10.069  8.456   6.061   1.00 30.85 ? 60  GLU A CB  1 
ATOM   143 C  CG  . GLU A 1 22 ? 10.331  7.389   5.006   1.00 38.89 ? 60  GLU A CG  1 
ATOM   144 C  CD  . GLU A 1 22 ? 11.397  6.382   5.411   1.00 61.31 ? 60  GLU A CD  1 
ATOM   145 O  OE1 . GLU A 1 22 ? 12.170  6.669   6.350   1.00 63.92 ? 60  GLU A OE1 1 
ATOM   146 O  OE2 . GLU A 1 22 ? 11.461  5.300   4.784   1.00 67.73 ? 60  GLU A OE2 1 
ATOM   147 N  N   . MET A 1 23 ? 8.037   9.972   8.170   1.00 29.10 ? 61  MET A N   1 
ATOM   148 C  CA  . MET A 1 23 ? 7.832   11.134  9.025   1.00 31.95 ? 61  MET A CA  1 
ATOM   149 C  C   . MET A 1 23 ? 7.025   10.817  10.270  1.00 35.33 ? 61  MET A C   1 
ATOM   150 O  O   . MET A 1 23 ? 6.683   11.735  11.026  1.00 36.29 ? 61  MET A O   1 
ATOM   151 C  CB  . MET A 1 23 ? 7.116   12.257  8.265   1.00 35.09 ? 61  MET A CB  1 
ATOM   152 C  CG  . MET A 1 23 ? 7.890   12.896  7.127   1.00 38.57 ? 61  MET A CG  1 
ATOM   153 S  SD  . MET A 1 23 ? 9.627   13.176  7.472   1.00 45.95 ? 61  MET A SD  1 
ATOM   154 C  CE  . MET A 1 23 ? 10.308  11.976  6.337   1.00 37.98 ? 61  MET A CE  1 
ATOM   155 N  N   . MET A 1 24 ? 6.676   9.562   10.478  1.00 31.27 ? 62  MET A N   1 
ATOM   156 C  CA  . MET A 1 24 ? 5.872   9.179   11.621  1.00 41.66 ? 62  MET A CA  1 
ATOM   157 C  C   . MET A 1 24 ? 6.745   8.528   12.684  1.00 33.79 ? 62  MET A C   1 
ATOM   158 O  O   . MET A 1 24 ? 7.734   7.856   12.384  1.00 32.90 ? 62  MET A O   1 
ATOM   159 C  CB  . MET A 1 24 ? 4.751   8.231   11.204  1.00 35.59 ? 62  MET A CB  1 
ATOM   160 C  CG  . MET A 1 24 ? 3.684   8.908   10.401  1.00 28.07 ? 62  MET A CG  1 
ATOM   161 S  SD  . MET A 1 24 ? 2.432   7.706   9.977   1.00 33.92 ? 62  MET A SD  1 
ATOM   162 C  CE  . MET A 1 24 ? 1.747   8.441   8.486   1.00 40.47 ? 62  MET A CE  1 
ATOM   163 N  N   . GLU A 1 25 ? 6.357   8.739   13.935  1.00 40.01 ? 63  GLU A N   1 
ATOM   164 C  CA  . GLU A 1 25 ? 6.958   8.062   15.067  1.00 40.82 ? 63  GLU A CA  1 
ATOM   165 C  C   . GLU A 1 25 ? 6.358   6.669   15.247  1.00 37.71 ? 63  GLU A C   1 
ATOM   166 O  O   . GLU A 1 25 ? 5.307   6.330   14.688  1.00 33.29 ? 63  GLU A O   1 
ATOM   167 C  CB  . GLU A 1 25 ? 6.772   8.905   16.322  1.00 39.26 ? 63  GLU A CB  1 
ATOM   168 C  CG  . GLU A 1 25 ? 7.388   10.281  16.163  1.00 45.34 ? 63  GLU A CG  1 
ATOM   169 C  CD  . GLU A 1 25 ? 6.833   11.290  17.136  1.00 64.22 ? 63  GLU A CD  1 
ATOM   170 O  OE1 . GLU A 1 25 ? 6.452   10.886  18.257  1.00 68.67 ? 63  GLU A OE1 1 
ATOM   171 O  OE2 . GLU A 1 25 ? 6.774   12.487  16.773  1.00 61.42 ? 63  GLU A OE2 1 
ATOM   172 N  N   . THR A 1 26 ? 7.039   5.861   16.066  1.00 43.90 ? 64  THR A N   1 
ATOM   173 C  CA  . THR A 1 26 ? 6.634   4.471   16.244  1.00 40.43 ? 64  THR A CA  1 
ATOM   174 C  C   . THR A 1 26 ? 5.174   4.375   16.672  1.00 35.08 ? 64  THR A C   1 
ATOM   175 O  O   . THR A 1 26 ? 4.391   3.624   16.079  1.00 39.17 ? 64  THR A O   1 
ATOM   176 C  CB  . THR A 1 26 ? 7.537   3.784   17.267  1.00 52.78 ? 64  THR A CB  1 
ATOM   177 O  OG1 . THR A 1 26 ? 8.911   3.994   16.912  1.00 57.61 ? 64  THR A OG1 1 
ATOM   178 C  CG2 . THR A 1 26 ? 7.252   2.289   17.301  1.00 50.84 ? 64  THR A CG2 1 
ATOM   179 N  N   . ASP A 1 27 ? 4.787   5.143   17.696  1.00 44.04 ? 65  ASP A N   1 
ATOM   180 C  CA  . ASP A 1 27 ? 3.404   5.087   18.160  1.00 35.91 ? 65  ASP A CA  1 
ATOM   181 C  C   . ASP A 1 27 ? 2.438   5.567   17.085  1.00 40.96 ? 65  ASP A C   1 
ATOM   182 O  O   . ASP A 1 27 ? 1.326   5.036   16.977  1.00 36.95 ? 65  ASP A O   1 
ATOM   183 C  CB  . ASP A 1 27 ? 3.235   5.906   19.445  1.00 40.29 ? 65  ASP A CB  1 
ATOM   184 N  N   . GLU A 1 28 ? 2.849   6.538   16.264  1.00 33.73 ? 66  GLU A N   1 
ATOM   185 C  CA  . GLU A 1 28 ? 1.972   7.008   15.196  1.00 33.37 ? 66  GLU A CA  1 
ATOM   186 C  C   . GLU A 1 28 ? 1.804   5.951   14.107  1.00 38.36 ? 66  GLU A C   1 
ATOM   187 O  O   . GLU A 1 28 ? 0.709   5.793   13.552  1.00 35.29 ? 66  GLU A O   1 
ATOM   188 C  CB  . GLU A 1 28 ? 2.509   8.313   14.603  1.00 34.37 ? 66  GLU A CB  1 
ATOM   189 C  CG  . GLU A 1 28 ? 2.470   9.520   15.547  1.00 44.47 ? 66  GLU A CG  1 
ATOM   190 C  CD  . GLU A 1 28 ? 3.155   10.759  14.960  1.00 53.18 ? 66  GLU A CD  1 
ATOM   191 O  OE1 . GLU A 1 28 ? 3.841   10.639  13.924  1.00 44.60 ? 66  GLU A OE1 1 
ATOM   192 O  OE2 . GLU A 1 28 ? 3.010   11.859  15.539  1.00 62.26 ? 66  GLU A OE2 1 
ATOM   193 N  N   . LYS A 1 29 ? 2.876   5.224   13.777  1.00 29.86 ? 67  LYS A N   1 
ATOM   194 C  CA  . LYS A 1 29 ? 2.757   4.164   12.778  1.00 38.25 ? 67  LYS A CA  1 
ATOM   195 C  C   . LYS A 1 29 ? 1.901   3.016   13.292  1.00 34.30 ? 67  LYS A C   1 
ATOM   196 O  O   . LYS A 1 29 ? 1.061   2.487   12.556  1.00 30.77 ? 67  LYS A O   1 
ATOM   197 C  CB  . LYS A 1 29 ? 4.138   3.654   12.374  1.00 40.01 ? 67  LYS A CB  1 
ATOM   198 C  CG  . LYS A 1 29 ? 4.978   4.669   11.637  1.00 46.25 ? 67  LYS A CG  1 
ATOM   199 C  CD  . LYS A 1 29 ? 6.271   4.048   11.147  1.00 39.48 ? 67  LYS A CD  1 
ATOM   200 C  CE  . LYS A 1 29 ? 7.222   3.786   12.298  1.00 54.83 ? 67  LYS A CE  1 
ATOM   201 N  NZ  . LYS A 1 29 ? 8.542   3.290   11.813  1.00 66.18 ? 67  LYS A NZ  1 
ATOM   202 N  N   . GLU A 1 30 ? 2.110   2.611   14.549  1.00 33.76 ? 68  GLU A N   1 
ATOM   203 C  CA  . GLU A 1 30 ? 1.283   1.560   15.139  1.00 32.66 ? 68  GLU A CA  1 
ATOM   204 C  C   . GLU A 1 30 ? -0.170  2.001   15.240  1.00 32.43 ? 68  GLU A C   1 
ATOM   205 O  O   . GLU A 1 30 ? -1.085  1.232   14.929  1.00 31.78 ? 68  GLU A O   1 
ATOM   206 C  CB  . GLU A 1 30 ? 1.814   1.179   16.520  1.00 44.46 ? 68  GLU A CB  1 
ATOM   207 C  CG  . GLU A 1 30 ? 3.185   0.533   16.518  1.00 53.19 ? 68  GLU A CG  1 
ATOM   208 C  CD  . GLU A 1 30 ? 3.630   0.129   17.919  1.00 65.87 ? 68  GLU A CD  1 
ATOM   209 O  OE1 . GLU A 1 30 ? 2.767   0.047   18.825  1.00 57.51 ? 68  GLU A OE1 1 
ATOM   210 O  OE2 . GLU A 1 30 ? 4.844   -0.101  18.116  1.00 81.43 ? 68  GLU A OE2 1 
ATOM   211 N  N   . GLY A 1 31 ? -0.394  3.244   15.668  1.00 32.61 ? 69  GLY A N   1 
ATOM   212 C  CA  . GLY A 1 31 ? -1.749  3.760   15.750  1.00 30.58 ? 69  GLY A CA  1 
ATOM   213 C  C   . GLY A 1 31 ? -2.438  3.830   14.404  1.00 28.88 ? 69  GLY A C   1 
ATOM   214 O  O   . GLY A 1 31 ? -3.641  3.570   14.303  1.00 31.92 ? 69  GLY A O   1 
ATOM   215 N  N   . LEU A 1 32 ? -1.694  4.190   13.352  1.00 27.75 ? 70  LEU A N   1 
ATOM   216 C  CA  . LEU A 1 32 ? -2.260  4.176   12.005  1.00 26.86 ? 70  LEU A CA  1 
ATOM   217 C  C   . LEU A 1 32 ? -2.638  2.754   11.596  1.00 25.42 ? 70  LEU A C   1 
ATOM   218 O  O   . LEU A 1 32 ? -3.767  2.496   11.158  1.00 26.32 ? 70  LEU A O   1 
ATOM   219 C  CB  . LEU A 1 32 ? -1.260  4.779   11.010  1.00 27.16 ? 70  LEU A CB  1 
ATOM   220 C  CG  . LEU A 1 32 ? -1.678  4.647   9.539   1.00 32.15 ? 70  LEU A CG  1 
ATOM   221 C  CD1 . LEU A 1 32 ? -2.998  5.369   9.318   1.00 30.78 ? 70  LEU A CD1 1 
ATOM   222 C  CD2 . LEU A 1 32 ? -0.625  5.160   8.573   1.00 29.43 ? 70  LEU A CD2 1 
ATOM   223 N  N   . ARG A 1 33 ? -1.697  1.818   11.741  1.00 30.29 ? 71  ARG A N   1 
ATOM   224 C  CA  . ARG A 1 33 ? -1.955  0.435   11.355  1.00 29.22 ? 71  ARG A CA  1 
ATOM   225 C  C   . ARG A 1 33 ? -3.128  -0.147  12.131  1.00 25.60 ? 71  ARG A C   1 
ATOM   226 O  O   . ARG A 1 33 ? -3.934  -0.899  11.573  1.00 30.73 ? 71  ARG A O   1 
ATOM   227 C  CB  . ARG A 1 33 ? -0.693  -0.399  11.566  1.00 31.57 ? 71  ARG A CB  1 
ATOM   228 C  CG  . ARG A 1 33 ? -0.895  -1.879  11.374  1.00 29.91 ? 71  ARG A CG  1 
ATOM   229 C  CD  . ARG A 1 33 ? -1.402  -2.215  9.989   1.00 27.55 ? 71  ARG A CD  1 
ATOM   230 N  NE  . ARG A 1 33 ? -1.733  -3.630  9.933   1.00 27.14 ? 71  ARG A NE  1 
ATOM   231 C  CZ  . ARG A 1 33 ? -2.900  -4.133  10.306  1.00 31.33 ? 71  ARG A CZ  1 
ATOM   232 N  NH1 . ARG A 1 33 ? -3.901  -3.351  10.679  1.00 33.73 ? 71  ARG A NH1 1 
ATOM   233 N  NH2 . ARG A 1 33 ? -3.065  -5.452  10.314  1.00 34.06 ? 71  ARG A NH2 1 
ATOM   234 N  N   . CYS A 1 34 ? -3.232  0.199   13.424  1.00 26.94 ? 72  CYS A N   1 
ATOM   235 C  CA  . CYS A 1 34 ? -4.329  -0.237  14.287  1.00 29.94 ? 72  CYS A CA  1 
ATOM   236 C  C   . CYS A 1 34 ? -5.696  0.143   13.721  1.00 32.13 ? 72  CYS A C   1 
ATOM   237 O  O   . CYS A 1 34 ? -6.677  -0.591  13.917  1.00 28.20 ? 72  CYS A O   1 
ATOM   238 C  CB  . CYS A 1 34 ? -4.114  0.386   15.672  1.00 32.33 ? 72  CYS A CB  1 
ATOM   239 S  SG  . CYS A 1 34 ? -5.291  0.014   16.977  1.00 43.44 ? 72  CYS A SG  1 
ATOM   240 N  N   . GLN A 1 35 ? -5.778  1.287   13.037  1.00 31.81 ? 73  GLN A N   1 
ATOM   241 C  CA  . GLN A 1 35 ? -7.009  1.823   12.467  1.00 27.01 ? 73  GLN A CA  1 
ATOM   242 C  C   . GLN A 1 35 ? -7.314  1.290   11.076  1.00 25.77 ? 73  GLN A C   1 
ATOM   243 O  O   . GLN A 1 35 ? -8.391  1.573   10.547  1.00 35.18 ? 73  GLN A O   1 
ATOM   244 C  CB  . GLN A 1 35 ? -6.931  3.350   12.348  1.00 31.91 ? 73  GLN A CB  1 
ATOM   245 C  CG  . GLN A 1 35 ? -6.864  4.128   13.632  1.00 33.52 ? 73  GLN A CG  1 
ATOM   246 C  CD  . GLN A 1 35 ? -6.694  5.614   13.382  1.00 32.46 ? 73  GLN A CD  1 
ATOM   247 O  OE1 . GLN A 1 35 ? -5.568  6.113   13.254  1.00 39.03 ? 73  GLN A OE1 1 
ATOM   248 N  NE2 . GLN A 1 35 ? -7.806  6.331   13.306  1.00 32.71 ? 73  GLN A NE2 1 
ATOM   249 N  N   . ILE A 1 36 ? -6.389  0.582   10.452  1.00 25.36 ? 74  ILE A N   1 
ATOM   250 C  CA  . ILE A 1 36 ? -6.654  0.024   9.124   1.00 25.42 ? 74  ILE A CA  1 
ATOM   251 C  C   . ILE A 1 36 ? -7.351  -1.319  9.295   1.00 31.99 ? 74  ILE A C   1 
ATOM   252 O  O   . ILE A 1 36 ? -6.868  -2.171  10.063  1.00 30.88 ? 74  ILE A O   1 
ATOM   253 C  CB  . ILE A 1 36 ? -5.363  -0.122  8.339   1.00 26.94 ? 74  ILE A CB  1 
ATOM   254 C  CG1 . ILE A 1 36 ? -4.811  1.260   7.991   1.00 29.54 ? 74  ILE A CG1 1 
ATOM   255 C  CG2 . ILE A 1 36 ? -5.625  -0.913  7.071   1.00 28.92 ? 74  ILE A CG2 1 
ATOM   256 C  CD1 . ILE A 1 36 ? -3.458  1.233   7.364   1.00 34.91 ? 74  ILE A CD1 1 
ATOM   257 N  N   . PRO A 1 37 ? -8.496  -1.539  8.653   1.00 29.42 ? 75  PRO A N   1 
ATOM   258 C  CA  . PRO A 1 37 ? -9.166  -2.836  8.781   1.00 39.44 ? 75  PRO A CA  1 
ATOM   259 C  C   . PRO A 1 37 ? -8.228  -3.953  8.355   1.00 27.69 ? 75  PRO A C   1 
ATOM   260 O  O   . PRO A 1 37 ? -7.457  -3.805  7.408   1.00 32.99 ? 75  PRO A O   1 
ATOM   261 C  CB  . PRO A 1 37 ? -10.368 -2.715  7.837   1.00 34.35 ? 75  PRO A CB  1 
ATOM   262 C  CG  . PRO A 1 37 ? -10.613 -1.246  7.736   1.00 37.37 ? 75  PRO A CG  1 
ATOM   263 C  CD  . PRO A 1 37 ? -9.267  -0.586  7.838   1.00 34.74 ? 75  PRO A CD  1 
ATOM   264 N  N   . ASP A 1 38 ? -8.273  -5.068  9.094   1.00 31.64 ? 76  ASP A N   1 
ATOM   265 C  CA  . ASP A 1 38 ? -7.411  -6.198  8.755   1.00 34.37 ? 76  ASP A CA  1 
ATOM   266 C  C   . ASP A 1 38 ? -7.636  -6.675  7.322   1.00 33.62 ? 76  ASP A C   1 
ATOM   267 O  O   . ASP A 1 38 ? -6.693  -7.144  6.663   1.00 33.12 ? 76  ASP A O   1 
ATOM   268 C  CB  . ASP A 1 38 ? -7.643  -7.339  9.746   1.00 38.93 ? 76  ASP A CB  1 
ATOM   269 C  CG  . ASP A 1 38 ? -6.908  -7.127  11.057  1.00 40.34 ? 76  ASP A CG  1 
ATOM   270 O  OD1 . ASP A 1 38 ? -6.126  -6.151  11.160  1.00 44.23 ? 76  ASP A OD1 1 
ATOM   271 O  OD2 . ASP A 1 38 ? -7.105  -7.941  11.983  1.00 60.32 ? 76  ASP A OD2 1 
ATOM   272 N  N   . SER A 1 39 ? -8.863  -6.548  6.815   1.00 34.00 ? 77  SER A N   1 
ATOM   273 C  CA  . SER A 1 39 ? -9.141  -6.938  5.434   1.00 36.48 ? 77  SER A CA  1 
ATOM   274 C  C   . SER A 1 39 ? -8.339  -6.095  4.445   1.00 37.33 ? 77  SER A C   1 
ATOM   275 O  O   . SER A 1 39 ? -7.736  -6.627  3.507   1.00 36.69 ? 77  SER A O   1 
ATOM   276 C  CB  . SER A 1 39 ? -10.640 -6.832  5.146   1.00 48.51 ? 77  SER A CB  1 
ATOM   277 O  OG  . SER A 1 39 ? -11.154 -5.561  5.511   1.00 51.53 ? 77  SER A OG  1 
ATOM   278 N  N   . THR A 1 40 ? -8.328  -4.774  4.637   1.00 34.67 ? 78  THR A N   1 
ATOM   279 C  CA  . THR A 1 40 ? -7.535  -3.895  3.785   1.00 30.75 ? 78  THR A CA  1 
ATOM   280 C  C   . THR A 1 40 ? -6.055  -4.236  3.875   1.00 26.23 ? 78  THR A C   1 
ATOM   281 O  O   . THR A 1 40 ? -5.349  -4.290  2.859   1.00 27.62 ? 78  THR A O   1 
ATOM   282 C  CB  . THR A 1 40 ? -7.769  -2.438  4.188   1.00 33.59 ? 78  THR A CB  1 
ATOM   283 O  OG1 . THR A 1 40 ? -9.111  -2.051  3.882   1.00 38.99 ? 78  THR A OG1 1 
ATOM   284 C  CG2 . THR A 1 40 ? -6.806  -1.531  3.475   1.00 34.05 ? 78  THR A CG2 1 
ATOM   285 N  N   . ALA A 1 41 ? -5.562  -4.466  5.092   1.00 24.28 ? 79  ALA A N   1 
ATOM   286 C  CA  . ALA A 1 41 ? -4.151  -4.811  5.255   1.00 22.47 ? 79  ALA A CA  1 
ATOM   287 C  C   . ALA A 1 41 ? -3.821  -6.092  4.510   1.00 29.91 ? 79  ALA A C   1 
ATOM   288 O  O   . ALA A 1 41 ? -2.765  -6.208  3.882   1.00 27.85 ? 79  ALA A O   1 
ATOM   289 C  CB  . ALA A 1 41 ? -3.818  -4.960  6.736   1.00 26.37 ? 79  ALA A CB  1 
ATOM   290 N  N   . GLU A 1 42 ? -4.737  -7.057  4.542   1.00 25.58 ? 80  GLU A N   1 
ATOM   291 C  CA  . GLU A 1 42 ? -4.454  -8.342  3.926   1.00 25.07 ? 80  GLU A CA  1 
ATOM   292 C  C   . GLU A 1 42 ? -4.312  -8.207  2.419   1.00 28.64 ? 80  GLU A C   1 
ATOM   293 O  O   . GLU A 1 42 ? -3.410  -8.803  1.821   1.00 27.99 ? 80  GLU A O   1 
ATOM   294 C  CB  . GLU A 1 42 ? -5.569  -9.328  4.272   1.00 25.86 ? 80  GLU A CB  1 
ATOM   295 C  CG  . GLU A 1 42 ? -5.379  -10.699 3.695   1.00 33.45 ? 80  GLU A CG  1 
ATOM   296 C  CD  . GLU A 1 42 ? -6.694  -11.430 3.594   1.00 37.59 ? 80  GLU A CD  1 
ATOM   297 O  OE1 . GLU A 1 42 ? -7.206  -11.865 4.650   1.00 36.57 ? 80  GLU A OE1 1 
ATOM   298 O  OE2 . GLU A 1 42 ? -7.230  -11.531 2.467   1.00 53.73 ? 80  GLU A OE2 1 
ATOM   299 N  N   . VAL A 1 43 ? -5.210  -7.439  1.790   1.00 27.53 ? 81  VAL A N   1 
ATOM   300 C  CA  . VAL A 1 43 ? -5.135  -7.231  0.345   1.00 24.25 ? 81  VAL A CA  1 
ATOM   301 C  C   . VAL A 1 43 ? -3.805  -6.595  -0.027  1.00 27.74 ? 81  VAL A C   1 
ATOM   302 O  O   . VAL A 1 43 ? -3.201  -6.935  -1.052  1.00 24.89 ? 81  VAL A O   1 
ATOM   303 C  CB  . VAL A 1 43 ? -6.311  -6.362  -0.137  1.00 26.33 ? 81  VAL A CB  1 
ATOM   304 C  CG1 . VAL A 1 43 ? -6.109  -5.937  -1.600  1.00 32.25 ? 81  VAL A CG1 1 
ATOM   305 C  CG2 . VAL A 1 43 ? -7.630  -7.095  0.030   1.00 33.25 ? 81  VAL A CG2 1 
ATOM   306 N  N   . LEU A 1 44 ? -3.339  -5.644  0.786   1.00 25.24 ? 82  LEU A N   1 
ATOM   307 C  CA  . LEU A 1 44 ? -2.085  -4.965  0.475   1.00 22.14 ? 82  LEU A CA  1 
ATOM   308 C  C   . LEU A 1 44 ? -0.890  -5.877  0.709   1.00 27.60 ? 82  LEU A C   1 
ATOM   309 O  O   . LEU A 1 44 ? 0.066   -5.872  -0.081  1.00 27.05 ? 82  LEU A O   1 
ATOM   310 C  CB  . LEU A 1 44 ? -1.948  -3.690  1.304   1.00 27.28 ? 82  LEU A CB  1 
ATOM   311 C  CG  . LEU A 1 44 ? -2.885  -2.508  1.074   1.00 33.90 ? 82  LEU A CG  1 
ATOM   312 C  CD1 . LEU A 1 44 ? -2.319  -1.275  1.761   1.00 38.76 ? 82  LEU A CD1 1 
ATOM   313 C  CD2 . LEU A 1 44 ? -3.071  -2.251  -0.402  1.00 40.72 ? 82  LEU A CD2 1 
ATOM   314 N  N   . ILE A 1 45 ? -0.906  -6.649  1.799   1.00 27.41 ? 83  ILE A N   1 
ATOM   315 C  CA  . ILE A 1 45 ? 0.201   -7.562  2.080   1.00 32.31 ? 83  ILE A CA  1 
ATOM   316 C  C   . ILE A 1 45 ? 0.346   -8.571  0.952   1.00 30.95 ? 83  ILE A C   1 
ATOM   317 O  O   . ILE A 1 45 ? 1.436   -8.771  0.410   1.00 31.98 ? 83  ILE A O   1 
ATOM   318 C  CB  . ILE A 1 45 ? -0.007  -8.264  3.435   1.00 27.60 ? 83  ILE A CB  1 
ATOM   319 C  CG1 . ILE A 1 45 ? 0.135   -7.278  4.584   1.00 24.51 ? 83  ILE A CG1 1 
ATOM   320 C  CG2 . ILE A 1 45 ? 0.959   -9.426  3.608   1.00 30.82 ? 83  ILE A CG2 1 
ATOM   321 C  CD1 . ILE A 1 45 ? -0.297  -7.846  5.935   1.00 24.29 ? 83  ILE A CD1 1 
ATOM   322 N  N   . GLU A 1 46 ? -0.760  -9.205  0.565   1.00 26.21 ? 84  GLU A N   1 
ATOM   323 C  CA  A GLU A 1 46 ? -0.672  -10.240 -0.462  0.50 31.49 ? 84  GLU A CA  1 
ATOM   324 C  CA  B GLU A 1 46 ? -0.683  -10.239 -0.463  0.50 31.49 ? 84  GLU A CA  1 
ATOM   325 C  C   . GLU A 1 46 ? -0.286  -9.652  -1.812  1.00 32.75 ? 84  GLU A C   1 
ATOM   326 O  O   . GLU A 1 46 ? 0.461   -10.279 -2.568  1.00 36.15 ? 84  GLU A O   1 
ATOM   327 C  CB  A GLU A 1 46 ? -1.985  -11.013 -0.564  0.50 37.81 ? 84  GLU A CB  1 
ATOM   328 C  CB  B GLU A 1 46 ? -2.015  -10.983 -0.554  0.50 37.80 ? 84  GLU A CB  1 
ATOM   329 C  CG  A GLU A 1 46 ? -1.916  -12.204 -1.520  0.50 39.83 ? 84  GLU A CG  1 
ATOM   330 C  CG  B GLU A 1 46 ? -2.389  -11.690 0.744   0.50 33.34 ? 84  GLU A CG  1 
ATOM   331 C  CD  A GLU A 1 46 ? -0.696  -13.088 -1.280  0.50 46.39 ? 84  GLU A CD  1 
ATOM   332 C  CD  B GLU A 1 46 ? -3.678  -12.492 0.642   0.50 43.99 ? 84  GLU A CD  1 
ATOM   333 O  OE1 A GLU A 1 46 ? -0.327  -13.304 -0.107  0.50 39.30 ? 84  GLU A OE1 1 
ATOM   334 O  OE1 B GLU A 1 46 ? -4.242  -12.591 -0.467  0.50 44.45 ? 84  GLU A OE1 1 
ATOM   335 O  OE2 A GLU A 1 46 ? -0.098  -13.563 -2.269  0.50 46.81 ? 84  GLU A OE2 1 
ATOM   336 O  OE2 B GLU A 1 46 ? -4.125  -13.025 1.680   0.50 47.65 ? 84  GLU A OE2 1 
ATOM   337 N  N   . TRP A 1 47 ? -0.767  -8.446  -2.126  1.00 27.84 ? 85  TRP A N   1 
ATOM   338 C  CA  . TRP A 1 47 ? -0.329  -7.805  -3.361  1.00 23.76 ? 85  TRP A CA  1 
ATOM   339 C  C   . TRP A 1 47 ? 1.170   -7.512  -3.328  1.00 27.21 ? 85  TRP A C   1 
ATOM   340 O  O   . TRP A 1 47 ? 1.876   -7.748  -4.322  1.00 31.03 ? 85  TRP A O   1 
ATOM   341 C  CB  . TRP A 1 47 ? -1.132  -6.523  -3.623  1.00 28.94 ? 85  TRP A CB  1 
ATOM   342 C  CG  . TRP A 1 47 ? -0.603  -5.734  -4.779  1.00 32.27 ? 85  TRP A CG  1 
ATOM   343 C  CD1 . TRP A 1 47 ? -0.532  -6.129  -6.087  1.00 30.92 ? 85  TRP A CD1 1 
ATOM   344 C  CD2 . TRP A 1 47 ? -0.061  -4.408  -4.733  1.00 26.02 ? 85  TRP A CD2 1 
ATOM   345 N  NE1 . TRP A 1 47 ? 0.024   -5.136  -6.854  1.00 32.60 ? 85  TRP A NE1 1 
ATOM   346 C  CE2 . TRP A 1 47 ? 0.326   -4.070  -6.048  1.00 28.87 ? 85  TRP A CE2 1 
ATOM   347 C  CE3 . TRP A 1 47 ? 0.142   -3.479  -3.711  1.00 37.64 ? 85  TRP A CE3 1 
ATOM   348 C  CZ2 . TRP A 1 47 ? 0.897   -2.846  -6.362  1.00 35.66 ? 85  TRP A CZ2 1 
ATOM   349 C  CZ3 . TRP A 1 47 ? 0.716   -2.261  -4.028  1.00 47.30 ? 85  TRP A CZ3 1 
ATOM   350 C  CH2 . TRP A 1 47 ? 1.082   -1.954  -5.343  1.00 46.63 ? 85  TRP A CH2 1 
ATOM   351 N  N   . LEU A 1 48 ? 1.679   -6.996  -2.207  1.00 28.09 ? 86  LEU A N   1 
ATOM   352 C  CA  . LEU A 1 48 ? 3.108   -6.698  -2.136  1.00 26.74 ? 86  LEU A CA  1 
ATOM   353 C  C   . LEU A 1 48 ? 3.944   -7.969  -2.143  1.00 32.16 ? 86  LEU A C   1 
ATOM   354 O  O   . LEU A 1 48 ? 5.030   -7.990  -2.736  1.00 34.35 ? 86  LEU A O   1 
ATOM   355 C  CB  . LEU A 1 48 ? 3.404   -5.842  -0.901  1.00 28.87 ? 86  LEU A CB  1 
ATOM   356 C  CG  . LEU A 1 48 ? 2.818   -4.427  -0.971  1.00 29.90 ? 86  LEU A CG  1 
ATOM   357 C  CD1 . LEU A 1 48 ? 2.901   -3.717  0.377   1.00 29.17 ? 86  LEU A CD1 1 
ATOM   358 C  CD2 . LEU A 1 48 ? 3.498   -3.597  -2.065  1.00 30.13 ? 86  LEU A CD2 1 
ATOM   359 N  N   . GLN A 1 49 ? 3.438   -9.048  -1.542  1.00 37.00 ? 87  GLN A N   1 
ATOM   360 C  CA  . GLN A 1 49 ? 4.133   -10.328 -1.475  1.00 41.06 ? 87  GLN A CA  1 
ATOM   361 C  C   . GLN A 1 49 ? 3.783   -11.261 -2.629  1.00 42.81 ? 87  GLN A C   1 
ATOM   362 O  O   . GLN A 1 49 ? 3.985   -12.475 -2.510  1.00 57.81 ? 87  GLN A O   1 
ATOM   363 C  CB  . GLN A 1 49 ? 3.832   -11.036 -0.150  1.00 40.53 ? 87  GLN A CB  1 
ATOM   364 C  CG  . GLN A 1 49 ? 4.107   -10.209 1.094   1.00 39.63 ? 87  GLN A CG  1 
ATOM   365 C  CD  . GLN A 1 49 ? 4.602   -11.046 2.255   1.00 57.63 ? 87  GLN A CD  1 
ATOM   366 O  OE1 . GLN A 1 49 ? 3.819   -11.491 3.095   1.00 65.73 ? 87  GLN A OE1 1 
ATOM   367 N  NE2 . GLN A 1 49 ? 5.912   -11.260 2.312   1.00 57.96 ? 87  GLN A NE2 1 
ATOM   368 N  N   . ASN A 1 50 ? 3.258   -10.739 -3.730  1.00 43.80 ? 88  ASN A N   1 
ATOM   369 C  CA  . ASN A 1 50 ? 2.962   -11.589 -4.879  1.00 45.53 ? 88  ASN A CA  1 
ATOM   370 C  C   . ASN A 1 50 ? 3.915   -11.294 -6.032  1.00 55.80 ? 88  ASN A C   1 
ATOM   371 O  O   . ASN A 1 50 ? 4.087   -12.122 -6.928  1.00 66.03 ? 88  ASN A O   1 
ATOM   372 C  CB  . ASN A 1 50 ? 1.512   -11.411 -5.333  1.00 44.56 ? 88  ASN A CB  1 
ATOM   373 N  N   . SER B 1 7  ? -2.979  11.102  10.202  1.00 63.41 ? 45  SER B N   1 
ATOM   374 C  CA  . SER B 1 7  ? -3.597  9.781   10.177  1.00 47.28 ? 45  SER B CA  1 
ATOM   375 C  C   . SER B 1 7  ? -4.715  9.712   9.144   1.00 42.83 ? 45  SER B C   1 
ATOM   376 O  O   . SER B 1 7  ? -4.851  8.716   8.441   1.00 44.80 ? 45  SER B O   1 
ATOM   377 C  CB  . SER B 1 7  ? -4.144  9.413   11.560  1.00 57.42 ? 45  SER B CB  1 
ATOM   378 O  OG  . SER B 1 7  ? -4.740  8.128   11.549  1.00 57.32 ? 45  SER B OG  1 
ATOM   379 N  N   . LEU B 1 8  ? -5.514  10.780  9.058   1.00 45.75 ? 46  LEU B N   1 
ATOM   380 C  CA  . LEU B 1 8  ? -6.653  10.778  8.144   1.00 57.32 ? 46  LEU B CA  1 
ATOM   381 C  C   . LEU B 1 8  ? -6.203  10.689  6.689   1.00 51.41 ? 46  LEU B C   1 
ATOM   382 O  O   . LEU B 1 8  ? -6.821  9.980   5.886   1.00 45.06 ? 46  LEU B O   1 
ATOM   383 C  CB  . LEU B 1 8  ? -7.513  12.024  8.370   1.00 42.71 ? 46  LEU B CB  1 
ATOM   384 N  N   . ARG B 1 9  ? -5.126  11.391  6.327   1.00 47.24 ? 47  ARG B N   1 
ATOM   385 C  CA  . ARG B 1 9  ? -4.673  11.336  4.940   1.00 35.10 ? 47  ARG B CA  1 
ATOM   386 C  C   . ARG B 1 9  ? -4.133  9.958   4.591   1.00 38.12 ? 47  ARG B C   1 
ATOM   387 O  O   . ARG B 1 9  ? -4.443  9.411   3.526   1.00 38.90 ? 47  ARG B O   1 
ATOM   388 C  CB  . ARG B 1 9  ? -3.611  12.395  4.662   1.00 43.49 ? 47  ARG B CB  1 
ATOM   389 C  CG  . ARG B 1 9  ? -2.909  12.147  3.325   1.00 49.57 ? 47  ARG B CG  1 
ATOM   390 C  CD  . ARG B 1 9  ? -2.555  13.433  2.589   1.00 63.94 ? 47  ARG B CD  1 
ATOM   391 N  NE  . ARG B 1 9  ? -2.586  13.273  1.137   1.00 76.75 ? 47  ARG B NE  1 
ATOM   392 C  CZ  . ARG B 1 9  ? -1.533  12.991  0.380   1.00 75.79 ? 47  ARG B CZ  1 
ATOM   393 N  NH1 . ARG B 1 9  ? -0.331  12.807  0.906   1.00 67.11 ? 47  ARG B NH1 1 
ATOM   394 N  NH2 . ARG B 1 9  ? -1.690  12.894  -0.939  1.00 68.92 ? 47  ARG B NH2 1 
ATOM   395 N  N   . ALA B 1 10 ? -3.308  9.383   5.470   1.00 38.22 ? 48  ALA B N   1 
ATOM   396 C  CA  . ALA B 1 10 ? -2.757  8.065   5.187   1.00 35.26 ? 48  ALA B CA  1 
ATOM   397 C  C   . ALA B 1 10 ? -3.852  7.007   5.172   1.00 31.92 ? 48  ALA B C   1 
ATOM   398 O  O   . ALA B 1 10 ? -3.820  6.087   4.347   1.00 31.23 ? 48  ALA B O   1 
ATOM   399 C  CB  . ALA B 1 10 ? -1.673  7.719   6.206   1.00 36.17 ? 48  ALA B CB  1 
ATOM   400 N  N   . LEU B 1 11 ? -4.836  7.126   6.072   1.00 29.57 ? 49  LEU B N   1 
ATOM   401 C  CA  . LEU B 1 11 ? -5.975  6.209   6.041   1.00 29.31 ? 49  LEU B CA  1 
ATOM   402 C  C   . LEU B 1 11 ? -6.702  6.284   4.706   1.00 37.86 ? 49  LEU B C   1 
ATOM   403 O  O   . LEU B 1 11 ? -7.111  5.254   4.153   1.00 37.95 ? 49  LEU B O   1 
ATOM   404 C  CB  . LEU B 1 11 ? -6.945  6.518   7.181   1.00 37.68 ? 49  LEU B CB  1 
ATOM   405 C  CG  . LEU B 1 11 ? -6.599  5.938   8.549   1.00 35.85 ? 49  LEU B CG  1 
ATOM   406 C  CD1 . LEU B 1 11 ? -7.686  6.261   9.574   1.00 36.07 ? 49  LEU B CD1 1 
ATOM   407 C  CD2 . LEU B 1 11 ? -6.365  4.434   8.458   1.00 33.72 ? 49  LEU B CD2 1 
ATOM   408 N  N   . HIS B 1 12 ? -6.882  7.495   4.180   1.00 40.87 ? 50  HIS B N   1 
ATOM   409 C  CA  . HIS B 1 12 ? -7.517  7.648   2.876   1.00 34.90 ? 50  HIS B CA  1 
ATOM   410 C  C   . HIS B 1 12 ? -6.655  7.065   1.768   1.00 37.53 ? 50  HIS B C   1 
ATOM   411 O  O   . HIS B 1 12 ? -7.178  6.451   0.830   1.00 35.55 ? 50  HIS B O   1 
ATOM   412 C  CB  . HIS B 1 12 ? -7.812  9.123   2.611   1.00 36.64 ? 50  HIS B CB  1 
ATOM   413 C  CG  . HIS B 1 12 ? -8.862  9.688   3.512   1.00 56.32 ? 50  HIS B CG  1 
ATOM   414 N  ND1 . HIS B 1 12 ? -9.258  11.007  3.463   1.00 66.18 ? 50  HIS B ND1 1 
ATOM   415 C  CD2 . HIS B 1 12 ? -9.599  9.107   4.487   1.00 60.36 ? 50  HIS B CD2 1 
ATOM   416 C  CE1 . HIS B 1 12 ? -10.196 11.214  4.371   1.00 69.46 ? 50  HIS B CE1 1 
ATOM   417 N  NE2 . HIS B 1 12 ? -10.421 10.078  5.006   1.00 70.46 ? 50  HIS B NE2 1 
ATOM   418 N  N   . LEU B 1 13 ? -5.336  7.263   1.849   1.00 32.24 ? 51  LEU B N   1 
ATOM   419 C  CA  . LEU B 1 13 ? -4.438  6.702   0.846   1.00 34.88 ? 51  LEU B CA  1 
ATOM   420 C  C   . LEU B 1 13 ? -4.564  5.192   0.807   1.00 31.34 ? 51  LEU B C   1 
ATOM   421 O  O   . LEU B 1 13 ? -4.664  4.585   -0.264  1.00 25.26 ? 51  LEU B O   1 
ATOM   422 C  CB  . LEU B 1 13 ? -2.987  7.092   1.143   1.00 26.57 ? 51  LEU B CB  1 
ATOM   423 C  CG  . LEU B 1 13 ? -2.518  8.538   1.039   1.00 43.98 ? 51  LEU B CG  1 
ATOM   424 C  CD1 . LEU B 1 13 ? -1.013  8.495   0.936   1.00 38.44 ? 51  LEU B CD1 1 
ATOM   425 C  CD2 . LEU B 1 13 ? -3.121  9.260   -0.157  1.00 43.75 ? 51  LEU B CD2 1 
ATOM   426 N  N   . VAL B 1 14 ? -4.592  4.565   1.979   1.00 24.68 ? 52  VAL B N   1 
ATOM   427 C  CA  . VAL B 1 14 ? -4.648  3.114   2.023   1.00 23.60 ? 52  VAL B CA  1 
ATOM   428 C  C   . VAL B 1 14 ? -5.983  2.616   1.483   1.00 24.98 ? 52  VAL B C   1 
ATOM   429 O  O   . VAL B 1 14 ? -6.040  1.608   0.776   1.00 24.78 ? 52  VAL B O   1 
ATOM   430 C  CB  . VAL B 1 14 ? -4.389  2.639   3.465   1.00 30.30 ? 52  VAL B CB  1 
ATOM   431 C  CG1 . VAL B 1 14 ? -4.801  1.202   3.642   1.00 39.46 ? 52  VAL B CG1 1 
ATOM   432 C  CG2 . VAL B 1 14 ? -2.916  2.816   3.810   1.00 26.22 ? 52  VAL B CG2 1 
ATOM   433 N  N   . GLU B 1 15 ? -7.068  3.320   1.808   1.00 25.37 ? 53  GLU B N   1 
ATOM   434 C  CA  . GLU B 1 15 ? -8.386  2.930   1.319   1.00 25.99 ? 53  GLU B CA  1 
ATOM   435 C  C   . GLU B 1 15 ? -8.485  3.099   -0.189  1.00 27.91 ? 53  GLU B C   1 
ATOM   436 O  O   . GLU B 1 15 ? -9.007  2.223   -0.885  1.00 30.88 ? 53  GLU B O   1 
ATOM   437 C  CB  . GLU B 1 15 ? -9.470  3.736   2.030   1.00 31.32 ? 53  GLU B CB  1 
ATOM   438 C  CG  . GLU B 1 15 ? -10.869 3.585   1.423   1.00 46.88 ? 53  GLU B CG  1 
ATOM   439 C  CD  . GLU B 1 15 ? -11.370 2.151   1.429   1.00 48.11 ? 53  GLU B CD  1 
ATOM   440 O  OE1 . GLU B 1 15 ? -10.871 1.336   2.241   1.00 50.15 ? 53  GLU B OE1 1 
ATOM   441 O  OE2 . GLU B 1 15 ? -12.268 1.839   0.616   1.00 51.29 ? 53  GLU B OE2 1 
ATOM   442 N  N   . ASP B 1 16 ? -7.991  4.225   -0.717  1.00 27.98 ? 54  ASP B N   1 
ATOM   443 C  CA  . ASP B 1 16 ? -8.027  4.416   -2.163  1.00 26.58 ? 54  ASP B CA  1 
ATOM   444 C  C   . ASP B 1 16 ? -7.217  3.351   -2.869  1.00 27.00 ? 54  ASP B C   1 
ATOM   445 O  O   . ASP B 1 16 ? -7.611  2.850   -3.927  1.00 30.11 ? 54  ASP B O   1 
ATOM   446 C  CB  . ASP B 1 16 ? -7.488  5.795   -2.537  1.00 28.14 ? 54  ASP B CB  1 
ATOM   447 C  CG  . ASP B 1 16 ? -8.461  6.906   -2.234  1.00 52.02 ? 54  ASP B CG  1 
ATOM   448 O  OD1 . ASP B 1 16 ? -9.385  6.692   -1.424  1.00 51.42 ? 54  ASP B OD1 1 
ATOM   449 O  OD2 . ASP B 1 16 ? -8.300  8.001   -2.815  1.00 60.57 ? 54  ASP B OD2 1 
ATOM   450 N  N   . LEU B 1 17 ? -6.043  3.041   -2.324  1.00 23.81 ? 55  LEU B N   1 
ATOM   451 C  CA  . LEU B 1 17 ? -5.206  2.013   -2.919  1.00 22.83 ? 55  LEU B CA  1 
ATOM   452 C  C   . LEU B 1 17 ? -5.924  0.670   -2.941  1.00 24.50 ? 55  LEU B C   1 
ATOM   453 O  O   . LEU B 1 17 ? -5.946  -0.014  -3.969  1.00 25.91 ? 55  LEU B O   1 
ATOM   454 C  CB  . LEU B 1 17 ? -3.886  1.948   -2.148  1.00 22.04 ? 55  LEU B CB  1 
ATOM   455 C  CG  . LEU B 1 17 ? -2.863  0.925   -2.573  1.00 21.16 ? 55  LEU B CG  1 
ATOM   456 C  CD1 . LEU B 1 17 ? -2.497  1.137   -4.045  1.00 21.45 ? 55  LEU B CD1 1 
ATOM   457 C  CD2 . LEU B 1 17 ? -1.642  1.124   -1.694  1.00 20.69 ? 55  LEU B CD2 1 
ATOM   458 N  N   . ARG B 1 18 ? -6.565  0.295   -1.829  1.00 22.87 ? 56  ARG B N   1 
ATOM   459 C  CA  . ARG B 1 18 ? -7.270  -0.975  -1.806  1.00 25.28 ? 56  ARG B CA  1 
ATOM   460 C  C   . ARG B 1 18 ? -8.365  -0.989  -2.854  1.00 30.86 ? 56  ARG B C   1 
ATOM   461 O  O   . ARG B 1 18 ? -8.550  -1.992  -3.548  1.00 29.12 ? 56  ARG B O   1 
ATOM   462 C  CB  . ARG B 1 18 ? -7.853  -1.231  -0.420  1.00 27.88 ? 56  ARG B CB  1 
ATOM   463 C  CG  . ARG B 1 18 ? -8.629  -2.535  -0.333  1.00 25.74 ? 56  ARG B CG  1 
ATOM   464 C  CD  . ARG B 1 18 ? -9.795  -2.422  0.632   1.00 27.12 ? 56  ARG B CD  1 
ATOM   465 N  NE  . ARG B 1 18 ? -10.768 -1.438  0.171   1.00 37.20 ? 56  ARG B NE  1 
ATOM   466 C  CZ  . ARG B 1 18 ? -11.708 -1.691  -0.732  1.00 49.29 ? 56  ARG B CZ  1 
ATOM   467 N  NH1 . ARG B 1 18 ? -11.814 -2.879  -1.302  1.00 43.94 ? 56  ARG B NH1 1 
ATOM   468 N  NH2 . ARG B 1 18 ? -12.564 -0.726  -1.071  1.00 46.03 ? 56  ARG B NH2 1 
ATOM   469 N  N   . GLY B 1 19 ? -9.069  0.136   -3.010  1.00 27.14 ? 57  GLY B N   1 
ATOM   470 C  CA  . GLY B 1 19 ? -10.159 0.190   -3.974  1.00 27.86 ? 57  GLY B CA  1 
ATOM   471 C  C   . GLY B 1 19 ? -9.670  0.088   -5.404  1.00 31.99 ? 57  GLY B C   1 
ATOM   472 O  O   . GLY B 1 19 ? -10.338 -0.505  -6.258  1.00 32.15 ? 57  GLY B O   1 
ATOM   473 N  N   . LEU B 1 20 ? -8.493  0.650   -5.683  1.00 25.12 ? 58  LEU B N   1 
ATOM   474 C  CA  . LEU B 1 20 ? -7.909  0.531   -7.016  1.00 27.92 ? 58  LEU B CA  1 
ATOM   475 C  C   . LEU B 1 20 ? -7.476  -0.903  -7.290  1.00 31.64 ? 58  LEU B C   1 
ATOM   476 O  O   . LEU B 1 20 ? -7.791  -1.467  -8.346  1.00 29.51 ? 58  LEU B O   1 
ATOM   477 C  CB  . LEU B 1 20 ? -6.720  1.490   -7.162  1.00 31.95 ? 58  LEU B CB  1 
ATOM   478 C  CG  . LEU B 1 20 ? -6.975  3.005   -7.175  1.00 31.23 ? 58  LEU B CG  1 
ATOM   479 C  CD1 . LEU B 1 20 ? -5.710  3.817   -7.463  1.00 30.32 ? 58  LEU B CD1 1 
ATOM   480 C  CD2 . LEU B 1 20 ? -8.063  3.360   -8.176  1.00 39.67 ? 58  LEU B CD2 1 
ATOM   481 N  N   . LEU B 1 21 ? -6.756  -1.512  -6.345  1.00 27.50 ? 59  LEU B N   1 
ATOM   482 C  CA  . LEU B 1 21 ? -6.246  -2.863  -6.560  1.00 23.77 ? 59  LEU B CA  1 
ATOM   483 C  C   . LEU B 1 21 ? -7.368  -3.864  -6.794  1.00 30.41 ? 59  LEU B C   1 
ATOM   484 O  O   . LEU B 1 21 ? -7.203  -4.811  -7.571  1.00 29.95 ? 59  LEU B O   1 
ATOM   485 C  CB  . LEU B 1 21 ? -5.400  -3.301  -5.369  1.00 23.58 ? 59  LEU B CB  1 
ATOM   486 C  CG  . LEU B 1 21 ? -4.035  -2.638  -5.258  1.00 24.82 ? 59  LEU B CG  1 
ATOM   487 C  CD1 . LEU B 1 21 ? -3.433  -2.851  -3.865  1.00 27.91 ? 59  LEU B CD1 1 
ATOM   488 C  CD2 . LEU B 1 21 ? -3.105  -3.185  -6.343  1.00 26.49 ? 59  LEU B CD2 1 
ATOM   489 N  N   . GLU B 1 22 ? -8.503  -3.698  -6.109  1.00 27.26 ? 60  GLU B N   1 
ATOM   490 C  CA  . GLU B 1 22 ? -9.576  -4.684  -6.216  1.00 31.77 ? 60  GLU B CA  1 
ATOM   491 C  C   . GLU B 1 22 ? -10.288 -4.610  -7.557  1.00 39.79 ? 60  GLU B C   1 
ATOM   492 O  O   . GLU B 1 22 ? -10.991 -5.558  -7.925  1.00 38.24 ? 60  GLU B O   1 
ATOM   493 C  CB  . GLU B 1 22 ? -10.578 -4.524  -5.061  1.00 45.24 ? 60  GLU B CB  1 
ATOM   494 C  CG  . GLU B 1 22 ? -10.008 -4.957  -3.697  1.00 51.21 ? 60  GLU B CG  1 
ATOM   495 C  CD  . GLU B 1 22 ? -11.057 -5.538  -2.747  1.00 65.24 ? 60  GLU B CD  1 
ATOM   496 O  OE1 . GLU B 1 22 ? -12.171 -5.880  -3.201  1.00 62.37 ? 60  GLU B OE1 1 
ATOM   497 O  OE2 . GLU B 1 22 ? -10.759 -5.655  -1.537  1.00 61.49 ? 60  GLU B OE2 1 
ATOM   498 N  N   . MET B 1 23 ? -10.097 -3.530  -8.305  1.00 30.90 ? 61  MET B N   1 
ATOM   499 C  CA  . MET B 1 23 ? -10.697 -3.388  -9.625  1.00 29.72 ? 61  MET B CA  1 
ATOM   500 C  C   . MET B 1 23 ? -9.748  -3.783  -10.750 1.00 29.07 ? 61  MET B C   1 
ATOM   501 O  O   . MET B 1 23 ? -10.134 -3.716  -11.924 1.00 33.49 ? 61  MET B O   1 
ATOM   502 C  CB  . MET B 1 23 ? -11.167 -1.943  -9.832  1.00 39.59 ? 61  MET B CB  1 
ATOM   503 C  CG  . MET B 1 23 ? -12.246 -1.518  -8.864  1.00 41.36 ? 61  MET B CG  1 
ATOM   504 S  SD  . MET B 1 23 ? -13.719 -2.541  -9.059  1.00 54.34 ? 61  MET B SD  1 
ATOM   505 C  CE  . MET B 1 23 ? -14.223 -2.757  -7.355  1.00 53.31 ? 61  MET B CE  1 
ATOM   506 N  N   . MET B 1 24 ? -8.518  -4.173  -10.427 1.00 30.09 ? 62  MET B N   1 
ATOM   507 C  CA  . MET B 1 24 ? -7.506  -4.440  -11.439 1.00 28.23 ? 62  MET B CA  1 
ATOM   508 C  C   . MET B 1 24 ? -7.533  -5.899  -11.878 1.00 29.22 ? 62  MET B C   1 
ATOM   509 O  O   . MET B 1 24 ? -7.760  -6.804  -11.068 1.00 36.87 ? 62  MET B O   1 
ATOM   510 C  CB  . MET B 1 24 ? -6.112  -4.100  -10.909 1.00 26.80 ? 62  MET B CB  1 
ATOM   511 C  CG  . MET B 1 24 ? -5.817  -2.623  -10.871 1.00 26.32 ? 62  MET B CG  1 
ATOM   512 S  SD  . MET B 1 24 ? -4.180  -2.291  -10.172 1.00 29.76 ? 62  MET B SD  1 
ATOM   513 C  CE  . MET B 1 24 ? -4.428  -0.592  -9.645  1.00 31.60 ? 62  MET B CE  1 
ATOM   514 N  N   . GLU B 1 25 ? -7.283  -6.122  -13.164 1.00 30.56 ? 63  GLU B N   1 
ATOM   515 C  CA  . GLU B 1 25 ? -6.977  -7.467  -13.614 1.00 34.67 ? 63  GLU B CA  1 
ATOM   516 C  C   . GLU B 1 25 ? -5.618  -7.905  -13.066 1.00 30.47 ? 63  GLU B C   1 
ATOM   517 O  O   . GLU B 1 25 ? -4.796  -7.093  -12.623 1.00 29.08 ? 63  GLU B O   1 
ATOM   518 C  CB  . GLU B 1 25 ? -7.001  -7.542  -15.142 1.00 33.99 ? 63  GLU B CB  1 
ATOM   519 C  CG  . GLU B 1 25 ? -8.382  -7.265  -15.747 1.00 36.00 ? 63  GLU B CG  1 
ATOM   520 C  CD  . GLU B 1 25 ? -8.493  -7.662  -17.210 1.00 50.24 ? 63  GLU B CD  1 
ATOM   521 O  OE1 . GLU B 1 25 ? -7.450  -7.929  -17.845 1.00 49.98 ? 63  GLU B OE1 1 
ATOM   522 O  OE2 . GLU B 1 25 ? -9.632  -7.707  -17.728 1.00 69.62 ? 63  GLU B OE2 1 
ATOM   523 N  N   . THR B 1 26 ? -5.388  -9.221  -13.100 1.00 33.51 ? 64  THR B N   1 
ATOM   524 C  CA  . THR B 1 26 ? -4.160  -9.771  -12.537 1.00 30.36 ? 64  THR B CA  1 
ATOM   525 C  C   . THR B 1 26 ? -2.923  -9.202  -13.223 1.00 30.36 ? 64  THR B C   1 
ATOM   526 O  O   . THR B 1 26 ? -1.933  -8.872  -12.556 1.00 32.91 ? 64  THR B O   1 
ATOM   527 C  CB  . THR B 1 26 ? -4.184  -11.298 -12.637 1.00 47.68 ? 64  THR B CB  1 
ATOM   528 O  OG1 . THR B 1 26 ? -5.196  -11.815 -11.763 1.00 52.96 ? 64  THR B OG1 1 
ATOM   529 C  CG2 . THR B 1 26 ? -2.845  -11.888 -12.250 1.00 42.74 ? 64  THR B CG2 1 
ATOM   530 N  N   . ASP B 1 27 ? -2.957  -9.063  -14.553 1.00 38.31 ? 65  ASP B N   1 
ATOM   531 C  CA  A ASP B 1 27 ? -1.797  -8.514  -15.251 0.50 36.96 ? 65  ASP B CA  1 
ATOM   532 C  CA  B ASP B 1 27 ? -1.799  -8.513  -15.253 0.50 36.97 ? 65  ASP B CA  1 
ATOM   533 C  C   . ASP B 1 27 ? -1.542  -7.061  -14.865 1.00 33.88 ? 65  ASP B C   1 
ATOM   534 O  O   . ASP B 1 27 ? -0.384  -6.625  -14.835 1.00 31.74 ? 65  ASP B O   1 
ATOM   535 C  CB  A ASP B 1 27 ? -1.962  -8.650  -16.771 0.50 36.77 ? 65  ASP B CB  1 
ATOM   536 C  CB  B ASP B 1 27 ? -1.979  -8.639  -16.770 0.50 36.76 ? 65  ASP B CB  1 
ATOM   537 C  CG  A ASP B 1 27 ? -2.957  -7.659  -17.355 0.50 40.71 ? 65  ASP B CG  1 
ATOM   538 C  CG  B ASP B 1 27 ? -1.582  -10.011 -17.299 0.50 40.32 ? 65  ASP B CG  1 
ATOM   539 O  OD1 A ASP B 1 27 ? -4.125  -7.645  -16.918 0.50 34.98 ? 65  ASP B OD1 1 
ATOM   540 O  OD1 B ASP B 1 27 ? -1.303  -10.919 -16.487 0.50 49.30 ? 65  ASP B OD1 1 
ATOM   541 O  OD2 A ASP B 1 27 ? -2.566  -6.889  -18.260 0.50 46.22 ? 65  ASP B OD2 1 
ATOM   542 O  OD2 B ASP B 1 27 ? -1.547  -10.183 -18.535 0.50 48.23 ? 65  ASP B OD2 1 
ATOM   543 N  N   . GLU B 1 28 ? -2.599  -6.299  -14.564 1.00 30.35 ? 66  GLU B N   1 
ATOM   544 C  CA  . GLU B 1 28 ? -2.414  -4.910  -14.145 1.00 29.76 ? 66  GLU B CA  1 
ATOM   545 C  C   . GLU B 1 28 ? -1.786  -4.828  -12.753 1.00 27.30 ? 66  GLU B C   1 
ATOM   546 O  O   . GLU B 1 28 ? -0.828  -4.073  -12.541 1.00 31.14 ? 66  GLU B O   1 
ATOM   547 C  CB  . GLU B 1 28 ? -3.750  -4.166  -14.177 1.00 29.31 ? 66  GLU B CB  1 
ATOM   548 N  N   . LYS B 1 29 ? -2.318  -5.598  -11.792 1.00 26.85 ? 67  LYS B N   1 
ATOM   549 C  CA  . LYS B 1 29 ? -1.786  -5.622  -10.426 1.00 27.87 ? 67  LYS B CA  1 
ATOM   550 C  C   . LYS B 1 29 ? -0.334  -6.063  -10.399 1.00 27.37 ? 67  LYS B C   1 
ATOM   551 O  O   . LYS B 1 29 ? 0.497   -5.484  -9.683  1.00 26.98 ? 67  LYS B O   1 
ATOM   552 C  CB  . LYS B 1 29 ? -2.619  -6.576  -9.558  1.00 34.89 ? 67  LYS B CB  1 
ATOM   553 C  CG  . LYS B 1 29 ? -3.686  -5.914  -8.729  1.00 41.50 ? 67  LYS B CG  1 
ATOM   554 C  CD  . LYS B 1 29 ? -4.295  -6.907  -7.744  1.00 31.19 ? 67  LYS B CD  1 
ATOM   555 C  CE  . LYS B 1 29 ? -4.660  -8.225  -8.416  1.00 44.79 ? 67  LYS B CE  1 
ATOM   556 N  NZ  . LYS B 1 29 ? -5.310  -9.170  -7.452  1.00 49.71 ? 67  LYS B NZ  1 
ATOM   557 N  N   . GLU B 1 30 ? -0.010  -7.106  -11.157 1.00 32.37 ? 68  GLU B N   1 
ATOM   558 C  CA  . GLU B 1 30 ? 1.351   -7.623  -11.140 1.00 26.09 ? 68  GLU B CA  1 
ATOM   559 C  C   . GLU B 1 30 ? 2.304   -6.694  -11.889 1.00 26.71 ? 68  GLU B C   1 
ATOM   560 O  O   . GLU B 1 30 ? 3.434   -6.466  -11.440 1.00 29.99 ? 68  GLU B O   1 
ATOM   561 C  CB  . GLU B 1 30 ? 1.365   -9.046  -11.704 1.00 34.91 ? 68  GLU B CB  1 
ATOM   562 C  CG  . GLU B 1 30 ? 0.614   -10.038 -10.802 1.00 35.62 ? 68  GLU B CG  1 
ATOM   563 C  CD  . GLU B 1 30 ? 0.508   -11.447 -11.374 1.00 47.89 ? 68  GLU B CD  1 
ATOM   564 O  OE1 . GLU B 1 30 ? 0.700   -11.621 -12.596 1.00 44.12 ? 68  GLU B OE1 1 
ATOM   565 O  OE2 . GLU B 1 30 ? 0.222   -12.387 -10.597 1.00 51.92 ? 68  GLU B OE2 1 
ATOM   566 N  N   . GLY B 1 31 ? 1.870   -6.144  -13.031 1.00 29.58 ? 69  GLY B N   1 
ATOM   567 C  CA  . GLY B 1 31 ? 2.666   -5.116  -13.688 1.00 33.53 ? 69  GLY B CA  1 
ATOM   568 C  C   . GLY B 1 31 ? 2.924   -3.913  -12.801 1.00 27.86 ? 69  GLY B C   1 
ATOM   569 O  O   . GLY B 1 31 ? 4.014   -3.335  -12.834 1.00 30.37 ? 69  GLY B O   1 
ATOM   570 N  N   . LEU B 1 32 ? 1.944   -3.540  -11.971 1.00 25.90 ? 70  LEU B N   1 
ATOM   571 C  CA  . LEU B 1 32 ? 2.156   -2.428  -11.054 1.00 24.83 ? 70  LEU B CA  1 
ATOM   572 C  C   . LEU B 1 32 ? 3.150   -2.806  -9.963  1.00 25.96 ? 70  LEU B C   1 
ATOM   573 O  O   . LEU B 1 32 ? 4.028   -2.010  -9.606  1.00 27.25 ? 70  LEU B O   1 
ATOM   574 C  CB  . LEU B 1 32 ? 0.823   -1.989  -10.452 1.00 29.73 ? 70  LEU B CB  1 
ATOM   575 C  CG  . LEU B 1 32 ? 0.868   -0.959  -9.322  1.00 28.16 ? 70  LEU B CG  1 
ATOM   576 C  CD1 . LEU B 1 32 ? 1.389   0.386   -9.820  1.00 38.02 ? 70  LEU B CD1 1 
ATOM   577 C  CD2 . LEU B 1 32 ? -0.512  -0.813  -8.728  1.00 32.97 ? 70  LEU B CD2 1 
ATOM   578 N  N   . ARG B 1 33 ? 3.033   -4.022  -9.428  1.00 24.91 ? 71  ARG B N   1 
ATOM   579 C  CA  . ARG B 1 33 ? 3.996   -4.490  -8.438  1.00 32.96 ? 71  ARG B CA  1 
ATOM   580 C  C   . ARG B 1 33 ? 5.415   -4.486  -8.990  1.00 29.76 ? 71  ARG B C   1 
ATOM   581 O  O   . ARG B 1 33 ? 6.364   -4.241  -8.235  1.00 32.16 ? 71  ARG B O   1 
ATOM   582 C  CB  . ARG B 1 33 ? 3.609   -5.886  -7.953  1.00 26.62 ? 71  ARG B CB  1 
ATOM   583 C  CG  . ARG B 1 33 ? 4.574   -6.489  -6.964  1.00 27.71 ? 71  ARG B CG  1 
ATOM   584 C  CD  . ARG B 1 33 ? 4.665   -5.657  -5.696  1.00 33.18 ? 71  ARG B CD  1 
ATOM   585 N  NE  . ARG B 1 33 ? 5.625   -6.240  -4.765  1.00 33.45 ? 71  ARG B NE  1 
ATOM   586 C  CZ  . ARG B 1 33 ? 6.939   -6.087  -4.854  1.00 33.57 ? 71  ARG B CZ  1 
ATOM   587 N  NH1 . ARG B 1 33 ? 7.492   -5.397  -5.838  1.00 33.46 ? 71  ARG B NH1 1 
ATOM   588 N  NH2 . ARG B 1 33 ? 7.722   -6.657  -3.941  1.00 39.82 ? 71  ARG B NH2 1 
ATOM   589 N  N   . CYS B 1 34 ? 5.581   -4.716  -10.304 1.00 24.88 ? 72  CYS B N   1 
ATOM   590 C  CA  . CYS B 1 34 ? 6.913   -4.699  -10.906 1.00 28.86 ? 72  CYS B CA  1 
ATOM   591 C  C   . CYS B 1 34 ? 7.582   -3.349  -10.735 1.00 28.43 ? 72  CYS B C   1 
ATOM   592 O  O   . CYS B 1 34 ? 8.812   -3.267  -10.691 1.00 32.13 ? 72  CYS B O   1 
ATOM   593 C  CB  . CYS B 1 34 ? 6.847   -5.010  -12.406 1.00 28.76 ? 72  CYS B CB  1 
ATOM   594 S  SG  . CYS B 1 34 ? 6.246   -6.627  -12.900 0.80 30.94 ? 72  CYS B SG  1 
ATOM   595 N  N   . GLN B 1 35 ? 6.790   -2.284  -10.669 1.00 27.17 ? 73  GLN B N   1 
ATOM   596 C  CA  . GLN B 1 35 ? 7.300   -0.926  -10.680 1.00 29.70 ? 73  GLN B CA  1 
ATOM   597 C  C   . GLN B 1 35 ? 7.541   -0.377  -9.284  1.00 34.45 ? 73  GLN B C   1 
ATOM   598 O  O   . GLN B 1 35 ? 7.956   0.776   -9.159  1.00 29.82 ? 73  GLN B O   1 
ATOM   599 C  CB  . GLN B 1 35 ? 6.334   -0.002  -11.427 1.00 35.47 ? 73  GLN B CB  1 
ATOM   600 C  CG  . GLN B 1 35 ? 6.277   -0.237  -12.924 1.00 42.19 ? 73  GLN B CG  1 
ATOM   601 C  CD  . GLN B 1 35 ? 5.447   0.810   -13.640 1.00 52.01 ? 73  GLN B CD  1 
ATOM   602 O  OE1 . GLN B 1 35 ? 4.238   0.918   -13.421 1.00 65.33 ? 73  GLN B OE1 1 
ATOM   603 N  NE2 . GLN B 1 35 ? 6.093   1.593   -14.497 1.00 62.12 ? 73  GLN B NE2 1 
ATOM   604 N  N   . ILE B 1 36 ? 7.282   -1.164  -8.245  1.00 32.78 ? 74  ILE B N   1 
ATOM   605 C  CA  . ILE B 1 36 ? 7.512   -0.744  -6.865  1.00 28.00 ? 74  ILE B CA  1 
ATOM   606 C  C   . ILE B 1 36 ? 8.919   -1.162  -6.467  1.00 24.22 ? 74  ILE B C   1 
ATOM   607 O  O   . ILE B 1 36 ? 9.256   -2.356  -6.570  1.00 24.71 ? 74  ILE B O   1 
ATOM   608 C  CB  . ILE B 1 36 ? 6.490   -1.369  -5.906  1.00 25.66 ? 74  ILE B CB  1 
ATOM   609 C  CG1 . ILE B 1 36 ? 5.063   -1.197  -6.429  1.00 28.96 ? 74  ILE B CG1 1 
ATOM   610 C  CG2 . ILE B 1 36 ? 6.645   -0.779  -4.504  1.00 31.56 ? 74  ILE B CG2 1 
ATOM   611 C  CD1 . ILE B 1 36 ? 4.619   0.212   -6.427  1.00 32.55 ? 74  ILE B CD1 1 
ATOM   612 N  N   . PRO B 1 37 ? 9.766   -0.248  -5.995  1.00 24.75 ? 75  PRO B N   1 
ATOM   613 C  CA  . PRO B 1 37 ? 11.085  -0.669  -5.520  1.00 29.91 ? 75  PRO B CA  1 
ATOM   614 C  C   . PRO B 1 37 ? 10.942  -1.702  -4.417  1.00 33.72 ? 75  PRO B C   1 
ATOM   615 O  O   . PRO B 1 37 ? 10.000  -1.655  -3.619  1.00 29.77 ? 75  PRO B O   1 
ATOM   616 C  CB  . PRO B 1 37 ? 11.716  0.624   -4.990  1.00 27.49 ? 75  PRO B CB  1 
ATOM   617 C  CG  . PRO B 1 37 ? 10.950  1.710   -5.625  1.00 27.00 ? 75  PRO B CG  1 
ATOM   618 C  CD  . PRO B 1 37 ? 9.565   1.206   -5.859  1.00 23.94 ? 75  PRO B CD  1 
ATOM   619 N  N   . ASP B 1 38 ? 11.877  -2.654  -4.396  1.00 31.02 ? 76  ASP B N   1 
ATOM   620 C  CA  . ASP B 1 38 ? 11.855  -3.678  -3.358  1.00 31.75 ? 76  ASP B CA  1 
ATOM   621 C  C   . ASP B 1 38 ? 11.956  -3.058  -1.967  1.00 31.76 ? 76  ASP B C   1 
ATOM   622 O  O   . ASP B 1 38 ? 11.258  -3.487  -1.039  1.00 30.04 ? 76  ASP B O   1 
ATOM   623 C  CB  . ASP B 1 38 ? 12.977  -4.691  -3.596  1.00 36.02 ? 76  ASP B CB  1 
ATOM   624 C  CG  . ASP B 1 38 ? 12.696  -5.611  -4.778  1.00 43.82 ? 76  ASP B CG  1 
ATOM   625 O  OD1 . ASP B 1 38 ? 11.505  -5.889  -5.051  1.00 41.55 ? 76  ASP B OD1 1 
ATOM   626 O  OD2 . ASP B 1 38 ? 13.663  -6.062  -5.431  1.00 63.13 ? 76  ASP B OD2 1 
ATOM   627 N  N   . SER B 1 39 ? 12.800  -2.030  -1.803  1.00 32.19 ? 77  SER B N   1 
ATOM   628 C  CA  . SER B 1 39 ? 12.913  -1.383  -0.497  1.00 27.74 ? 77  SER B CA  1 
ATOM   629 C  C   . SER B 1 39 ? 11.591  -0.763  -0.045  1.00 30.74 ? 77  SER B C   1 
ATOM   630 O  O   . SER B 1 39 ? 11.290  -0.759  1.156   1.00 33.37 ? 77  SER B O   1 
ATOM   631 C  CB  . SER B 1 39 ? 14.024  -0.326  -0.522  1.00 34.24 ? 77  SER B CB  1 
ATOM   632 O  OG  . SER B 1 39 ? 13.674  0.762   -1.365  1.00 40.76 ? 77  SER B OG  1 
ATOM   633 N  N   . THR B 1 40 ? 10.788  -0.239  -0.977  1.00 26.75 ? 78  THR B N   1 
ATOM   634 C  CA  . THR B 1 40 ? 9.480   0.286   -0.611  1.00 29.28 ? 78  THR B CA  1 
ATOM   635 C  C   . THR B 1 40 ? 8.538   -0.838  -0.223  1.00 25.87 ? 78  THR B C   1 
ATOM   636 O  O   . THR B 1 40 ? 7.832   -0.753  0.792   1.00 27.79 ? 78  THR B O   1 
ATOM   637 C  CB  . THR B 1 40 ? 8.890   1.091   -1.768  1.00 25.41 ? 78  THR B CB  1 
ATOM   638 O  OG1 . THR B 1 40 ? 9.687   2.261   -1.968  1.00 31.87 ? 78  THR B OG1 1 
ATOM   639 C  CG2 . THR B 1 40 ? 7.462   1.506   -1.454  1.00 23.83 ? 78  THR B CG2 1 
ATOM   640 N  N   . ALA B 1 41 ? 8.527   -1.912  -1.013  1.00 20.89 ? 79  ALA B N   1 
ATOM   641 C  CA  . ALA B 1 41 ? 7.646   -3.039  -0.715  1.00 20.34 ? 79  ALA B CA  1 
ATOM   642 C  C   . ALA B 1 41 ? 7.970   -3.625  0.651   1.00 26.53 ? 79  ALA B C   1 
ATOM   643 O  O   . ALA B 1 41 ? 7.063   -4.000  1.408   1.00 27.18 ? 79  ALA B O   1 
ATOM   644 C  CB  . ALA B 1 41 ? 7.780   -4.122  -1.784  1.00 26.25 ? 79  ALA B CB  1 
ATOM   645 N  N   . GLU B 1 42 ? 9.262   -3.696  0.983   1.00 23.09 ? 80  GLU B N   1 
ATOM   646 C  CA  A GLU B 1 42 ? 9.672   -4.305  2.244   0.50 24.68 ? 80  GLU B CA  1 
ATOM   647 C  CA  B GLU B 1 42 ? 9.670   -4.309  2.244   0.50 24.68 ? 80  GLU B CA  1 
ATOM   648 C  C   . GLU B 1 42 ? 9.266   -3.446  3.435   1.00 26.31 ? 80  GLU B C   1 
ATOM   649 O  O   . GLU B 1 42 ? 8.857   -3.978  4.477   1.00 28.63 ? 80  GLU B O   1 
ATOM   650 C  CB  A GLU B 1 42 ? 11.182  -4.542  2.241   0.50 29.76 ? 80  GLU B CB  1 
ATOM   651 C  CB  B GLU B 1 42 ? 11.181  -4.567  2.237   0.50 29.76 ? 80  GLU B CB  1 
ATOM   652 C  CG  A GLU B 1 42 ? 11.721  -5.059  3.556   0.50 28.95 ? 80  GLU B CG  1 
ATOM   653 C  CG  B GLU B 1 42 ? 11.604  -5.758  1.376   0.50 29.20 ? 80  GLU B CG  1 
ATOM   654 C  CD  A GLU B 1 42 ? 13.211  -5.275  3.513   0.50 35.95 ? 80  GLU B CD  1 
ATOM   655 C  CD  B GLU B 1 42 ? 13.037  -5.651  0.885   0.50 34.01 ? 80  GLU B CD  1 
ATOM   656 O  OE1 A GLU B 1 42 ? 13.724  -5.597  2.421   0.50 35.33 ? 80  GLU B OE1 1 
ATOM   657 O  OE1 B GLU B 1 42 ? 13.801  -4.854  1.465   0.50 33.85 ? 80  GLU B OE1 1 
ATOM   658 O  OE2 A GLU B 1 42 ? 13.870  -5.111  4.558   0.50 35.98 ? 80  GLU B OE2 1 
ATOM   659 O  OE2 B GLU B 1 42 ? 13.402  -6.362  -0.078  0.50 30.67 ? 80  GLU B OE2 1 
ATOM   660 N  N   . VAL B 1 43 ? 9.380   -2.119  3.305   1.00 23.16 ? 81  VAL B N   1 
ATOM   661 C  CA  . VAL B 1 43 ? 8.945   -1.233  4.389   1.00 30.23 ? 81  VAL B CA  1 
ATOM   662 C  C   . VAL B 1 43 ? 7.457   -1.409  4.643   1.00 25.02 ? 81  VAL B C   1 
ATOM   663 O  O   . VAL B 1 43 ? 7.000   -1.535  5.790   1.00 27.22 ? 81  VAL B O   1 
ATOM   664 C  CB  . VAL B 1 43 ? 9.280   0.230   4.051   1.00 34.67 ? 81  VAL B CB  1 
ATOM   665 C  CG1 . VAL B 1 43 ? 8.559   1.174   5.009   1.00 40.28 ? 81  VAL B CG1 1 
ATOM   666 C  CG2 . VAL B 1 43 ? 10.770  0.445   4.117   1.00 29.68 ? 81  VAL B CG2 1 
ATOM   667 N  N   . LEU B 1 44 ? 6.672   -1.403  3.569   1.00 24.38 ? 82  LEU B N   1 
ATOM   668 C  CA  . LEU B 1 44 ? 5.225   -1.473  3.712   1.00 19.30 ? 82  LEU B CA  1 
ATOM   669 C  C   . LEU B 1 44 ? 4.787   -2.835  4.251   1.00 26.58 ? 82  LEU B C   1 
ATOM   670 O  O   . LEU B 1 44 ? 3.932   -2.911  5.142   1.00 25.14 ? 82  LEU B O   1 
ATOM   671 C  CB  . LEU B 1 44 ? 4.565   -1.167  2.369   1.00 21.97 ? 82  LEU B CB  1 
ATOM   672 C  CG  . LEU B 1 44 ? 4.699   0.282   1.899   1.00 24.40 ? 82  LEU B CG  1 
ATOM   673 C  CD1 . LEU B 1 44 ? 3.972   0.421   0.577   1.00 29.77 ? 82  LEU B CD1 1 
ATOM   674 C  CD2 . LEU B 1 44 ? 4.105   1.228   2.923   1.00 31.54 ? 82  LEU B CD2 1 
ATOM   675 N  N   . ILE B 1 45 ? 5.392   -3.918  3.755   1.00 24.31 ? 83  ILE B N   1 
ATOM   676 C  CA  . ILE B 1 45 ? 5.034   -5.252  4.228   1.00 24.58 ? 83  ILE B CA  1 
ATOM   677 C  C   . ILE B 1 45 ? 5.291   -5.366  5.721   1.00 26.42 ? 83  ILE B C   1 
ATOM   678 O  O   . ILE B 1 45 ? 4.443   -5.841  6.485   1.00 30.05 ? 83  ILE B O   1 
ATOM   679 C  CB  . ILE B 1 45 ? 5.814   -6.327  3.454   1.00 25.33 ? 83  ILE B CB  1 
ATOM   680 C  CG1 . ILE B 1 45 ? 5.352   -6.396  2.004   1.00 29.97 ? 83  ILE B CG1 1 
ATOM   681 C  CG2 . ILE B 1 45 ? 5.683   -7.673  4.127   1.00 33.31 ? 83  ILE B CG2 1 
ATOM   682 C  CD1 . ILE B 1 45 ? 6.161   -7.360  1.189   1.00 27.62 ? 83  ILE B CD1 1 
ATOM   683 N  N   . GLU B 1 46 ? 6.470   -4.930  6.166   1.00 25.50 ? 84  GLU B N   1 
ATOM   684 C  CA  . GLU B 1 46 ? 6.790   -5.086  7.579   1.00 24.66 ? 84  GLU B CA  1 
ATOM   685 C  C   . GLU B 1 46 ? 5.882   -4.225  8.434   1.00 24.53 ? 84  GLU B C   1 
ATOM   686 O  O   . GLU B 1 46 ? 5.499   -4.625  9.539   1.00 28.71 ? 84  GLU B O   1 
ATOM   687 C  CB  . GLU B 1 46 ? 8.250   -4.739  7.825   1.00 27.09 ? 84  GLU B CB  1 
ATOM   688 C  CG  . GLU B 1 46 ? 9.210   -5.758  7.247   1.00 37.23 ? 84  GLU B CG  1 
ATOM   689 C  CD  . GLU B 1 46 ? 10.648  -5.496  7.644   1.00 50.23 ? 84  GLU B CD  1 
ATOM   690 O  OE1 . GLU B 1 46 ? 10.900  -4.503  8.364   1.00 52.40 ? 84  GLU B OE1 1 
ATOM   691 O  OE2 . GLU B 1 46 ? 11.526  -6.286  7.236   1.00 48.21 ? 84  GLU B OE2 1 
ATOM   692 N  N   . TRP B 1 47 ? 5.538   -3.032  7.945   1.00 23.01 ? 85  TRP B N   1 
ATOM   693 C  CA  . TRP B 1 47 ? 4.635   -2.168  8.693   1.00 26.58 ? 85  TRP B CA  1 
ATOM   694 C  C   . TRP B 1 47 ? 3.254   -2.800  8.800   1.00 30.27 ? 85  TRP B C   1 
ATOM   695 O  O   . TRP B 1 47 ? 2.638   -2.808  9.873   1.00 30.73 ? 85  TRP B O   1 
ATOM   696 C  CB  . TRP B 1 47 ? 4.558   -0.802  8.016   1.00 25.24 ? 85  TRP B CB  1 
ATOM   697 C  CG  . TRP B 1 47 ? 3.431   0.046   8.531   1.00 26.37 ? 85  TRP B CG  1 
ATOM   698 C  CD1 . TRP B 1 47 ? 3.296   0.556   9.798   1.00 31.99 ? 85  TRP B CD1 1 
ATOM   699 C  CD2 . TRP B 1 47 ? 2.295   0.499   7.790   1.00 23.33 ? 85  TRP B CD2 1 
ATOM   700 N  NE1 . TRP B 1 47 ? 2.123   1.277   9.890   1.00 26.98 ? 85  TRP B NE1 1 
ATOM   701 C  CE2 . TRP B 1 47 ? 1.498   1.267   8.670   1.00 31.34 ? 85  TRP B CE2 1 
ATOM   702 C  CE3 . TRP B 1 47 ? 1.867   0.326   6.470   1.00 29.08 ? 85  TRP B CE3 1 
ATOM   703 C  CZ2 . TRP B 1 47 ? 0.299   1.854   8.270   1.00 29.09 ? 85  TRP B CZ2 1 
ATOM   704 C  CZ3 . TRP B 1 47 ? 0.675   0.912   6.077   1.00 34.64 ? 85  TRP B CZ3 1 
ATOM   705 C  CH2 . TRP B 1 47 ? -0.093  1.667   6.974   1.00 34.00 ? 85  TRP B CH2 1 
ATOM   706 N  N   . LEU B 1 48 ? 2.776   -3.372  7.708   1.00 21.97 ? 86  LEU B N   1 
ATOM   707 C  CA  . LEU B 1 48 ? 1.420   -3.919  7.700   1.00 20.47 ? 86  LEU B CA  1 
ATOM   708 C  C   . LEU B 1 48 ? 1.312   -5.187  8.531   1.00 33.37 ? 86  LEU B C   1 
ATOM   709 O  O   . LEU B 1 48 ? 0.236   -5.490  9.065   1.00 36.06 ? 86  LEU B O   1 
ATOM   710 C  CB  . LEU B 1 48 ? 0.981   -4.193  6.267   1.00 27.94 ? 86  LEU B CB  1 
ATOM   711 C  CG  . LEU B 1 48 ? 0.510   -2.990  5.455   1.00 32.69 ? 86  LEU B CG  1 
ATOM   712 C  CD1 . LEU B 1 48 ? 0.351   -3.399  4.008   1.00 29.84 ? 86  LEU B CD1 1 
ATOM   713 C  CD2 . LEU B 1 48 ? -0.804  -2.478  6.001   1.00 27.82 ? 86  LEU B CD2 1 
ATOM   714 N  N   . GLN B 1 49 ? 2.394   -5.950  8.642   1.00 29.09 ? 87  GLN B N   1 
ATOM   715 C  CA  . GLN B 1 49 ? 2.362   -7.217  9.350   1.00 32.55 ? 87  GLN B CA  1 
ATOM   716 C  C   . GLN B 1 49 ? 2.639   -7.071  10.841  1.00 40.95 ? 87  GLN B C   1 
ATOM   717 O  O   . GLN B 1 49 ? 2.771   -8.085  11.534  1.00 46.40 ? 87  GLN B O   1 
ATOM   718 C  CB  . GLN B 1 49 ? 3.354   -8.189  8.719   1.00 34.28 ? 87  GLN B CB  1 
ATOM   719 C  CG  . GLN B 1 49 ? 3.011   -8.515  7.281   1.00 35.97 ? 87  GLN B CG  1 
ATOM   720 C  CD  . GLN B 1 49 ? 3.955   -9.522  6.669   1.00 49.60 ? 87  GLN B CD  1 
ATOM   721 O  OE1 . GLN B 1 49 ? 4.952   -9.907  7.282   1.00 50.22 ? 87  GLN B OE1 1 
ATOM   722 N  NE2 . GLN B 1 49 ? 3.646   -9.958  5.455   1.00 52.32 ? 87  GLN B NE2 1 
ATOM   723 N  N   . ASN B 1 50 ? 2.710   -5.849  11.354  1.00 44.25 ? 88  ASN B N   1 
ATOM   724 C  CA  . ASN B 1 50 ? 2.846   -5.658  12.795  1.00 47.69 ? 88  ASN B CA  1 
ATOM   725 C  C   . ASN B 1 50 ? 1.775   -4.728  13.354  1.00 57.85 ? 88  ASN B C   1 
ATOM   726 O  O   . ASN B 1 50 ? 0.587   -5.062  13.349  1.00 46.85 ? 88  ASN B O   1 
ATOM   727 C  CB  . ASN B 1 50 ? 4.237   -5.130  13.120  1.00 38.71 ? 88  ASN B CB  1 
ATOM   728 C  CG  . ASN B 1 50 ? 5.308   -6.157  12.858  1.00 56.77 ? 88  ASN B CG  1 
ATOM   729 O  OD1 . ASN B 1 50 ? 5.234   -7.282  13.353  1.00 61.84 ? 88  ASN B OD1 1 
ATOM   730 N  ND2 . ASN B 1 50 ? 6.300   -5.789  12.055  1.00 63.87 ? 88  ASN B ND2 1 
HETATM 731 CA CA  . CA  C 2 .  ? 13.759  -6.344  6.628   0.50 26.81 ? 101 CA  B CA  1 
HETATM 732 O  O   . HOH D 3 .  ? -7.390  -13.120 6.542   1.00 41.12 ? 101 HOH A O   1 
HETATM 733 O  O   . HOH D 3 .  ? 11.154  7.828   10.411  1.00 48.26 ? 102 HOH A O   1 
HETATM 734 O  O   . HOH D 3 .  ? 6.508   14.163  15.198  1.00 33.67 ? 103 HOH A O   1 
HETATM 735 O  O   . HOH D 3 .  ? -2.958  -13.300 3.871   1.00 47.61 ? 104 HOH A O   1 
HETATM 736 O  O   . HOH D 3 .  ? -0.567  -1.304  15.483  1.00 46.87 ? 105 HOH A O   1 
HETATM 737 O  O   . HOH D 3 .  ? 5.518   14.150  11.124  1.00 55.69 ? 106 HOH A O   1 
HETATM 738 O  O   . HOH D 3 .  ? -10.179 -5.375  11.076  1.00 41.18 ? 107 HOH A O   1 
HETATM 739 O  O   . HOH D 3 .  ? -4.396  -8.411  -3.119  1.00 35.48 ? 108 HOH A O   1 
HETATM 740 O  O   . HOH D 3 .  ? 1.335   -8.802  -7.021  1.00 41.94 ? 109 HOH A O   1 
HETATM 741 O  O   . HOH D 3 .  ? -2.762  9.178   -12.546 1.00 39.01 ? 110 HOH A O   1 
HETATM 742 O  O   . HOH D 3 .  ? 8.563   7.044   -1.933  1.00 42.99 ? 111 HOH A O   1 
HETATM 743 O  O   . HOH D 3 .  ? 3.856   11.803  8.165   1.00 30.16 ? 112 HOH A O   1 
HETATM 744 O  O   . HOH D 3 .  ? 3.207   -9.653  -8.520  1.00 43.35 ? 113 HOH A O   1 
HETATM 745 O  O   . HOH D 3 .  ? 9.337   1.852   9.122   1.00 53.10 ? 114 HOH A O   1 
HETATM 746 O  O   . HOH D 3 .  ? -9.840  2.978   7.687   1.00 52.16 ? 115 HOH A O   1 
HETATM 747 O  O   . HOH D 3 .  ? 9.121   3.914   7.971   1.00 39.02 ? 116 HOH A O   1 
HETATM 748 O  O   . HOH E 3 .  ? -3.605  -10.452 -19.306 1.00 41.86 ? 201 HOH B O   1 
HETATM 749 O  O   . HOH E 3 .  ? 10.048  -7.058  -3.747  1.00 41.92 ? 202 HOH B O   1 
HETATM 750 O  O   . HOH E 3 .  ? -4.680  -11.264 -6.618  1.00 53.02 ? 203 HOH B O   1 
HETATM 751 O  O   . HOH E 3 .  ? -9.355  0.730   4.148   1.00 38.88 ? 204 HOH B O   1 
HETATM 752 O  O   . HOH E 3 .  ? 8.917   4.270   -3.340  1.00 36.34 ? 205 HOH B O   1 
HETATM 753 O  O   . HOH E 3 .  ? -10.062 -3.786  -14.517 1.00 35.20 ? 206 HOH B O   1 
HETATM 754 O  O   . HOH E 3 .  ? -0.572  -14.871 -10.854 1.00 51.73 ? 207 HOH B O   1 
HETATM 755 O  O   . HOH E 3 .  ? 4.741   -8.380  -10.011 1.00 38.04 ? 208 HOH B O   1 
HETATM 756 O  O   . HOH E 3 .  ? -4.056  12.495  -2.247  1.00 55.38 ? 209 HOH B O   1 
HETATM 757 O  O   . HOH E 3 .  ? 15.845  -5.996  -1.264  1.00 41.25 ? 210 HOH B O   1 
HETATM 758 O  O   . HOH E 3 .  ? 14.820  -1.245  -3.607  1.00 39.89 ? 211 HOH B O   1 
HETATM 759 O  O   . HOH E 3 .  ? 13.396  -2.749  -6.792  1.00 43.16 ? 212 HOH B O   1 
HETATM 760 O  O   . HOH E 3 .  ? -7.128  -3.971  -15.062 1.00 34.40 ? 213 HOH B O   1 
HETATM 761 O  O   . HOH E 3 .  ? -11.727 7.939   -2.682  1.00 57.55 ? 214 HOH B O   1 
HETATM 762 O  O   . HOH E 3 .  ? 0.175   -2.263  -14.684 1.00 33.66 ? 215 HOH B O   1 
HETATM 763 O  O   . HOH E 3 .  ? 8.418   -0.593  8.357   1.00 31.90 ? 216 HOH B O   1 
HETATM 764 O  O   . HOH E 3 .  ? -10.073 4.069   -5.337  1.00 39.93 ? 217 HOH B O   1 
HETATM 765 O  O   . HOH E 3 .  ? 13.514  -1.526  3.213   1.00 34.75 ? 218 HOH B O   1 
HETATM 766 O  O   . HOH E 3 .  ? 1.684   2.739   -13.476 1.00 48.39 ? 219 HOH B O   1 
HETATM 767 O  O   . HOH E 3 .  ? -8.289  2.565   5.263   1.00 39.90 ? 220 HOH B O   1 
HETATM 768 O  O   . HOH E 3 .  ? -2.901  -9.913  -5.082  1.00 42.87 ? 221 HOH B O   1 
HETATM 769 O  O   . HOH E 3 .  ? 16.946  1.951   -0.747  1.00 54.18 ? 222 HOH B O   1 
HETATM 770 O  O   . HOH E 3 .  ? -2.723  11.563  -4.071  1.00 60.67 ? 223 HOH B O   1 
# 
loop_
_atom_site_anisotrop.id 
_atom_site_anisotrop.type_symbol 
_atom_site_anisotrop.pdbx_label_atom_id 
_atom_site_anisotrop.pdbx_label_alt_id 
_atom_site_anisotrop.pdbx_label_comp_id 
_atom_site_anisotrop.pdbx_label_asym_id 
_atom_site_anisotrop.pdbx_label_seq_id 
_atom_site_anisotrop.pdbx_PDB_ins_code 
_atom_site_anisotrop.U[1][1] 
_atom_site_anisotrop.U[2][2] 
_atom_site_anisotrop.U[3][3] 
_atom_site_anisotrop.U[1][2] 
_atom_site_anisotrop.U[1][3] 
_atom_site_anisotrop.U[2][3] 
_atom_site_anisotrop.pdbx_auth_seq_id 
_atom_site_anisotrop.pdbx_auth_comp_id 
_atom_site_anisotrop.pdbx_auth_asym_id 
_atom_site_anisotrop.pdbx_auth_atom_id 
1   N N   . GLY A 3  ? 0.5301 0.6111 0.4757 0.0657  0.0150  -0.0817 41 GLY A N   
2   C CA  . GLY A 3  ? 0.4592 0.5271 0.4135 0.0593  0.0128  -0.0699 41 GLY A CA  
3   C C   . GLY A 3  ? 0.6710 0.7261 0.6132 0.0613  0.0015  -0.0661 41 GLY A C   
4   O O   . GLY A 3  ? 0.6199 0.6766 0.5487 0.0688  -0.0068 -0.0744 41 GLY A O   
5   N N   . SER A 4  ? 0.4967 0.5391 0.4437 0.0550  0.0009  -0.0543 42 SER A N   
6   C CA  . SER A 4  ? 0.5096 0.5383 0.4473 0.0562  -0.0087 -0.0487 42 SER A CA  
7   C C   . SER A 4  ? 0.3526 0.3696 0.2912 0.0468  -0.0040 -0.0326 42 SER A C   
8   O O   . SER A 4  ? 0.4042 0.4244 0.3529 0.0398  0.0049  -0.0278 42 SER A O   
9   C CB  . SER A 4  ? 0.4360 0.4593 0.3946 0.0613  -0.0189 -0.0619 42 SER A CB  
10  O OG  . SER A 4  ? 0.4001 0.4166 0.3847 0.0563  -0.0146 -0.0623 42 SER A OG  
11  N N   . MET A 5  ? 0.3794 0.3830 0.3072 0.0471  -0.0103 -0.0245 43 MET A N   
12  C CA  . MET A 5  ? 0.4056 0.3958 0.3362 0.0381  -0.0064 -0.0106 43 MET A CA  
13  C C   . MET A 5  ? 0.4090 0.3923 0.3672 0.0343  -0.0066 -0.0149 43 MET A C   
14  O O   . MET A 5  ? 0.4498 0.4256 0.4134 0.0258  -0.0010 -0.0059 43 MET A O   
15  C CB  . MET A 5  ? 0.3777 0.3540 0.2920 0.0405  -0.0132 -0.0018 43 MET A CB  
16  C CG  . MET A 5  ? 0.4042 0.3835 0.2866 0.0453  -0.0122 0.0045  43 MET A CG  
17  S SD  . MET A 5  ? 0.5013 0.4853 0.3720 0.0353  0.0050  0.0174  43 MET A SD  
18  C CE  . MET A 5  ? 0.5388 0.5028 0.4083 0.0262  0.0086  0.0343  43 MET A CE  
19  N N   . GLY A 6  ? 0.3943 0.3788 0.3699 0.0405  -0.0122 -0.0290 44 GLY A N   
20  C CA  . GLY A 6  ? 0.3229 0.2996 0.3232 0.0377  -0.0099 -0.0331 44 GLY A CA  
21  C C   . GLY A 6  ? 0.3615 0.3475 0.3698 0.0342  -0.0008 -0.0334 44 GLY A C   
22  O O   . GLY A 6  ? 0.3720 0.3500 0.3908 0.0290  0.0034  -0.0290 44 GLY A O   
23  N N   . SER A 7  ? 0.3651 0.3680 0.3682 0.0377  0.0023  -0.0391 45 SER A N   
24  C CA  . SER A 7  ? 0.3490 0.3618 0.3614 0.0351  0.0109  -0.0392 45 SER A CA  
25  C C   . SER A 7  ? 0.4451 0.4616 0.4467 0.0267  0.0169  -0.0258 45 SER A C   
26  O O   . SER A 7  ? 0.3890 0.4091 0.4013 0.0228  0.0219  -0.0231 45 SER A O   
27  C CB  . SER A 7  ? 0.4453 0.4743 0.4601 0.0417  0.0134  -0.0510 45 SER A CB  
28  O OG  . SER A 7  ? 0.4538 0.4920 0.4474 0.0438  0.0128  -0.0503 45 SER A OG  
29  N N   . LEU A 8  ? 0.3655 0.3807 0.3471 0.0242  0.0166  -0.0173 46 LEU A N   
30  C CA  . LEU A 8  ? 0.3892 0.4036 0.3641 0.0148  0.0229  -0.0044 46 LEU A CA  
31  C C   . LEU A 8  ? 0.3746 0.3737 0.3599 0.0085  0.0211  0.0013  46 LEU A C   
32  O O   . LEU A 8  ? 0.3896 0.3917 0.3824 0.0016  0.0258  0.0057  46 LEU A O   
33  C CB  . LEU A 8  ? 0.3952 0.4067 0.3456 0.0140  0.0241  0.0042  46 LEU A CB  
34  C CG  . LEU A 8  ? 0.5422 0.5558 0.4859 0.0043  0.0339  0.0162  46 LEU A CG  
35  C CD1 . LEU A 8  ? 0.4618 0.4950 0.4136 0.0025  0.0425  0.0127  46 LEU A CD1 
36  C CD2 . LEU A 8  ? 0.5888 0.5950 0.5063 0.0048  0.0362  0.0256  46 LEU A CD2 
37  N N   . ARG A 9  ? 0.3001 0.2833 0.2870 0.0111  0.0141  0.0002  47 ARG A N   
38  C CA  . ARG A 9  ? 0.3017 0.2682 0.2981 0.0058  0.0131  0.0044  47 ARG A CA  
39  C C   . ARG A 9  ? 0.3853 0.3542 0.3989 0.0060  0.0156  -0.0011 47 ARG A C   
40  O O   . ARG A 9  ? 0.3639 0.3281 0.3812 -0.0007 0.0183  0.0045  47 ARG A O   
41  C CB  . ARG A 9  ? 0.4823 0.4328 0.4812 0.0103  0.0059  0.0015  47 ARG A CB  
42  C CG  . ARG A 9  ? 0.6868 0.6275 0.6697 0.0089  0.0029  0.0107  47 ARG A CG  
43  C CD  . ARG A 9  ? 0.7158 0.6381 0.7073 0.0109  -0.0032 0.0095  47 ARG A CD  
44  N NE  . ARG A 9  ? 0.7566 0.6649 0.7594 0.0040  0.0006  0.0128  47 ARG A NE  
45  C CZ  . ARG A 9  ? 0.7139 0.6146 0.7338 0.0061  0.0005  0.0051  47 ARG A CZ  
46  N NH1 . ARG A 9  ? 0.7620 0.6679 0.7936 0.0143  -0.0027 -0.0070 47 ARG A NH1 
47  N NH2 . ARG A 9  ? 0.7151 0.6020 0.7405 -0.0001 0.0046  0.0093  47 ARG A NH2 
48  N N   . ALA A 10 ? 0.3147 0.2898 0.3382 0.0139  0.0147  -0.0122 48 ALA A N   
49  C CA  . ALA A 10 ? 0.2793 0.2553 0.3175 0.0159  0.0179  -0.0167 48 ALA A CA  
50  C C   . ALA A 10 ? 0.2554 0.2459 0.2930 0.0112  0.0226  -0.0118 48 ALA A C   
51  O O   . ALA A 10 ? 0.3034 0.2900 0.3477 0.0089  0.0238  -0.0094 48 ALA A O   
52  C CB  . ALA A 10 ? 0.2696 0.2519 0.3185 0.0253  0.0180  -0.0295 48 ALA A CB  
53  N N   . LEU A 11 ? 0.2982 0.3060 0.3281 0.0104  0.0254  -0.0108 49 LEU A N   
54  C CA  . LEU A 11 ? 0.2903 0.3140 0.3233 0.0058  0.0305  -0.0072 49 LEU A CA  
55  C C   . LEU A 11 ? 0.2642 0.2808 0.2958 -0.0041 0.0307  0.0020  49 LEU A C   
56  O O   . LEU A 11 ? 0.2924 0.3157 0.3333 -0.0067 0.0317  0.0027  49 LEU A O   
57  C CB  . LEU A 11 ? 0.2978 0.3376 0.3211 0.0057  0.0352  -0.0069 49 LEU A CB  
58  C CG  . LEU A 11 ? 0.3442 0.4029 0.3729 0.0010  0.0419  -0.0043 49 LEU A CG  
59  C CD1 . LEU A 11 ? 0.2897 0.3589 0.3359 0.0062  0.0424  -0.0109 49 LEU A CD1 
60  C CD2 . LEU A 11 ? 0.3970 0.4676 0.4138 0.0019  0.0479  -0.0045 49 LEU A CD2 
61  N N   . HIS A 12 ? 0.3042 0.3073 0.3246 -0.0093 0.0294  0.0088  50 HIS A N   
62  C CA  . HIS A 12 ? 0.3538 0.3486 0.3730 -0.0194 0.0303  0.0169  50 HIS A CA  
63  C C   . HIS A 12 ? 0.3423 0.3219 0.3688 -0.0194 0.0264  0.0157  50 HIS A C   
64  O O   . HIS A 12 ? 0.3905 0.3691 0.4203 -0.0263 0.0268  0.0190  50 HIS A O   
65  C CB  . HIS A 12 ? 0.3547 0.3373 0.3595 -0.0241 0.0310  0.0248  50 HIS A CB  
66  C CG  . HIS A 12 ? 0.4491 0.4439 0.4427 -0.0250 0.0366  0.0282  50 HIS A CG  
67  N ND1 . HIS A 12 ? 0.5464 0.5323 0.5230 -0.0232 0.0365  0.0332  50 HIS A ND1 
68  C CD2 . HIS A 12 ? 0.5693 0.5837 0.5657 -0.0269 0.0432  0.0274  50 HIS A CD2 
69  C CE1 . HIS A 12 ? 0.5412 0.5393 0.5082 -0.0239 0.0435  0.0359  50 HIS A CE1 
70  N NE2 . HIS A 12 ? 0.5686 0.5842 0.5485 -0.0266 0.0481  0.0322  50 HIS A NE2 
71  N N   . LEU A 13 ? 0.3247 0.2916 0.3540 -0.0120 0.0231  0.0105  51 LEU A N   
72  C CA  . LEU A 13 ? 0.2872 0.2374 0.3223 -0.0110 0.0215  0.0093  51 LEU A CA  
73  C C   . LEU A 13 ? 0.3492 0.3100 0.3923 -0.0082 0.0223  0.0063  51 LEU A C   
74  O O   . LEU A 13 ? 0.3322 0.2848 0.3754 -0.0113 0.0212  0.0086  51 LEU A O   
75  C CB  . LEU A 13 ? 0.3150 0.2505 0.3545 -0.0031 0.0198  0.0032  51 LEU A CB  
76  C CG  . LEU A 13 ? 0.3116 0.2340 0.3459 -0.0042 0.0171  0.0053  51 LEU A CG  
77  C CD1 . LEU A 13 ? 0.3713 0.2841 0.4158 0.0043  0.0156  -0.0037 51 LEU A CD1 
78  C CD2 . LEU A 13 ? 0.3909 0.2954 0.4202 -0.0125 0.0173  0.0133  51 LEU A CD2 
79  N N   . VAL A 14 ? 0.2948 0.2735 0.3438 -0.0016 0.0239  0.0007  52 VAL A N   
80  C CA  . VAL A 14 ? 0.2330 0.2233 0.2904 0.0026  0.0246  -0.0019 52 VAL A CA  
81  C C   . VAL A 14 ? 0.3324 0.3353 0.3902 -0.0059 0.0239  0.0030  52 VAL A C   
82  O O   . VAL A 14 ? 0.2983 0.2996 0.3589 -0.0060 0.0212  0.0036  52 VAL A O   
83  C CB  . VAL A 14 ? 0.2652 0.2729 0.3297 0.0108  0.0275  -0.0087 52 VAL A CB  
84  C CG1 . VAL A 14 ? 0.3524 0.3746 0.4263 0.0153  0.0282  -0.0104 52 VAL A CG1 
85  C CG2 . VAL A 14 ? 0.2751 0.2698 0.3426 0.0192  0.0282  -0.0156 52 VAL A CG2 
86  N N   . GLU A 15 ? 0.3079 0.3229 0.3627 -0.0132 0.0265  0.0063  53 GLU A N   
87  C CA  . GLU A 15 ? 0.3630 0.3908 0.4216 -0.0226 0.0273  0.0098  53 GLU A CA  
88  C C   . GLU A 15 ? 0.3084 0.3191 0.3626 -0.0301 0.0238  0.0139  53 GLU A C   
89  O O   . GLU A 15 ? 0.3794 0.3972 0.4398 -0.0339 0.0212  0.0135  53 GLU A O   
90  C CB  . GLU A 15 ? 0.3169 0.3558 0.3715 -0.0290 0.0331  0.0133  53 GLU A CB  
91  N N   . ASP A 16 ? 0.3426 0.3309 0.3871 -0.0319 0.0236  0.0172  54 ASP A N   
92  C CA  . ASP A 16 ? 0.4103 0.3803 0.4502 -0.0392 0.0215  0.0209  54 ASP A CA  
93  C C   . ASP A 16 ? 0.3378 0.2987 0.3791 -0.0334 0.0172  0.0175  54 ASP A C   
94  O O   . ASP A 16 ? 0.3818 0.3389 0.4220 -0.0389 0.0145  0.0183  54 ASP A O   
95  C CB  . ASP A 16 ? 0.4142 0.3620 0.4449 -0.0409 0.0225  0.0249  54 ASP A CB  
96  C CG  . ASP A 16 ? 0.4806 0.4308 0.5055 -0.0493 0.0267  0.0312  54 ASP A CG  
97  O OD1 . ASP A 16 ? 0.4096 0.3783 0.4382 -0.0546 0.0302  0.0322  54 ASP A OD1 
98  O OD2 . ASP A 16 ? 0.5692 0.5019 0.5864 -0.0502 0.0271  0.0353  54 ASP A OD2 
99  N N   . LEU A 17 ? 0.3296 0.2862 0.3726 -0.0220 0.0172  0.0134  55 LEU A N   
100 C CA  . LEU A 17 ? 0.3665 0.3105 0.4081 -0.0151 0.0149  0.0112  55 LEU A CA  
101 C C   . LEU A 17 ? 0.3631 0.3259 0.4098 -0.0137 0.0111  0.0095  55 LEU A C   
102 O O   . LEU A 17 ? 0.3666 0.3206 0.4081 -0.0138 0.0072  0.0100  55 LEU A O   
103 C CB  . LEU A 17 ? 0.3335 0.2695 0.3783 -0.0033 0.0178  0.0068  55 LEU A CB  
104 C CG  . LEU A 17 ? 0.4208 0.3390 0.4632 0.0059  0.0186  0.0051  55 LEU A CG  
105 C CD1 . LEU A 17 ? 0.3969 0.2884 0.4289 0.0009  0.0183  0.0086  55 LEU A CD1 
106 C CD2 . LEU A 17 ? 0.2840 0.1958 0.3331 0.0159  0.0234  -0.0002 55 LEU A CD2 
107 N N   . ARG A 18 ? 0.3471 0.3361 0.4039 -0.0118 0.0120  0.0072  56 ARG A N   
108 C CA  . ARG A 18 ? 0.2966 0.3061 0.3615 -0.0108 0.0077  0.0051  56 ARG A CA  
109 C C   . ARG A 18 ? 0.4070 0.4199 0.4715 -0.0232 0.0041  0.0069  56 ARG A C   
110 O O   . ARG A 18 ? 0.3185 0.3342 0.3833 -0.0223 -0.0022 0.0051  56 ARG A O   
111 C CB  . ARG A 18 ? 0.3362 0.3738 0.4143 -0.0078 0.0104  0.0022  56 ARG A CB  
112 C CG  . ARG A 18 ? 0.4803 0.5421 0.5703 -0.0090 0.0056  -0.0002 56 ARG A CG  
113 C CD  . ARG A 18 ? 0.5201 0.6101 0.6257 -0.0047 0.0088  -0.0036 56 ARG A CD  
114 N NE  . ARG A 18 ? 0.5409 0.6519 0.6596 -0.0024 0.0024  -0.0068 56 ARG A NE  
115 C CZ  . ARG A 18 ? 0.5730 0.7115 0.7092 0.0005  0.0040  -0.0103 56 ARG A CZ  
116 N NH1 . ARG A 18 ? 0.4159 0.5641 0.5571 0.0013  0.0127  -0.0112 56 ARG A NH1 
117 N NH2 . ARG A 18 ? 0.4926 0.6498 0.6417 0.0029  -0.0036 -0.0135 56 ARG A NH2 
118 N N   . GLY A 19 ? 0.4034 0.4150 0.4667 -0.0345 0.0083  0.0102  57 GLY A N   
119 C CA  . GLY A 19 ? 0.4095 0.4237 0.4745 -0.0474 0.0067  0.0113  57 GLY A CA  
120 C C   . GLY A 19 ? 0.4807 0.4713 0.5345 -0.0494 0.0022  0.0120  57 GLY A C   
121 O O   . GLY A 19 ? 0.3925 0.3889 0.4487 -0.0540 -0.0034 0.0092  57 GLY A O   
122 N N   . LEU A 20 ? 0.3739 0.3377 0.4156 -0.0462 0.0046  0.0149  58 LEU A N   
123 C CA  . LEU A 20 ? 0.3756 0.3140 0.4054 -0.0467 0.0020  0.0155  58 LEU A CA  
124 C C   . LEU A 20 ? 0.3840 0.3234 0.4102 -0.0371 -0.0044 0.0118  58 LEU A C   
125 O O   . LEU A 20 ? 0.5011 0.4311 0.5192 -0.0402 -0.0091 0.0106  58 LEU A O   
126 C CB  . LEU A 20 ? 0.3780 0.2894 0.3993 -0.0428 0.0068  0.0185  58 LEU A CB  
127 C CG  . LEU A 20 ? 0.3903 0.2971 0.4121 -0.0513 0.0118  0.0229  58 LEU A CG  
128 C CD1 . LEU A 20 ? 0.4848 0.3705 0.5025 -0.0454 0.0152  0.0243  58 LEU A CD1 
129 C CD2 . LEU A 20 ? 0.4784 0.3764 0.4964 -0.0645 0.0122  0.0255  58 LEU A CD2 
130 N N   . LEU A 21 ? 0.2953 0.2454 0.3265 -0.0248 -0.0047 0.0099  59 LEU A N   
131 C CA  . LEU A 21 ? 0.3480 0.2971 0.3740 -0.0136 -0.0103 0.0076  59 LEU A CA  
132 C C   . LEU A 21 ? 0.4491 0.4202 0.4810 -0.0180 -0.0192 0.0040  59 LEU A C   
133 O O   . LEU A 21 ? 0.4510 0.4153 0.4727 -0.0124 -0.0261 0.0024  59 LEU A O   
134 C CB  . LEU A 21 ? 0.3456 0.3030 0.3779 0.0003  -0.0076 0.0062  59 LEU A CB  
135 C CG  . LEU A 21 ? 0.4669 0.3993 0.4932 0.0082  -0.0001 0.0075  59 LEU A CG  
136 C CD1 . LEU A 21 ? 0.4937 0.4374 0.5288 0.0210  0.0028  0.0050  59 LEU A CD1 
137 C CD2 . LEU A 21 ? 0.4082 0.3093 0.4174 0.0126  0.0002  0.0093  59 LEU A CD2 
138 N N   . GLU A 22 ? 0.4597 0.4565 0.5076 -0.0278 -0.0190 0.0023  60 GLU A N   
139 C CA  . GLU A 22 ? 0.4496 0.4702 0.5081 -0.0327 -0.0273 -0.0027 60 GLU A CA  
140 C C   . GLU A 22 ? 0.4744 0.4807 0.5229 -0.0423 -0.0321 -0.0042 60 GLU A C   
141 O O   . GLU A 22 ? 0.3975 0.4163 0.4487 -0.0422 -0.0421 -0.0097 60 GLU A O   
142 C CB  . GLU A 22 ? 0.3480 0.3967 0.4274 -0.0423 -0.0230 -0.0042 60 GLU A CB  
143 C CG  . GLU A 22 ? 0.4406 0.5064 0.5308 -0.0337 -0.0180 -0.0039 60 GLU A CG  
144 C CD  . GLU A 22 ? 0.7128 0.8020 0.8147 -0.0224 -0.0252 -0.0086 60 GLU A CD  
145 O OE1 . GLU A 22 ? 0.7412 0.8405 0.8472 -0.0233 -0.0350 -0.0129 60 GLU A OE1 
146 O OE2 . GLU A 22 ? 0.7895 0.8870 0.8969 -0.0124 -0.0214 -0.0084 60 GLU A OE2 
147 N N   . MET A 23 ? 0.3624 0.3433 0.4002 -0.0504 -0.0257 0.0000  61 MET A N   
148 C CA  . MET A 23 ? 0.4068 0.3719 0.4354 -0.0609 -0.0280 -0.0013 61 MET A CA  
149 C C   . MET A 23 ? 0.4670 0.4024 0.4728 -0.0525 -0.0308 -0.0005 61 MET A C   
150 O O   . MET A 23 ? 0.4890 0.4062 0.4839 -0.0604 -0.0316 -0.0015 61 MET A O   
151 C CB  . MET A 23 ? 0.4508 0.4026 0.4800 -0.0740 -0.0184 0.0033  61 MET A CB  
152 C CG  . MET A 23 ? 0.4806 0.4562 0.5287 -0.0849 -0.0136 0.0033  61 MET A CG  
153 S SD  . MET A 23 ? 0.5556 0.5662 0.6241 -0.0913 -0.0216 -0.0060 61 MET A SD  
154 C CE  . MET A 23 ? 0.4398 0.4792 0.5241 -0.0817 -0.0191 -0.0057 61 MET A CE  
155 N N   . MET A 24 ? 0.2892 0.4153 0.4835 -0.0212 -0.0785 -0.0619 62 MET A N   
156 C CA  . MET A 24 ? 0.4453 0.5509 0.5869 -0.0241 -0.0737 -0.0777 62 MET A CA  
157 C C   . MET A 24 ? 0.3590 0.4608 0.4639 -0.0283 -0.0938 -0.0825 62 MET A C   
158 O O   . MET A 24 ? 0.3404 0.4575 0.4522 -0.0258 -0.1070 -0.0676 62 MET A O   
159 C CB  . MET A 24 ? 0.3748 0.4819 0.4957 -0.0170 -0.0561 -0.0683 62 MET A CB  
160 C CG  . MET A 24 ? 0.2687 0.3800 0.4180 -0.0139 -0.0357 -0.0658 62 MET A CG  
161 S SD  . MET A 24 ? 0.3495 0.4651 0.4740 -0.0088 -0.0192 -0.0549 62 MET A SD  
162 C CE  . MET A 24 ? 0.4081 0.5452 0.5843 -0.0034 -0.0030 -0.0422 62 MET A CE  
163 N N   . GLU A 25 ? 0.4576 0.5401 0.5224 -0.0336 -0.0952 -0.1026 63 GLU A N   
164 C CA  . GLU A 25 ? 0.4833 0.5631 0.5045 -0.0364 -0.1118 -0.1074 63 GLU A CA  
165 C C   . GLU A 25 ? 0.4569 0.5366 0.4393 -0.0285 -0.1020 -0.0958 63 GLU A C   
166 O O   . GLU A 25 ? 0.4016 0.4786 0.3847 -0.0234 -0.0822 -0.0894 63 GLU A O   
167 C CB  . GLU A 25 ? 0.4802 0.5396 0.4722 -0.0443 -0.1167 -0.1346 63 GLU A CB  
168 C CG  . GLU A 25 ? 0.5450 0.6005 0.5773 -0.0538 -0.1269 -0.1477 63 GLU A CG  
169 C CD  . GLU A 25 ? 0.8013 0.8291 0.8095 -0.0600 -0.1228 -0.1773 63 GLU A CD  
170 O OE1 . GLU A 25 ? 0.8803 0.8962 0.8324 -0.0589 -0.1229 -0.1898 63 GLU A OE1 
171 O OE2 . GLU A 25 ? 0.7569 0.7743 0.8025 -0.0648 -0.1181 -0.1875 63 GLU A OE2 
172 N N   . THR A 26 ? 0.5452 0.6286 0.4944 -0.0283 -0.1166 -0.0922 64 THR A N   
173 C CA  . THR A 26 ? 0.5123 0.5954 0.4283 -0.0208 -0.1083 -0.0784 64 THR A CA  
174 C C   . THR A 26 ? 0.4597 0.5265 0.3468 -0.0188 -0.0871 -0.0866 64 THR A C   
175 O O   . THR A 26 ? 0.5113 0.5775 0.3994 -0.0140 -0.0713 -0.0744 64 THR A O   
176 C CB  . THR A 26 ? 0.6778 0.7672 0.5604 -0.0206 -0.1264 -0.0747 64 THR A CB  
177 O OG1 . THR A 26 ? 0.7226 0.8300 0.6362 -0.0231 -0.1469 -0.0664 64 THR A OG1 
178 C CG2 . THR A 26 ? 0.6618 0.7513 0.5185 -0.0117 -0.1171 -0.0561 64 THR A CG2 
179 N N   . ASP A 27 ? 0.5862 0.6395 0.4476 -0.0225 -0.0863 -0.1073 65 ASP A N   
180 C CA  . ASP A 27 ? 0.4971 0.5361 0.3312 -0.0190 -0.0646 -0.1132 65 ASP A CA  
181 C C   . ASP A 27 ? 0.5490 0.5876 0.4196 -0.0179 -0.0450 -0.1099 65 ASP A C   
182 O O   . ASP A 27 ? 0.5023 0.5384 0.3632 -0.0139 -0.0263 -0.1023 65 ASP A O   
183 C CB  . ASP A 27 ? 0.5699 0.5931 0.3680 -0.0214 -0.0668 -0.1374 65 ASP A CB  
184 N N   . GLU A 28 ? 0.4409 0.4845 0.3561 -0.0213 -0.0490 -0.1131 66 GLU A N   
185 C CA  . GLU A 28 ? 0.4226 0.4704 0.3749 -0.0192 -0.0306 -0.1073 66 GLU A CA  
186 C C   . GLU A 28 ? 0.4754 0.5388 0.4434 -0.0153 -0.0260 -0.0855 66 GLU A C   
187 O O   . GLU A 28 ? 0.4326 0.4992 0.4091 -0.0130 -0.0084 -0.0785 66 GLU A O   
188 C CB  . GLU A 28 ? 0.4193 0.4696 0.4172 -0.0228 -0.0357 -0.1141 66 GLU A CB  
189 C CG  . GLU A 28 ? 0.5575 0.5872 0.5449 -0.0274 -0.0364 -0.1388 66 GLU A CG  
190 C CD  . GLU A 28 ? 0.6509 0.6817 0.6880 -0.0325 -0.0434 -0.1442 66 GLU A CD  
191 O OE1 . GLU A 28 ? 0.5222 0.5729 0.5995 -0.0320 -0.0507 -0.1277 66 GLU A OE1 
192 O OE2 . GLU A 28 ? 0.7728 0.7835 0.8092 -0.0365 -0.0405 -0.1648 66 GLU A OE2 
193 N N   . LYS A 29 ? 0.3631 0.4364 0.3351 -0.0144 -0.0415 -0.0744 67 LYS A N   
194 C CA  . LYS A 29 ? 0.4629 0.5464 0.4442 -0.0101 -0.0368 -0.0559 67 LYS A CA  
195 C C   . LYS A 29 ? 0.4284 0.5026 0.3724 -0.0088 -0.0266 -0.0511 67 LYS A C   
196 O O   . LYS A 29 ? 0.3798 0.4575 0.3318 -0.0081 -0.0141 -0.0423 67 LYS A O   
197 C CB  . LYS A 29 ? 0.4780 0.5721 0.4704 -0.0074 -0.0540 -0.0448 67 LYS A CB  
198 C CG  . LYS A 29 ? 0.5376 0.6448 0.5750 -0.0079 -0.0627 -0.0439 67 LYS A CG  
199 C CD  . LYS A 29 ? 0.4434 0.5635 0.4932 -0.0031 -0.0768 -0.0285 67 LYS A CD  
200 C CE  . LYS A 29 ? 0.6470 0.7647 0.6715 -0.0058 -0.0946 -0.0314 67 LYS A CE  
201 N NZ  . LYS A 29 ? 0.7794 0.9130 0.8220 -0.0002 -0.1078 -0.0140 67 LYS A NZ  
202 N N   . GLU A 30 ? 0.4380 0.5023 0.3424 -0.0089 -0.0321 -0.0559 68 GLU A N   
203 C CA  . GLU A 30 ? 0.4382 0.4939 0.3087 -0.0072 -0.0208 -0.0497 68 GLU A CA  
204 C C   . GLU A 30 ? 0.4372 0.4882 0.3069 -0.0084 -0.0009 -0.0547 68 GLU A C   
205 O O   . GLU A 30 ? 0.4295 0.4805 0.2975 -0.0087 0.0120  -0.0443 68 GLU A O   
206 C CB  . GLU A 30 ? 0.6040 0.6531 0.4324 -0.0054 -0.0303 -0.0530 68 GLU A CB  
207 C CG  . GLU A 30 ? 0.7126 0.7691 0.5393 -0.0030 -0.0487 -0.0433 68 GLU A CG  
208 C CD  . GLU A 30 ? 0.8884 0.9425 0.6720 -0.0007 -0.0575 -0.0445 68 GLU A CD  
209 O OE1 . GLU A 30 ? 0.7962 0.8415 0.5476 0.0006  -0.0464 -0.0494 68 GLU A OE1 
210 O OE2 . GLU A 30 ? 1.0826 1.1464 0.8651 0.0007  -0.0753 -0.0389 68 GLU A OE2 
211 N N   . GLY A 31 ? 0.4398 0.4866 0.3125 -0.0093 0.0022  -0.0701 69 GLY A N   
212 C CA  . GLY A 31 ? 0.4145 0.4580 0.2896 -0.0086 0.0230  -0.0733 69 GLY A CA  
213 C C   . GLY A 31 ? 0.3748 0.4320 0.2904 -0.0099 0.0334  -0.0624 69 GLY A C   
214 O O   . GLY A 31 ? 0.4121 0.4724 0.3283 -0.0099 0.0501  -0.0552 69 GLY A O   
215 N N   . LEU A 32 ? 0.3451 0.4135 0.2960 -0.0107 0.0237  -0.0598 70 LEU A N   
216 C CA  . LEU A 32 ? 0.3161 0.4014 0.3032 -0.0111 0.0318  -0.0482 70 LEU A CA  
217 C C   . LEU A 32 ? 0.3007 0.3889 0.2763 -0.0128 0.0334  -0.0351 70 LEU A C   
218 O O   . LEU A 32 ? 0.3067 0.4026 0.2908 -0.0153 0.0463  -0.0277 70 LEU A O   
219 C CB  . LEU A 32 ? 0.3035 0.4010 0.3275 -0.0097 0.0206  -0.0465 70 LEU A CB  
220 C CG  . LEU A 32 ? 0.3485 0.4668 0.4062 -0.0084 0.0265  -0.0332 70 LEU A CG  
221 C CD1 . LEU A 32 ? 0.3222 0.4491 0.3981 -0.0087 0.0450  -0.0320 70 LEU A CD1 
222 C CD2 . LEU A 32 ? 0.2979 0.4299 0.3904 -0.0048 0.0162  -0.0287 70 LEU A CD2 
223 N N   . ARG A 33 ? 0.3705 0.4523 0.3281 -0.0120 0.0203  -0.0314 71 ARG A N   
224 C CA  . ARG A 33 ? 0.3614 0.4407 0.3080 -0.0136 0.0219  -0.0201 71 ARG A CA  
225 C C   . ARG A 33 ? 0.3261 0.3972 0.2493 -0.0169 0.0354  -0.0172 71 ARG A C   
226 O O   . ARG A 33 ? 0.3882 0.4623 0.3171 -0.0214 0.0428  -0.0086 71 ARG A O   
227 C CB  . ARG A 33 ? 0.3994 0.4709 0.3292 -0.0100 0.0077  -0.0161 71 ARG A CB  
228 C CG  . ARG A 33 ? 0.3869 0.4490 0.3006 -0.0109 0.0104  -0.0056 71 ARG A CG  
229 C CD  . ARG A 33 ? 0.3466 0.4165 0.2834 -0.0139 0.0148  -0.0006 71 ARG A CD  
230 N NE  . ARG A 33 ? 0.3520 0.4078 0.2714 -0.0169 0.0186  0.0070  71 ARG A NE  
231 C CZ  . ARG A 33 ? 0.4098 0.4602 0.3203 -0.0239 0.0297  0.0099  71 ARG A CZ  
232 N NH1 . ARG A 33 ? 0.4348 0.4947 0.3520 -0.0276 0.0392  0.0069  71 ARG A NH1 
233 N NH2 . ARG A 33 ? 0.4547 0.4889 0.3506 -0.0270 0.0321  0.0170  71 ARG A NH2 
234 N N   . CYS A 34 ? 0.3550 0.4166 0.2521 -0.0146 0.0386  -0.0241 72 CYS A N   
235 C CA  . CYS A 34 ? 0.4027 0.4578 0.2770 -0.0154 0.0533  -0.0200 72 CYS A CA  
236 C C   . CYS A 34 ? 0.4184 0.4853 0.3171 -0.0190 0.0696  -0.0154 72 CYS A C   
237 O O   . CYS A 34 ? 0.3706 0.4375 0.2631 -0.0224 0.0810  -0.0053 72 CYS A O   
238 C CB  . CYS A 34 ? 0.4467 0.4919 0.2900 -0.0102 0.0535  -0.0313 72 CYS A CB  
239 S SG  . CYS A 34 ? 0.6015 0.6391 0.4101 -0.0068 0.0724  -0.0267 72 CYS A SG  
240 N N   . GLN A 35 ? 0.4004 0.4790 0.3293 -0.0183 0.0713  -0.0209 73 GLN A N   
241 C CA  . GLN A 35 ? 0.3252 0.4195 0.2815 -0.0203 0.0867  -0.0152 73 GLN A CA  
242 C C   . GLN A 35 ? 0.2941 0.4060 0.2790 -0.0265 0.0841  -0.0046 73 GLN A C   
243 O O   . GLN A 35 ? 0.3996 0.5291 0.4081 -0.0293 0.0955  0.0031  73 GLN A O   
244 C CB  . GLN A 35 ? 0.3784 0.4774 0.3566 -0.0154 0.0910  -0.0246 73 GLN A CB  
245 C CG  . GLN A 35 ? 0.4131 0.4946 0.3659 -0.0096 0.0965  -0.0381 73 GLN A CG  
246 C CD  . GLN A 35 ? 0.3907 0.4731 0.3694 -0.0059 0.1000  -0.0483 73 GLN A CD  
247 O OE1 . GLN A 35 ? 0.4733 0.5507 0.4590 -0.0060 0.0855  -0.0580 73 GLN A OE1 
248 N NE2 . GLN A 35 ? 0.3859 0.4752 0.3819 -0.0025 0.1199  -0.0444 73 GLN A NE2 
249 N N   . ILE A 36 ? 0.2903 0.3992 0.2741 -0.0278 0.0695  -0.0039 74 ILE A N   
250 C CA  . ILE A 36 ? 0.2791 0.4025 0.2843 -0.0332 0.0665  0.0038  74 ILE A CA  
251 C C   . ILE A 36 ? 0.3704 0.4856 0.3594 -0.0414 0.0698  0.0115  74 ILE A C   
252 O O   . ILE A 36 ? 0.3727 0.4673 0.3334 -0.0405 0.0662  0.0115  74 ILE A O   
253 C CB  . ILE A 36 ? 0.2967 0.4195 0.3074 -0.0291 0.0514  0.0014  74 ILE A CB  
254 C CG1 . ILE A 36 ? 0.3168 0.4521 0.3534 -0.0225 0.0493  -0.0032 74 ILE A CG1 
255 C CG2 . ILE A 36 ? 0.3146 0.4474 0.3369 -0.0341 0.0483  0.0076  74 ILE A CG2 
256 C CD1 . ILE A 36 ? 0.3821 0.5183 0.4261 -0.0170 0.0355  -0.0038 74 ILE A CD1 
257 N N   . PRO A 37 ? 0.3263 0.4576 0.3339 -0.0496 0.0768  0.0194  75 PRO A N   
258 C CA  . PRO A 37 ? 0.4600 0.5824 0.4563 -0.0597 0.0791  0.0268  75 PRO A CA  
259 C C   . PRO A 37 ? 0.3226 0.4262 0.3035 -0.0608 0.0665  0.0241  75 PRO A C   
260 O O   . PRO A 37 ? 0.3852 0.4935 0.3747 -0.0573 0.0567  0.0194  75 PRO A O   
261 C CB  . PRO A 37 ? 0.3764 0.5258 0.4030 -0.0693 0.0841  0.0343  75 PRO A CB  
262 C CG  . PRO A 37 ? 0.4000 0.5709 0.4491 -0.0617 0.0916  0.0341  75 PRO A CG  
263 C CD  . PRO A 37 ? 0.3727 0.5327 0.4145 -0.0504 0.0833  0.0233  75 PRO A CD  
264 N N   . ASP A 38 ? 0.3875 0.4692 0.3456 -0.0643 0.0685  0.0284  76 ASP A N   
265 C CA  . ASP A 38 ? 0.4344 0.4945 0.3773 -0.0643 0.0592  0.0271  76 ASP A CA  
266 C C   . ASP A 38 ? 0.4176 0.4838 0.3761 -0.0726 0.0531  0.0249  76 ASP A C   
267 O O   . ASP A 38 ? 0.4174 0.4721 0.3688 -0.0681 0.0442  0.0205  76 ASP A O   
268 C CB  . ASP A 38 ? 0.5070 0.5442 0.4281 -0.0675 0.0654  0.0351  76 ASP A CB  
269 C CG  . ASP A 38 ? 0.5367 0.5636 0.4326 -0.0558 0.0666  0.0359  76 ASP A CG  
270 O OD1 . ASP A 38 ? 0.5836 0.6182 0.4787 -0.0467 0.0604  0.0283  76 ASP A OD1 
271 O OD2 . ASP A 38 ? 0.8008 0.8128 0.6784 -0.0561 0.0731  0.0446  76 ASP A OD2 
272 N N   . SER A 39 ? 0.4090 0.4947 0.3881 -0.0841 0.0575  0.0283  77 SER A N   
273 C CA  . SER A 39 ? 0.4329 0.5281 0.4252 -0.0929 0.0501  0.0249  77 SER A CA  
274 C C   . SER A 39 ? 0.4345 0.5467 0.4373 -0.0825 0.0424  0.0189  77 SER A C   
275 O O   . SER A 39 ? 0.4307 0.5356 0.4276 -0.0810 0.0339  0.0133  77 SER A O   
276 C CB  . SER A 39 ? 0.5692 0.6891 0.5849 -0.1074 0.0554  0.0318  77 SER A CB  
277 O OG  . SER A 39 ? 0.5926 0.7390 0.6264 -0.1020 0.0642  0.0373  77 SER A OG  
278 N N   . THR A 40 ? 0.3881 0.5220 0.4072 -0.0744 0.0465  0.0204  78 THR A N   
279 C CA  . THR A 40 ? 0.3281 0.4789 0.3616 -0.0634 0.0407  0.0174  78 THR A CA  
280 C C   . THR A 40 ? 0.2843 0.4129 0.2992 -0.0523 0.0328  0.0128  78 THR A C   
281 O O   . THR A 40 ? 0.2992 0.4326 0.3175 -0.0461 0.0257  0.0108  78 THR A O   
282 C CB  . THR A 40 ? 0.3502 0.5217 0.4046 -0.0570 0.0484  0.0201  78 THR A CB  
283 O OG1 . THR A 40 ? 0.4023 0.6002 0.4791 -0.0650 0.0565  0.0272  78 THR A OG1 
284 C CG2 . THR A 40 ? 0.3460 0.5311 0.4166 -0.0450 0.0431  0.0184  78 THR A CG2 
285 N N   . ALA A 41 ? 0.2738 0.3802 0.2685 -0.0487 0.0342  0.0125  79 ALA A N   
286 C CA  . ALA A 41 ? 0.2622 0.3506 0.2410 -0.0382 0.0265  0.0109  79 ALA A CA  
287 C C   . ALA A 41 ? 0.3671 0.4374 0.3321 -0.0394 0.0222  0.0102  79 ALA A C   
288 O O   . ALA A 41 ? 0.3427 0.4098 0.3057 -0.0293 0.0160  0.0096  79 ALA A O   
289 C CB  . ALA A 41 ? 0.3248 0.3951 0.2821 -0.0355 0.0284  0.0121  79 ALA A CB  
290 N N   . GLU A 42 ? 0.3193 0.3769 0.2755 -0.0518 0.0262  0.0105  80 GLU A N   
291 C CA  . GLU A 42 ? 0.3262 0.3596 0.2667 -0.0539 0.0231  0.0078  80 GLU A CA  
292 C C   . GLU A 42 ? 0.3635 0.4112 0.3135 -0.0519 0.0172  0.0023  80 GLU A C   
293 O O   . GLU A 42 ? 0.3650 0.3966 0.3020 -0.0431 0.0135  -0.0005 80 GLU A O   
294 C CB  . GLU A 42 ? 0.3436 0.3614 0.2777 -0.0702 0.0284  0.0092  80 GLU A CB  
295 C CG  . GLU A 42 ? 0.4552 0.4425 0.3733 -0.0746 0.0263  0.0048  80 GLU A CG  
296 C CD  . GLU A 42 ? 0.5077 0.4895 0.4309 -0.0948 0.0290  0.0042  80 GLU A CD  
297 O OE1 . GLU A 42 ? 0.4998 0.4698 0.4202 -0.1012 0.0364  0.0122  80 GLU A OE1 
298 O OE2 . GLU A 42 ? 0.7059 0.6984 0.6373 -0.1044 0.0233  -0.0035 80 GLU A OE2 
299 N N   . VAL A 43 ? 0.3316 0.4108 0.3037 -0.0587 0.0172  0.0017  81 VAL A N   
300 C CA  . VAL A 43 ? 0.2806 0.3793 0.2615 -0.0557 0.0116  -0.0023 81 VAL A CA  
301 C C   . VAL A 43 ? 0.3212 0.4269 0.3060 -0.0366 0.0087  -0.0002 81 VAL A C   
302 O O   . VAL A 43 ? 0.2881 0.3920 0.2657 -0.0285 0.0047  -0.0032 81 VAL A O   
303 C CB  . VAL A 43 ? 0.2851 0.4225 0.2929 -0.0645 0.0130  0.0007  81 VAL A CB  
304 C CG1 . VAL A 43 ? 0.3474 0.5121 0.3658 -0.0578 0.0075  -0.0008 81 VAL A CG1 
305 C CG2 . VAL A 43 ? 0.3741 0.5080 0.3811 -0.0847 0.0145  0.0000  81 VAL A CG2 
306 N N   . LEU A 44 ? 0.2828 0.3968 0.2794 -0.0290 0.0107  0.0051  82 LEU A N   
307 C CA  . LEU A 44 ? 0.2371 0.3605 0.2435 -0.0124 0.0072  0.0089  82 LEU A CA  
308 C C   . LEU A 44 ? 0.3236 0.4179 0.3072 -0.0028 0.0042  0.0097  82 LEU A C   
309 O O   . LEU A 44 ? 0.3147 0.4127 0.3003 0.0106  0.0013  0.0125  82 LEU A O   
310 C CB  . LEU A 44 ? 0.2906 0.4289 0.3170 -0.0094 0.0091  0.0127  82 LEU A CB  
311 C CG  . LEU A 44 ? 0.3545 0.5237 0.4098 -0.0136 0.0142  0.0147  82 LEU A CG  
312 C CD1 . LEU A 44 ? 0.4075 0.5843 0.4810 -0.0067 0.0151  0.0167  82 LEU A CD1 
313 C CD2 . LEU A 44 ? 0.4259 0.6225 0.4986 -0.0099 0.0131  0.0178  82 LEU A CD2 
314 N N   . ILE A 45 ? 0.3371 0.4041 0.3002 -0.0077 0.0060  0.0095  83 ILE A N   
315 C CA  . ILE A 45 ? 0.4151 0.4550 0.3574 0.0022  0.0046  0.0129  83 ILE A CA  
316 C C   . ILE A 45 ? 0.4080 0.4317 0.3361 0.0054  0.0051  0.0088  83 ILE A C   
317 O O   . ILE A 45 ? 0.4238 0.4431 0.3479 0.0205  0.0037  0.0125  83 ILE A O   
318 C CB  . ILE A 45 ? 0.3700 0.3855 0.2932 -0.0041 0.0079  0.0151  83 ILE A CB  
319 C CG1 . ILE A 45 ? 0.3238 0.3529 0.2546 -0.0032 0.0064  0.0181  83 ILE A CG1 
320 C CG2 . ILE A 45 ? 0.4279 0.4137 0.3294 0.0054  0.0085  0.0203  83 ILE A CG2 
321 C CD1 . ILE A 45 ? 0.3335 0.3445 0.2448 -0.0097 0.0110  0.0207  83 ILE A CD1 
322 N N   . GLU A 46 ? 0.3533 0.3684 0.2739 -0.0090 0.0071  0.0009  84 GLU A N   
323 C CA  A GLU A 46 ? 0.4332 0.4275 0.3357 -0.0078 0.0071  -0.0065 84 GLU A CA  
324 C CA  B GLU A 46 ? 0.4332 0.4276 0.3357 -0.0080 0.0071  -0.0066 84 GLU A CA  
325 C C   . GLU A 46 ? 0.4379 0.4571 0.3494 0.0033  0.0037  -0.0083 84 GLU A C   
326 O O   . GLU A 46 ? 0.4916 0.4949 0.3869 0.0154  0.0044  -0.0106 84 GLU A O   
327 C CB  A GLU A 46 ? 0.5203 0.5012 0.4151 -0.0286 0.0079  -0.0155 84 GLU A CB  
328 C CB  B GLU A 46 ? 0.5197 0.5015 0.4152 -0.0289 0.0079  -0.0154 84 GLU A CB  
329 C CG  A GLU A 46 ? 0.5635 0.5148 0.4354 -0.0298 0.0075  -0.0265 84 GLU A CG  
330 C CG  B GLU A 46 ? 0.4748 0.4305 0.3616 -0.0387 0.0131  -0.0113 84 GLU A CG  
331 C CD  A GLU A 46 ? 0.6660 0.5803 0.5165 -0.0139 0.0124  -0.0229 84 GLU A CD  
332 C CD  B GLU A 46 ? 0.6150 0.5576 0.4990 -0.0603 0.0141  -0.0180 84 GLU A CD  
333 O OE1 A GLU A 46 ? 0.5815 0.4816 0.4300 -0.0113 0.0167  -0.0131 84 GLU A OE1 
334 O OE1 B GLU A 46 ? 0.6173 0.5687 0.5029 -0.0686 0.0091  -0.0280 84 GLU A OE1 
335 O OE2 A GLU A 46 ? 0.6811 0.5816 0.5160 -0.0029 0.0129  -0.0291 84 GLU A OE2 
336 O OE2 B GLU A 46 ? 0.6682 0.5933 0.5491 -0.0690 0.0196  -0.0125 84 GLU A OE2 
337 N N   . TRP A 47 ? 0.3539 0.4125 0.2914 0.0011  0.0015  -0.0059 85 TRP A N   
338 C CA  . TRP A 47 ? 0.2892 0.3754 0.2382 0.0142  -0.0005 -0.0039 85 TRP A CA  
339 C C   . TRP A 47 ? 0.3315 0.4174 0.2848 0.0354  0.0001  0.0063  85 TRP A C   
340 O O   . TRP A 47 ? 0.3821 0.4690 0.3279 0.0503  0.0009  0.0075  85 TRP A O   
341 C CB  . TRP A 47 ? 0.3302 0.4594 0.3102 0.0087  -0.0012 -0.0001 85 TRP A CB  
342 C CG  . TRP A 47 ? 0.3559 0.5175 0.3528 0.0243  -0.0019 0.0062  85 TRP A CG  
343 C CD1 . TRP A 47 ? 0.3407 0.5092 0.3247 0.0312  -0.0035 0.0020  85 TRP A CD1 
344 C CD2 . TRP A 47 ? 0.2557 0.4474 0.2855 0.0355  -0.0004 0.0184  85 TRP A CD2 
345 N NE1 . TRP A 47 ? 0.3427 0.5460 0.3501 0.0475  -0.0022 0.0130  85 TRP A NE1 
346 C CE2 . TRP A 47 ? 0.2806 0.4981 0.3185 0.0498  -0.0003 0.0237  85 TRP A CE2 
347 C CE3 . TRP A 47 ? 0.3932 0.5912 0.4457 0.0348  0.0008  0.0248  85 TRP A CE3 
348 C CZ2 . TRP A 47 ? 0.3444 0.5941 0.4165 0.0631  0.0019  0.0375  85 TRP A CZ2 
349 C CZ3 . TRP A 47 ? 0.4948 0.7220 0.5803 0.0466  0.0018  0.0357  85 TRP A CZ3 
350 C CH2 . TRP A 47 ? 0.4738 0.7270 0.5710 0.0604  0.0028  0.0431  85 TRP A CH2 
351 N N   . LEU A 48 ? 0.3387 0.4250 0.3038 0.0375  -0.0003 0.0142  86 LEU A N   
352 C CA  . LEU A 48 ? 0.3176 0.4072 0.2910 0.0557  -0.0013 0.0255  86 LEU A CA  
353 C C   . LEU A 48 ? 0.4071 0.4624 0.3526 0.0659  0.0013  0.0269  86 LEU A C   
354 O O   . LEU A 48 ? 0.4327 0.4919 0.3806 0.0843  0.0024  0.0355  86 LEU A O   
355 C CB  . LEU A 48 ? 0.3357 0.4341 0.3272 0.0530  -0.0045 0.0315  86 LEU A CB  
356 C CG  . LEU A 48 ? 0.3270 0.4588 0.3502 0.0476  -0.0053 0.0320  86 LEU A CG  
357 C CD1 . LEU A 48 ? 0.3145 0.4464 0.3474 0.0415  -0.0078 0.0328  86 LEU A CD1 
358 C CD2 . LEU A 48 ? 0.3110 0.4725 0.3612 0.0622  -0.0056 0.0412  86 LEU A CD2 
359 N N   . GLN A 49 ? 0.4877 0.5096 0.4084 0.0552  0.0037  0.0199  87 GLN A N   
360 C CA  . GLN A 49 ? 0.5604 0.5452 0.4546 0.0642  0.0084  0.0216  87 GLN A CA  
361 C C   . GLN A 49 ? 0.5971 0.5608 0.4686 0.0646  0.0124  0.0096  87 GLN A C   
362 O O   . GLN A 49 ? 0.8085 0.7330 0.6550 0.0666  0.0179  0.0067  87 GLN A O   
363 C CB  . GLN A 49 ? 0.5670 0.5251 0.4479 0.0536  0.0105  0.0226  87 GLN A CB  
364 C CG  . GLN A 49 ? 0.5446 0.5203 0.4408 0.0521  0.0060  0.0316  87 GLN A CG  
365 C CD  . GLN A 49 ? 0.7866 0.7370 0.6661 0.0547  0.0086  0.0401  87 GLN A CD  
366 O OE1 . GLN A 49 ? 0.8976 0.8333 0.7665 0.0421  0.0114  0.0376  87 GLN A OE1 
367 N NE2 . GLN A 49 ? 0.7917 0.7398 0.6705 0.0723  0.0083  0.0527  87 GLN A NE2 
368 N N   . ASN A 50 ? 0.5994 0.5872 0.4778 0.0628  0.0098  0.0025  88 ASN A N   
369 C CA  . ASN A 50 ? 0.6359 0.6051 0.4889 0.0634  0.0118  -0.0110 88 ASN A CA  
370 C C   . ASN A 50 ? 0.7609 0.7458 0.6134 0.0869  0.0143  -0.0057 88 ASN A C   
371 O O   . ASN A 50 ? 0.9072 0.8694 0.7321 0.0950  0.0182  -0.0151 88 ASN A O   
372 C CB  . ASN A 50 ? 0.6177 0.6021 0.4734 0.0420  0.0064  -0.0244 88 ASN A CB  
373 N N   . SER B 7  ? 1.0615 0.5983 0.7496 0.1028  -0.0468 -0.1151 45 SER B N   
374 C CA  . SER B 7  ? 0.8282 0.4312 0.5370 0.0980  -0.0246 -0.1072 45 SER B CA  
375 C C   . SER B 7  ? 0.7469 0.3971 0.4835 0.1094  -0.0069 -0.0976 45 SER B C   
376 O O   . SER B 7  ? 0.7440 0.4426 0.5156 0.0935  0.0031  -0.0851 45 SER B O   
377 C CB  . SER B 7  ? 0.9663 0.5764 0.6388 0.1148  -0.0150 -0.1185 45 SER B CB  
378 O OG  . SER B 7  ? 0.9353 0.6101 0.6324 0.1081  0.0046  -0.1077 45 SER B OG  
379 N N   . LEU B 8  ? 0.7947 0.4285 0.5150 0.1376  -0.0046 -0.1037 46 LEU B N   
380 C CA  . LEU B 8  ? 0.9176 0.5970 0.6633 0.1505  0.0115  -0.0937 46 LEU B CA  
381 C C   . LEU B 8  ? 0.8253 0.5176 0.6104 0.1292  0.0059  -0.0789 46 LEU B C   
382 O O   . LEU B 8  ? 0.7175 0.4622 0.5327 0.1240  0.0181  -0.0675 46 LEU B O   
383 C CB  . LEU B 8  ? 0.7496 0.4041 0.4693 0.1867  0.0139  -0.1027 46 LEU B CB  
384 N N   . ARG B 9  ? 0.7878 0.4340 0.5733 0.1167  -0.0131 -0.0779 47 ARG B N   
385 C CA  . ARG B 9  ? 0.6172 0.2784 0.4382 0.0987  -0.0167 -0.0619 47 ARG B CA  
386 C C   . ARG B 9  ? 0.6343 0.3337 0.4802 0.0724  -0.0113 -0.0534 47 ARG B C   
387 O O   . ARG B 9  ? 0.6218 0.3618 0.4945 0.0656  -0.0031 -0.0426 47 ARG B O   
388 C CB  . ARG B 9  ? 0.7421 0.3486 0.5615 0.0906  -0.0384 -0.0585 47 ARG B CB  
389 C CG  . ARG B 9  ? 0.8001 0.4270 0.6562 0.0690  -0.0409 -0.0391 47 ARG B CG  
390 C CD  . ARG B 9  ? 0.9909 0.5836 0.8549 0.0717  -0.0555 -0.0288 47 ARG B CD  
391 N NE  . ARG B 9  ? 1.1300 0.7603 1.0257 0.0644  -0.0489 -0.0100 47 ARG B NE  
392 C CZ  . ARG B 9  ? 1.1073 0.7459 1.0266 0.0429  -0.0535 0.0064  47 ARG B CZ  
393 N NH1 . ARG B 9  ? 1.0049 0.6196 0.9253 0.0244  -0.0653 0.0086  47 ARG B NH1 
394 N NH2 . ARG B 9  ? 1.0011 0.6744 0.9429 0.0410  -0.0461 0.0221  47 ARG B NH2 
395 N N   . ALA B 10 ? 0.6438 0.3289 0.4798 0.0578  -0.0171 -0.0585 48 ALA B N   
396 C CA  . ALA B 10 ? 0.5875 0.3054 0.4469 0.0343  -0.0126 -0.0509 48 ALA B CA  
397 C C   . ALA B 10 ? 0.5240 0.2954 0.3936 0.0385  0.0049  -0.0502 48 ALA B C   
398 O O   . ALA B 10 ? 0.4952 0.3010 0.3905 0.0247  0.0100  -0.0419 48 ALA B O   
399 C CB  . ALA B 10 ? 0.6122 0.3028 0.4593 0.0191  -0.0234 -0.0553 48 ALA B CB  
400 N N   . LEU B 11 ? 0.4982 0.2774 0.3479 0.0582  0.0135  -0.0581 49 LEU B N   
401 C CA  . LEU B 11 ? 0.4718 0.3056 0.3360 0.0627  0.0293  -0.0533 49 LEU B CA  
402 C C   . LEU B 11 ? 0.5614 0.4261 0.4509 0.0658  0.0340  -0.0437 49 LEU B C   
403 O O   . LEU B 11 ? 0.5405 0.4470 0.4542 0.0547  0.0394  -0.0360 49 LEU B O   
404 C CB  . LEU B 11 ? 0.5845 0.4238 0.4235 0.0878  0.0393  -0.0601 49 LEU B CB  
405 C CG  . LEU B 11 ? 0.5704 0.4035 0.3881 0.0843  0.0401  -0.0662 49 LEU B CG  
406 C CD1 . LEU B 11 ? 0.5776 0.4236 0.3693 0.1138  0.0534  -0.0708 49 LEU B CD1 
407 C CD2 . LEU B 11 ? 0.5217 0.3923 0.3671 0.0590  0.0431  -0.0568 49 LEU B CD2 
408 N N   . HIS B 12 ? 0.6088 0.4517 0.4925 0.0808  0.0302  -0.0438 50 HIS B N   
409 C CA  . HIS B 12 ? 0.5165 0.3869 0.4226 0.0839  0.0330  -0.0335 50 HIS B CA  
410 C C   . HIS B 12 ? 0.5409 0.4178 0.4675 0.0604  0.0268  -0.0259 50 HIS B C   
411 O O   . HIS B 12 ? 0.4968 0.4108 0.4431 0.0553  0.0305  -0.0184 50 HIS B O   
412 C CB  . HIS B 12 ? 0.5518 0.3935 0.4469 0.1052  0.0292  -0.0342 50 HIS B CB  
413 C CG  . HIS B 12 ? 0.8073 0.6494 0.6830 0.1340  0.0381  -0.0410 50 HIS B CG  
414 N ND1 . HIS B 12 ? 0.9463 0.7599 0.8084 0.1583  0.0355  -0.0439 50 HIS B ND1 
415 C CD2 . HIS B 12 ? 0.8524 0.7211 0.7201 0.1441  0.0503  -0.0442 50 HIS B CD2 
416 C CE1 . HIS B 12 ? 0.9909 0.8130 0.8352 0.1842  0.0469  -0.0501 50 HIS B CE1 
417 N NE2 . HIS B 12 ? 0.9906 0.8483 0.8384 0.1761  0.0566  -0.0494 50 HIS B NE2 
418 N N   . LEU B 13 ? 0.4875 0.3286 0.4090 0.0471  0.0168  -0.0269 51 LEU B N   
419 C CA  . LEU B 13 ? 0.5123 0.3610 0.4520 0.0276  0.0131  -0.0184 51 LEU B CA  
420 C C   . LEU B 13 ? 0.4515 0.3355 0.4038 0.0138  0.0192  -0.0190 51 LEU B C   
421 O O   . LEU B 13 ? 0.3611 0.2706 0.3283 0.0071  0.0208  -0.0133 51 LEU B O   
422 C CB  . LEU B 13 ? 0.4220 0.2303 0.3573 0.0154  0.0017  -0.0169 51 LEU B CB  
423 C CG  . LEU B 13 ? 0.6588 0.4254 0.5868 0.0222  -0.0099 -0.0130 51 LEU B CG  
424 C CD1 . LEU B 13 ? 0.5926 0.3378 0.5303 0.0028  -0.0204 -0.0043 51 LEU B CD1 
425 C CD2 . LEU B 13 ? 0.6484 0.4274 0.5867 0.0333  -0.0080 -0.0033 51 LEU B CD2 
426 N N   . VAL B 14 ? 0.3695 0.2538 0.3143 0.0103  0.0215  -0.0257 52 VAL B N   
427 C CA  . VAL B 14 ? 0.3415 0.2551 0.3001 -0.0042 0.0250  -0.0251 52 VAL B CA  
428 C C   . VAL B 14 ? 0.3403 0.2962 0.3124 0.0013  0.0311  -0.0213 52 VAL B C   
429 O O   . VAL B 14 ? 0.3253 0.3036 0.3129 -0.0108 0.0298  -0.0186 52 VAL B O   
430 C CB  . VAL B 14 ? 0.4330 0.3377 0.3806 -0.0087 0.0255  -0.0307 52 VAL B CB  
431 C CG1 . VAL B 14 ? 0.5323 0.4715 0.4956 -0.0203 0.0298  -0.0284 52 VAL B CG1 
432 C CG2 . VAL B 14 ? 0.3958 0.2635 0.3368 -0.0208 0.0164  -0.0320 52 VAL B CG2 
433 N N   . GLU B 15 ? 0.3437 0.3098 0.3103 0.0201  0.0366  -0.0208 53 GLU B N   
434 C CA  . GLU B 15 ? 0.3316 0.3410 0.3149 0.0255  0.0413  -0.0139 53 GLU B CA  
435 C C   . GLU B 15 ? 0.3493 0.3679 0.3435 0.0236  0.0365  -0.0086 53 GLU B C   
436 O O   . GLU B 15 ? 0.3713 0.4202 0.3817 0.0147  0.0339  -0.0043 53 GLU B O   
437 C CB  . GLU B 15 ? 0.3985 0.4176 0.3738 0.0493  0.0497  -0.0126 53 GLU B CB  
438 C CG  . GLU B 15 ? 0.5731 0.6385 0.5695 0.0575  0.0540  -0.0017 53 GLU B CG  
439 C CD  . GLU B 15 ? 0.5676 0.6731 0.5874 0.0406  0.0530  0.0055  53 GLU B CD  
440 O OE1 . GLU B 15 ? 0.5952 0.6971 0.6133 0.0283  0.0533  0.0025  53 GLU B OE1 
441 O OE2 . GLU B 15 ? 0.5893 0.7292 0.6302 0.0389  0.0502  0.0151  53 GLU B OE2 
442 N N   . ASP B 16 ? 0.3622 0.3539 0.3469 0.0316  0.0336  -0.0081 54 ASP B N   
443 C CA  . ASP B 16 ? 0.3385 0.3399 0.3313 0.0305  0.0294  -0.0013 54 ASP B CA  
444 C C   . ASP B 16 ? 0.3409 0.3461 0.3389 0.0118  0.0252  -0.0021 54 ASP B C   
445 O O   . ASP B 16 ? 0.3702 0.3982 0.3755 0.0082  0.0220  0.0011  54 ASP B O   
446 C CB  . ASP B 16 ? 0.3717 0.3418 0.3554 0.0405  0.0265  0.0021  54 ASP B CB  
447 C CG  . ASP B 16 ? 0.6763 0.6448 0.6557 0.0628  0.0295  0.0037  54 ASP B CG  
448 O OD1 . ASP B 16 ? 0.6626 0.6491 0.6421 0.0722  0.0361  0.0010  54 ASP B OD1 
449 O OD2 . ASP B 16 ? 0.7914 0.7414 0.7685 0.0718  0.0256  0.0093  54 ASP B OD2 
450 N N   . LEU B 17 ? 0.3103 0.2913 0.3032 0.0011  0.0242  -0.0065 55 LEU B N   
451 C CA  . LEU B 17 ? 0.2957 0.2788 0.2929 -0.0139 0.0216  -0.0074 55 LEU B CA  
452 C C   . LEU B 17 ? 0.3045 0.3153 0.3113 -0.0227 0.0201  -0.0111 55 LEU B C   
453 O O   . LEU B 17 ? 0.3173 0.3403 0.3267 -0.0278 0.0159  -0.0114 55 LEU B O   
454 C CB  . LEU B 17 ? 0.2967 0.2509 0.2898 -0.0230 0.0209  -0.0096 55 LEU B CB  
455 C CG  . LEU B 17 ? 0.2843 0.2375 0.2823 -0.0363 0.0198  -0.0099 55 LEU B CG  
456 C CD1 . LEU B 17 ? 0.2863 0.2451 0.2837 -0.0328 0.0199  -0.0034 55 LEU B CD1 
457 C CD2 . LEU B 17 ? 0.2881 0.2134 0.2845 -0.0436 0.0184  -0.0087 55 LEU B CD2 
458 N N   . ARG B 18 ? 0.2787 0.2998 0.2903 -0.0236 0.0224  -0.0128 56 ARG B N   
459 C CA  . ARG B 18 ? 0.2956 0.3437 0.3212 -0.0338 0.0189  -0.0128 56 ARG B CA  
460 C C   . ARG B 18 ? 0.3544 0.4299 0.3882 -0.0296 0.0141  -0.0080 56 ARG B C   
461 O O   . ARG B 18 ? 0.3262 0.4135 0.3669 -0.0402 0.0055  -0.0095 56 ARG B O   
462 C CB  . ARG B 18 ? 0.3226 0.3827 0.3538 -0.0335 0.0236  -0.0109 56 ARG B CB  
463 C CG  . ARG B 18 ? 0.2789 0.3693 0.3300 -0.0459 0.0186  -0.0067 56 ARG B CG  
464 C CD  . ARG B 18 ? 0.2829 0.4031 0.3446 -0.0379 0.0251  0.0025  56 ARG B CD  
465 N NE  . ARG B 18 ? 0.4043 0.5419 0.4672 -0.0206 0.0288  0.0083  56 ARG B NE  
466 C CZ  . ARG B 18 ? 0.5422 0.7085 0.6221 -0.0223 0.0219  0.0159  56 ARG B CZ  
467 N NH1 . ARG B 18 ? 0.4660 0.6432 0.5603 -0.0404 0.0095  0.0167  56 ARG B NH1 
468 N NH2 . ARG B 18 ? 0.4950 0.6772 0.5769 -0.0052 0.0260  0.0226  56 ARG B NH2 
469 N N   . GLY B 19 ? 0.3052 0.3883 0.3375 -0.0139 0.0180  -0.0023 57 GLY B N   
470 C CA  . GLY B 19 ? 0.3017 0.4133 0.3437 -0.0095 0.0127  0.0044  57 GLY B CA  
471 C C   . GLY B 19 ? 0.3591 0.4641 0.3924 -0.0130 0.0052  0.0024  57 GLY B C   
472 O O   . GLY B 19 ? 0.3523 0.4778 0.3913 -0.0179 -0.0045 0.0041  57 GLY B O   
473 N N   . LEU B 20 ? 0.2863 0.3631 0.3050 -0.0105 0.0088  -0.0001 58 LEU B N   
474 C CA  . LEU B 20 ? 0.3268 0.3992 0.3348 -0.0117 0.0043  -0.0005 58 LEU B CA  
475 C C   . LEU B 20 ? 0.3752 0.4461 0.3807 -0.0254 -0.0019 -0.0095 58 LEU B C   
476 O O   . LEU B 20 ? 0.3469 0.4282 0.3462 -0.0271 -0.0107 -0.0120 58 LEU B O   
477 C CB  . LEU B 20 ? 0.3898 0.4363 0.3879 -0.0061 0.0105  0.0032  58 LEU B CB  
478 C CG  . LEU B 20 ? 0.3828 0.4230 0.3809 0.0080  0.0137  0.0125  58 LEU B CG  
479 C CD1 . LEU B 20 ? 0.3816 0.3967 0.3736 0.0098  0.0161  0.0192  58 LEU B CD1 
480 C CD2 . LEU B 20 ? 0.4806 0.5460 0.4809 0.0168  0.0095  0.0195  58 LEU B CD2 
481 N N   . LEU B 21 ? 0.3268 0.3829 0.3352 -0.0343 0.0012  -0.0149 59 LEU B N   
482 C CA  . LEU B 21 ? 0.2822 0.3323 0.2886 -0.0458 -0.0047 -0.0235 59 LEU B CA  
483 C C   . LEU B 21 ? 0.3566 0.4267 0.3723 -0.0540 -0.0174 -0.0262 59 LEU B C   
484 O O   . LEU B 21 ? 0.3552 0.4203 0.3626 -0.0593 -0.0271 -0.0341 59 LEU B O   
485 C CB  . LEU B 21 ? 0.2834 0.3168 0.2957 -0.0543 0.0002  -0.0263 59 LEU B CB  
486 C CG  . LEU B 21 ? 0.3094 0.3197 0.3139 -0.0507 0.0084  -0.0236 59 LEU B CG  
487 C CD1 . LEU B 21 ? 0.3508 0.3471 0.3624 -0.0587 0.0117  -0.0244 59 LEU B CD1 
488 C CD2 . LEU B 21 ? 0.3365 0.3395 0.3307 -0.0500 0.0083  -0.0265 59 LEU B CD2 
489 N N   . GLU B 22 ? 0.3036 0.3957 0.3364 -0.0547 -0.0184 -0.0192 60 GLU B N   
490 C CA  . GLU B 22 ? 0.3483 0.4622 0.3968 -0.0654 -0.0323 -0.0176 60 GLU B CA  
491 C C   . GLU B 22 ? 0.4477 0.5745 0.4898 -0.0623 -0.0444 -0.0167 60 GLU B C   
492 O O   . GLU B 22 ? 0.4214 0.5593 0.4722 -0.0733 -0.0611 -0.0177 60 GLU B O   
493 C CB  . GLU B 22 ? 0.5025 0.6423 0.5743 -0.0660 -0.0280 -0.0062 60 GLU B CB  
494 C CG  . GLU B 22 ? 0.5793 0.7094 0.6572 -0.0727 -0.0202 -0.0072 60 GLU B CG  
495 C CD  . GLU B 22 ? 0.7378 0.8989 0.8420 -0.0800 -0.0222 0.0045  60 GLU B CD  
496 O OE1 . GLU B 22 ? 0.6861 0.8753 0.8082 -0.0845 -0.0331 0.0132  60 GLU B OE1 
497 O OE2 . GLU B 22 ? 0.6900 0.8488 0.7975 -0.0817 -0.0134 0.0067  60 GLU B OE2 
498 N N   . MET B 23 ? 0.3408 0.4652 0.3681 -0.0484 -0.0383 -0.0144 61 MET B N   
499 C CA  . MET B 23 ? 0.3250 0.4616 0.3428 -0.0441 -0.0497 -0.0127 61 MET B CA  
500 C C   . MET B 23 ? 0.3335 0.4487 0.3225 -0.0421 -0.0535 -0.0237 61 MET B C   
501 O O   . MET B 23 ? 0.3920 0.5143 0.3662 -0.0376 -0.0635 -0.0241 61 MET B O   
502 C CB  . MET B 23 ? 0.4446 0.5950 0.4647 -0.0289 -0.0413 -0.0007 61 MET B CB  
503 C CG  . MET B 23 ? 0.4502 0.6252 0.4961 -0.0260 -0.0371 0.0106  61 MET B CG  
504 S SD  . MET B 23 ? 0.5945 0.8051 0.6649 -0.0392 -0.0566 0.0177  61 MET B SD  
505 C CE  . MET B 23 ? 0.5660 0.7942 0.6650 -0.0425 -0.0465 0.0263  61 MET B CE  
506 N N   . MET B 24 ? 0.3577 0.4484 0.3372 -0.0437 -0.0454 -0.0318 62 MET B N   
507 C CA  . MET B 24 ? 0.3492 0.4221 0.3012 -0.0372 -0.0444 -0.0400 62 MET B CA  
508 C C   . MET B 24 ? 0.3697 0.4307 0.3101 -0.0456 -0.0604 -0.0548 62 MET B C   
509 O O   . MET B 24 ? 0.4622 0.5191 0.4194 -0.0590 -0.0676 -0.0590 62 MET B O   
510 C CB  . MET B 24 ? 0.3380 0.3922 0.2880 -0.0335 -0.0275 -0.0386 62 MET B CB  
511 C CG  . MET B 24 ? 0.3300 0.3876 0.2826 -0.0231 -0.0147 -0.0251 62 MET B CG  
512 S SD  . MET B 24 ? 0.3801 0.4154 0.3355 -0.0226 0.0004  -0.0211 62 MET B SD  
513 C CE  . MET B 24 ? 0.3989 0.4358 0.3662 -0.0158 0.0072  -0.0064 62 MET B CE  
514 N N   . GLU B 25 ? 0.3990 0.4530 0.3092 -0.0367 -0.0666 -0.0625 63 GLU B N   
515 C CA  . GLU B 25 ? 0.4646 0.4970 0.3557 -0.0401 -0.0797 -0.0798 63 GLU B CA  
516 C C   . GLU B 25 ? 0.4192 0.4299 0.3088 -0.0382 -0.0656 -0.0850 63 GLU B C   
517 O O   . GLU B 25 ? 0.3984 0.4111 0.2955 -0.0325 -0.0462 -0.0749 63 GLU B O   
518 C CB  . GLU B 25 ? 0.4702 0.4989 0.3225 -0.0274 -0.0887 -0.0878 63 GLU B CB  
519 C CG  . GLU B 25 ? 0.4885 0.5376 0.3418 -0.0312 -0.1072 -0.0831 63 GLU B CG  
520 C CD  . GLU B 25 ? 0.6861 0.7261 0.4967 -0.0214 -0.1229 -0.0951 63 GLU B CD  
521 O OE1 . GLU B 25 ? 0.7002 0.7217 0.4771 -0.0070 -0.1144 -0.1052 63 GLU B OE1 
522 O OE2 . GLU B 25 ? 0.9276 0.9801 0.7376 -0.0274 -0.1440 -0.0938 63 GLU B OE2 
523 N N   . THR B 26 ? 0.4678 0.4567 0.3489 -0.0436 -0.0774 -0.1003 64 THR B N   
524 C CA  . THR B 26 ? 0.4339 0.4028 0.3169 -0.0423 -0.0658 -0.1048 64 THR B CA  
525 C C   . THR B 26 ? 0.4423 0.4083 0.3028 -0.0228 -0.0463 -0.1017 64 THR B C   
526 O O   . THR B 26 ? 0.4705 0.4350 0.3451 -0.0215 -0.0294 -0.0929 64 THR B O   
527 C CB  . THR B 26 ? 0.6648 0.6076 0.5391 -0.0488 -0.0842 -0.1227 64 THR B CB  
528 O OG1 . THR B 26 ? 0.7195 0.6683 0.6245 -0.0699 -0.1003 -0.1196 64 THR B OG1 
529 C CG2 . THR B 26 ? 0.6099 0.5317 0.4824 -0.0435 -0.0718 -0.1276 64 THR B CG2 
530 N N   . ASP B 27 ? 0.5538 0.5213 0.3804 -0.0074 -0.0488 -0.1066 65 ASP B N   
531 C CA  A ASP B 27 ? 0.5423 0.5129 0.3491 0.0124  -0.0289 -0.0998 65 ASP B CA  
532 C CA  B ASP B 27 ? 0.5424 0.5130 0.3492 0.0124  -0.0289 -0.0998 65 ASP B CA  
533 C C   . ASP B 27 ? 0.4888 0.4807 0.3177 0.0128  -0.0122 -0.0769 65 ASP B C   
534 O O   . ASP B 27 ? 0.4600 0.4540 0.2920 0.0215  0.0057  -0.0654 65 ASP B O   
535 C CB  A ASP B 27 ? 0.5550 0.5251 0.3172 0.0302  -0.0353 -0.1089 65 ASP B CB  
536 C CB  B ASP B 27 ? 0.5547 0.5250 0.3171 0.0300  -0.0354 -0.1087 65 ASP B CB  
537 C CG  A ASP B 27 ? 0.5982 0.5912 0.3573 0.0303  -0.0414 -0.0988 65 ASP B CG  
538 C CG  B ASP B 27 ? 0.6201 0.5616 0.3503 0.0392  -0.0446 -0.1316 65 ASP B CG  
539 O OD1 A ASP B 27 ? 0.5171 0.5164 0.2955 0.0146  -0.0572 -0.0990 65 ASP B OD1 
540 O OD1 B ASP B 27 ? 0.7352 0.6570 0.4811 0.0295  -0.0487 -0.1403 65 ASP B OD1 
541 O OD2 A ASP B 27 ? 0.6699 0.6773 0.4089 0.0469  -0.0299 -0.0884 65 ASP B OD2 
542 O OD2 B ASP B 27 ? 0.7361 0.6733 0.4230 0.0573  -0.0483 -0.1410 65 ASP B OD2 
543 N N   . GLU B 28 ? 0.4335 0.4405 0.2791 0.0040  -0.0187 -0.0690 66 GLU B N   
544 C CA  . GLU B 28 ? 0.4147 0.4359 0.2802 0.0049  -0.0055 -0.0491 66 GLU B CA  
545 C C   . GLU B 28 ? 0.3770 0.3891 0.2712 -0.0058 0.0030  -0.0439 66 GLU B C   
546 O O   . GLU B 28 ? 0.4228 0.4347 0.3256 -0.0018 0.0165  -0.0302 66 GLU B O   
547 C CB  . GLU B 28 ? 0.4002 0.4385 0.2749 0.0009  -0.0148 -0.0431 66 GLU B CB  
548 N N   . LYS B 29 ? 0.3685 0.3735 0.2783 -0.0202 -0.0063 -0.0530 67 LYS B N   
549 C CA  . LYS B 29 ? 0.3764 0.3725 0.3102 -0.0306 0.0000  -0.0492 67 LYS B CA  
550 C C   . LYS B 29 ? 0.3754 0.3581 0.3065 -0.0267 0.0103  -0.0486 67 LYS B C   
551 O O   . LYS B 29 ? 0.3664 0.3458 0.3129 -0.0291 0.0202  -0.0372 67 LYS B O   
552 C CB  . LYS B 29 ? 0.4611 0.4551 0.4093 -0.0457 -0.0124 -0.0583 67 LYS B CB  
553 C CG  . LYS B 29 ? 0.5334 0.5424 0.5007 -0.0524 -0.0148 -0.0510 67 LYS B CG  
554 C CD  . LYS B 29 ? 0.3965 0.4064 0.3821 -0.0675 -0.0241 -0.0555 67 LYS B CD  
555 C CE  . LYS B 29 ? 0.5736 0.5772 0.5512 -0.0730 -0.0405 -0.0677 67 LYS B CE  
556 N NZ  . LYS B 29 ? 0.6271 0.6339 0.6277 -0.0895 -0.0514 -0.0680 67 LYS B NZ  
557 N N   . GLU B 30 ? 0.4482 0.4220 0.3598 -0.0199 0.0071  -0.0607 68 GLU B N   
558 C CA  . GLU B 30 ? 0.3726 0.3356 0.2828 -0.0137 0.0178  -0.0598 68 GLU B CA  
559 C C   . GLU B 30 ? 0.3790 0.3537 0.2821 0.0016  0.0338  -0.0435 68 GLU B C   
560 O O   . GLU B 30 ? 0.4156 0.3896 0.3344 0.0018  0.0454  -0.0307 68 GLU B O   
561 C CB  . GLU B 30 ? 0.4969 0.4434 0.3862 -0.0086 0.0089  -0.0791 68 GLU B CB  
562 C CG  . GLU B 30 ? 0.5050 0.4389 0.4096 -0.0267 -0.0075 -0.0907 68 GLU B CG  
563 C CD  . GLU B 30 ? 0.6744 0.5865 0.5587 -0.0232 -0.0213 -0.1108 68 GLU B CD  
564 O OE1 . GLU B 30 ? 0.6396 0.5463 0.4903 -0.0055 -0.0213 -0.1198 68 GLU B OE1 
565 O OE2 . GLU B 30 ? 0.7245 0.6232 0.6249 -0.0376 -0.0333 -0.1177 68 GLU B OE2 
566 N N   . GLY B 31 ? 0.4183 0.4057 0.2999 0.0136  0.0339  -0.0411 69 GLY B N   
567 C CA  . GLY B 31 ? 0.4637 0.4668 0.3435 0.0263  0.0486  -0.0206 69 GLY B CA  
568 C C   . GLY B 31 ? 0.3804 0.3873 0.2909 0.0159  0.0532  -0.0011 69 GLY B C   
569 O O   . GLY B 31 ? 0.4061 0.4192 0.3287 0.0200  0.0649  0.0181  69 GLY B O   
570 N N   . LEU B 32 ? 0.3525 0.3552 0.2762 0.0028  0.0432  -0.0051 70 LEU B N   
571 C CA  . LEU B 32 ? 0.3320 0.3317 0.2798 -0.0056 0.0452  0.0096  70 LEU B CA  
572 C C   . LEU B 32 ? 0.3445 0.3306 0.3114 -0.0155 0.0485  0.0123  70 LEU B C   
573 O O   . LEU B 32 ? 0.3563 0.3398 0.3393 -0.0180 0.0534  0.0296  70 LEU B O   
574 C CB  . LEU B 32 ? 0.3924 0.3917 0.3455 -0.0129 0.0352  0.0034  70 LEU B CB  
575 C CG  . LEU B 32 ? 0.3695 0.3586 0.3418 -0.0204 0.0348  0.0127  70 LEU B CG  
576 C CD1 . LEU B 32 ? 0.4921 0.4834 0.4690 -0.0136 0.0394  0.0329  70 LEU B CD1 
577 C CD2 . LEU B 32 ? 0.4288 0.4205 0.4033 -0.0241 0.0270  0.0040  70 LEU B CD2 
578 N N   . ARG B 33 ? 0.3344 0.3112 0.3009 -0.0223 0.0439  -0.0035 71 ARG B N   
579 C CA  . ARG B 33 ? 0.4342 0.3996 0.4184 -0.0313 0.0466  -0.0006 71 ARG B CA  
580 C C   . ARG B 33 ? 0.3908 0.3613 0.3788 -0.0221 0.0586  0.0140  71 ARG B C   
581 O O   . ARG B 33 ? 0.4158 0.3814 0.4248 -0.0295 0.0614  0.0270  71 ARG B O   
582 C CB  . ARG B 33 ? 0.3575 0.3135 0.3402 -0.0385 0.0393  -0.0187 71 ARG B CB  
583 C CG  . ARG B 33 ? 0.3692 0.3139 0.3696 -0.0474 0.0413  -0.0158 71 ARG B CG  
584 C CD  . ARG B 33 ? 0.4343 0.3735 0.4528 -0.0601 0.0390  -0.0062 71 ARG B CD  
585 N NE  . ARG B 33 ? 0.4355 0.3650 0.4704 -0.0692 0.0395  -0.0022 71 ARG B NE  
586 C CZ  . ARG B 33 ? 0.4329 0.3629 0.4796 -0.0668 0.0467  0.0127  71 ARG B CZ  
587 N NH1 . ARG B 33 ? 0.4287 0.3696 0.4732 -0.0553 0.0549  0.0259  71 ARG B NH1 
588 N NH2 . ARG B 33 ? 0.5093 0.4312 0.5725 -0.0762 0.0454  0.0166  71 ARG B NH2 
589 N N   . CYS B 34 ? 0.3317 0.3139 0.2997 -0.0052 0.0656  0.0140  72 CYS B N   
590 C CA  . CYS B 34 ? 0.3772 0.3706 0.3487 0.0070  0.0798  0.0308  72 CYS B CA  
591 C C   . CYS B 34 ? 0.3611 0.3638 0.3555 0.0031  0.0843  0.0586  72 CYS B C   
592 O O   . CYS B 34 ? 0.3992 0.4098 0.4117 0.0051  0.0935  0.0780  72 CYS B O   
593 C CB  . CYS B 34 ? 0.3820 0.3886 0.3221 0.0289  0.0871  0.0267  72 CYS B CB  
594 S SG  . CYS B 34 ? 0.4259 0.4170 0.3328 0.0376  0.0796  -0.0055 72 CYS B SG  
595 N N   . GLN B 35 ? 0.3450 0.3471 0.3402 -0.0020 0.0773  0.0622  73 GLN B N   
596 C CA  . GLN B 35 ? 0.3690 0.3767 0.3829 -0.0046 0.0786  0.0883  73 GLN B CA  
597 C C   . GLN B 35 ? 0.4279 0.4152 0.4659 -0.0230 0.0688  0.0932  73 GLN B C   
598 O O   . GLN B 35 ? 0.3644 0.3495 0.4191 -0.0276 0.0656  0.1137  73 GLN B O   
599 C CB  . GLN B 35 ? 0.4437 0.4592 0.4445 0.0018  0.0753  0.0905  73 GLN B CB  
600 C CG  . GLN B 35 ? 0.5294 0.5674 0.5061 0.0208  0.0847  0.0930  73 GLN B CG  
601 C CD  . GLN B 35 ? 0.6534 0.7012 0.6217 0.0261  0.0810  0.1008  73 GLN B CD  
602 O OE1 . GLN B 35 ? 0.8275 0.8675 0.7872 0.0222  0.0708  0.0852  73 GLN B OE1 
603 N NE2 . GLN B 35 ? 0.7732 0.8406 0.7465 0.0354  0.0896  0.1274  73 GLN B NE2 
604 N N   . ILE B 36 ? 0.4374 0.3110 0.4970 -0.0183 -0.0128 -0.0073 74 ILE B N   
605 C CA  . ILE B 36 ? 0.3603 0.2597 0.4440 -0.0136 -0.0160 -0.0099 74 ILE B CA  
606 C C   . ILE B 36 ? 0.3069 0.2260 0.3871 0.0111  -0.0112 -0.0103 74 ILE B C   
607 O O   . ILE B 36 ? 0.3348 0.2246 0.3796 0.0286  -0.0048 -0.0065 74 ILE B O   
608 C CB  . ILE B 36 ? 0.3454 0.2179 0.4115 -0.0196 -0.0201 -0.0101 74 ILE B CB  
609 C CG1 . ILE B 36 ? 0.3950 0.2477 0.4577 -0.0428 -0.0243 -0.0073 74 ILE B CG1 
610 C CG2 . ILE B 36 ? 0.4003 0.3047 0.4940 -0.0193 -0.0236 -0.0136 74 ILE B CG2 
611 C CD1 . ILE B 36 ? 0.4158 0.3072 0.5138 -0.0542 -0.0241 -0.0042 74 ILE B CD1 
612 N N   . PRO B 37 ? 0.2854 0.2547 0.4002 0.0133  -0.0116 -0.0140 75 PRO B N   
613 C CA  . PRO B 37 ? 0.3413 0.3414 0.4538 0.0367  -0.0082 -0.0120 75 PRO B CA  
614 C C   . PRO B 37 ? 0.4014 0.3895 0.4904 0.0511  -0.0087 -0.0063 75 PRO B C   
615 O O   . PRO B 37 ? 0.3550 0.3317 0.4443 0.0384  -0.0141 -0.0088 75 PRO B O   
616 C CB  . PRO B 37 ? 0.2762 0.3367 0.4315 0.0258  -0.0091 -0.0206 75 PRO B CB  
617 C CG  . PRO B 37 ? 0.2653 0.3169 0.4437 0.0021  -0.0079 -0.0252 75 PRO B CG  
618 C CD  . PRO B 37 ? 0.2504 0.2520 0.4073 -0.0066 -0.0121 -0.0199 75 PRO B CD  
619 N N   . ASP B 38 ? 0.3736 0.3630 0.4419 0.0796  -0.0010 0.0034  76 ASP B N   
620 C CA  . ASP B 38 ? 0.3933 0.3737 0.4395 0.0988  0.0024  0.0132  76 ASP B CA  
621 C C   . ASP B 38 ? 0.3653 0.4033 0.4381 0.0924  -0.0069 0.0104  76 ASP B C   
622 O O   . ASP B 38 ? 0.3523 0.3754 0.4137 0.0913  -0.0095 0.0127  76 ASP B O   
623 C CB  . ASP B 38 ? 0.4544 0.4344 0.4798 0.1344  0.0166  0.0284  76 ASP B CB  
624 C CG  . ASP B 38 ? 0.5901 0.4973 0.5775 0.1399  0.0313  0.0302  76 ASP B CG  
625 O OD1 . ASP B 38 ? 0.5864 0.4396 0.5528 0.1204  0.0309  0.0230  76 ASP B OD1 
626 O OD2 . ASP B 38 ? 0.8383 0.7444 0.8160 0.1620  0.0444  0.0384  76 ASP B OD2 
627 N N   . SER B 39 ? 0.3372 0.4413 0.4445 0.0851  -0.0108 0.0037  77 SER B N   
628 C CA  . SER B 39 ? 0.2535 0.4161 0.3845 0.0729  -0.0175 -0.0028 77 SER B CA  
629 C C   . SER B 39 ? 0.2972 0.4336 0.4372 0.0431  -0.0229 -0.0149 77 SER B C   
630 O O   . SER B 39 ? 0.3230 0.4796 0.4655 0.0370  -0.0271 -0.0169 77 SER B O   
631 C CB  . SER B 39 ? 0.3003 0.5359 0.4649 0.0635  -0.0173 -0.0122 77 SER B CB  
632 O OG  . SER B 39 ? 0.3809 0.6010 0.5668 0.0385  -0.0152 -0.0263 77 SER B OG  
633 N N   . THR B 40 ? 0.2589 0.3534 0.4041 0.0251  -0.0222 -0.0213 78 THR B N   
634 C CA  . THR B 40 ? 0.2967 0.3650 0.4508 0.0003  -0.0252 -0.0283 78 THR B CA  
635 C C   . THR B 40 ? 0.2811 0.2997 0.4020 0.0079  -0.0283 -0.0204 78 THR B C   
636 O O   . THR B 40 ? 0.3048 0.3225 0.4284 -0.0030 -0.0320 -0.0236 78 THR B O   
637 C CB  . THR B 40 ? 0.2508 0.2948 0.4198 -0.0167 -0.0221 -0.0314 78 THR B CB  
638 O OG1 . THR B 40 ? 0.3066 0.3948 0.5093 -0.0268 -0.0158 -0.0404 78 THR B OG1 
639 C CG2 . THR B 40 ? 0.2378 0.2532 0.4142 -0.0380 -0.0236 -0.0332 78 THR B CG2 
640 N N   . ALA B 41 ? 0.2437 0.2187 0.3313 0.0251  -0.0244 -0.0112 79 ALA B N   
641 C CA  . ALA B 41 ? 0.2661 0.1882 0.3186 0.0304  -0.0231 -0.0055 79 ALA B CA  
642 C C   . ALA B 41 ? 0.3402 0.2830 0.3850 0.0470  -0.0230 0.0009  79 ALA B C   
643 O O   . ALA B 41 ? 0.3608 0.2784 0.3935 0.0411  -0.0253 0.0011  79 ALA B O   
644 C CB  . ALA B 41 ? 0.3697 0.2424 0.3853 0.0453  -0.0129 0.0009  79 ALA B CB  
645 N N   . GLU B 42 ? 0.2769 0.2710 0.3295 0.0681  -0.0204 0.0078  80 GLU B N   
646 C CA  A GLU B 42 ? 0.2892 0.3142 0.3345 0.0876  -0.0197 0.0187  80 GLU B CA  
647 C CA  B GLU B 42 ? 0.2894 0.3141 0.3344 0.0876  -0.0196 0.0188  80 GLU B CA  
648 C C   . GLU B 42 ? 0.2876 0.3545 0.3575 0.0646  -0.0299 0.0081  80 GLU B C   
649 O O   . GLU B 42 ? 0.3219 0.3866 0.3794 0.0699  -0.0311 0.0138  80 GLU B O   
650 C CB  A GLU B 42 ? 0.3331 0.4143 0.3833 0.1159  -0.0143 0.0316  80 GLU B CB  
651 C CB  B GLU B 42 ? 0.3337 0.4139 0.3832 0.1164  -0.0141 0.0319  80 GLU B CB  
652 C CG  A GLU B 42 ? 0.3066 0.4394 0.3541 0.1373  -0.0139 0.0469  80 GLU B CG  
653 C CG  B GLU B 42 ? 0.3531 0.3859 0.3704 0.1476  0.0020  0.0478  80 GLU B CG  
654 C CD  A GLU B 42 ? 0.3710 0.5687 0.4260 0.1662  -0.0083 0.0631  80 GLU B CD  
655 C CD  B GLU B 42 ? 0.3928 0.4766 0.4228 0.1685  0.0072  0.0567  80 GLU B CD  
656 O OE1 A GLU B 42 ? 0.3745 0.5468 0.4209 0.1816  0.0014  0.0687  80 GLU B OE1 
657 O OE1 B GLU B 42 ? 0.3532 0.5189 0.4137 0.1636  -0.0016 0.0541  80 GLU B OE1 
658 O OE2 A GLU B 42 ? 0.3397 0.6179 0.4093 0.1724  -0.0131 0.0706  80 GLU B OE2 
659 O OE2 B GLU B 42 ? 0.3713 0.4141 0.3800 0.1881  0.0215  0.0652  80 GLU B OE2 
660 N N   . VAL B 43 ? 0.2242 0.3276 0.3282 0.0382  -0.0342 -0.0079 81 VAL B N   
661 C CA  . VAL B 43 ? 0.2953 0.4314 0.4220 0.0118  -0.0390 -0.0211 81 VAL B CA  
662 C C   . VAL B 43 ? 0.2529 0.3295 0.3684 -0.0021 -0.0412 -0.0235 81 VAL B C   
663 O O   . VAL B 43 ? 0.2790 0.3636 0.3916 -0.0078 -0.0443 -0.0247 81 VAL B O   
664 C CB  . VAL B 43 ? 0.3272 0.4995 0.4907 -0.0151 -0.0362 -0.0386 81 VAL B CB  
665 C CG1 . VAL B 43 ? 0.3874 0.5716 0.5716 -0.0469 -0.0351 -0.0544 81 VAL B CG1 
666 C CG2 . VAL B 43 ? 0.2354 0.4808 0.4114 -0.0058 -0.0346 -0.0387 81 VAL B CG2 
667 N N   . LEU B 44 ? 0.2652 0.2862 0.3748 -0.0091 -0.0397 -0.0239 82 LEU B N   
668 C CA  . LEU B 44 ? 0.2197 0.1913 0.3221 -0.0251 -0.0419 -0.0258 82 LEU B CA  
669 C C   . LEU B 44 ? 0.3371 0.2706 0.4020 -0.0080 -0.0420 -0.0156 82 LEU B C   
670 O O   . LEU B 44 ? 0.3242 0.2446 0.3863 -0.0180 -0.0449 -0.0177 82 LEU B O   
671 C CB  . LEU B 44 ? 0.2655 0.1992 0.3701 -0.0364 -0.0404 -0.0259 82 LEU B CB  
672 C CG  . LEU B 44 ? 0.2734 0.2358 0.4177 -0.0554 -0.0368 -0.0340 82 LEU B CG  
673 C CD1 . LEU B 44 ? 0.3574 0.2946 0.4792 -0.0551 -0.0306 -0.0248 82 LEU B CD1 
674 C CD2 . LEU B 44 ? 0.3596 0.3413 0.4974 -0.0663 -0.0283 -0.0354 82 LEU B CD2 
675 N N   . ILE B 45 ? 0.3245 0.2385 0.3607 0.0185  -0.0358 -0.0043 83 ILE B N   
676 C CA  . ILE B 45 ? 0.3544 0.2260 0.3534 0.0368  -0.0295 0.0063  83 ILE B CA  
677 C C   . ILE B 45 ? 0.3628 0.2750 0.3662 0.0457  -0.0325 0.0115  83 ILE B C   
678 O O   . ILE B 45 ? 0.4232 0.3071 0.4115 0.0427  -0.0327 0.0129  83 ILE B O   
679 C CB  . ILE B 45 ? 0.3825 0.2280 0.3520 0.0658  -0.0160 0.0185  83 ILE B CB  
680 C CG1 . ILE B 45 ? 0.4617 0.2587 0.4181 0.0530  -0.0120 0.0120  83 ILE B CG1 
681 C CG2 . ILE B 45 ? 0.5076 0.3165 0.4414 0.0898  -0.0036 0.0322  83 ILE B CG2 
682 C CD1 . ILE B 45 ? 0.4505 0.2204 0.3786 0.0784  0.0045  0.0212  83 ILE B CD1 
683 N N   . GLU B 46 ? 0.3205 0.3043 0.3441 0.0555  -0.0347 0.0143  84 GLU B N   
684 C CA  . GLU B 46 ? 0.2924 0.3262 0.3184 0.0640  -0.0375 0.0210  84 GLU B CA  
685 C C   . GLU B 46 ? 0.2816 0.3244 0.3262 0.0313  -0.0459 0.0050  84 GLU B C   
686 O O   . GLU B 46 ? 0.3363 0.3836 0.3708 0.0339  -0.0474 0.0095  84 GLU B O   
687 C CB  . GLU B 46 ? 0.2882 0.4082 0.3329 0.0770  -0.0386 0.0267  84 GLU B CB  
688 C CG  . GLU B 46 ? 0.4243 0.5411 0.4491 0.1166  -0.0274 0.0487  84 GLU B CG  
689 C CD  . GLU B 46 ? 0.5503 0.7640 0.5941 0.1317  -0.0289 0.0583  84 GLU B CD  
690 O OE1 . GLU B 46 ? 0.5453 0.8296 0.6159 0.1073  -0.0388 0.0446  84 GLU B OE1 
691 O OE2 . GLU B 46 ? 0.5267 0.7472 0.5579 0.1670  -0.0183 0.0795  84 GLU B OE2 
692 N N   . TRP B 47 ? 0.2525 0.2975 0.3245 0.0015  -0.0489 -0.0126 85 TRP B N   
693 C CA  . TRP B 47 ? 0.2909 0.3374 0.3816 -0.0295 -0.0518 -0.0272 85 TRP B CA  
694 C C   . TRP B 47 ? 0.3676 0.3455 0.4372 -0.0328 -0.0526 -0.0239 85 TRP B C   
695 O O   . TRP B 47 ? 0.3735 0.3521 0.4418 -0.0423 -0.0547 -0.0267 85 TRP B O   
696 C CB  . TRP B 47 ? 0.2599 0.3151 0.3840 -0.0564 -0.0488 -0.0428 85 TRP B CB  
697 C CG  . TRP B 47 ? 0.2760 0.3127 0.4132 -0.0847 -0.0452 -0.0529 85 TRP B CG  
698 C CD1 . TRP B 47 ? 0.3413 0.4014 0.4727 -0.0952 -0.0422 -0.0539 85 TRP B CD1 
699 C CD2 . TRP B 47 ? 0.2644 0.2533 0.3685 -0.0848 -0.0336 -0.0409 85 TRP B CD2 
700 N NE1 . TRP B 47 ? 0.3006 0.3197 0.4047 -0.0989 -0.0356 -0.0411 85 TRP B NE1 
701 C CE2 . TRP B 47 ? 0.3736 0.3598 0.4575 -0.0934 -0.0294 -0.0346 85 TRP B CE2 
702 C CE3 . TRP B 47 ? 0.3517 0.3108 0.4426 -0.0767 -0.0294 -0.0343 85 TRP B CE3 
703 C CZ2 . TRP B 47 ? 0.3522 0.3178 0.4351 -0.0892 -0.0217 -0.0317 85 TRP B CZ2 
704 C CZ3 . TRP B 47 ? 0.4322 0.3769 0.5069 -0.0767 -0.0214 -0.0278 85 TRP B CZ3 
705 C CH2 . TRP B 47 ? 0.4207 0.3707 0.5006 -0.0814 -0.0188 -0.0279 85 TRP B CH2 
706 N N   . LEU B 48 ? 0.2875 0.2086 0.3387 -0.0262 -0.0501 -0.0183 86 LEU B N   
707 C CA  . LEU B 48 ? 0.2958 0.1549 0.3272 -0.0344 -0.0502 -0.0172 86 LEU B CA  
708 C C   . LEU B 48 ? 0.4780 0.3144 0.4756 -0.0139 -0.0467 -0.0064 86 LEU B C   
709 O O   . LEU B 48 ? 0.5275 0.3289 0.5138 -0.0239 -0.0475 -0.0079 86 LEU B O   
710 C CB  . LEU B 48 ? 0.4075 0.2295 0.4246 -0.0354 -0.0438 -0.0152 86 LEU B CB  
711 C CG  . LEU B 48 ? 0.4502 0.3085 0.4833 -0.0495 -0.0319 -0.0197 86 LEU B CG  
712 C CD1 . LEU B 48 ? 0.4240 0.2669 0.4430 -0.0458 -0.0239 -0.0168 86 LEU B CD1 
713 C CD2 . LEU B 48 ? 0.3850 0.2585 0.4136 -0.0578 -0.0197 -0.0214 86 LEU B CD2 
714 N N   . GLN B 49 ? 0.4228 0.2779 0.4045 0.0163  -0.0409 0.0063  87 GLN B N   
715 C CA  . GLN B 49 ? 0.4858 0.3162 0.4347 0.0413  -0.0324 0.0211  87 GLN B CA  
716 C C   . GLN B 49 ? 0.5706 0.4562 0.5292 0.0455  -0.0375 0.0256  87 GLN B C   
717 O O   . GLN B 49 ? 0.6502 0.5279 0.5848 0.0707  -0.0296 0.0421  87 GLN B O   
718 C CB  . GLN B 49 ? 0.5190 0.3386 0.4447 0.0756  -0.0186 0.0373  87 GLN B CB  
719 C CG  . GLN B 49 ? 0.5668 0.3251 0.4748 0.0698  -0.0107 0.0320  87 GLN B CG  
720 C CD  . GLN B 49 ? 0.7545 0.4934 0.6369 0.1032  0.0079  0.0472  87 GLN B CD  
721 O OE1 . GLN B 49 ? 0.7491 0.5277 0.6315 0.1339  0.0142  0.0648  87 GLN B OE1 
722 N NE2 . GLN B 49 ? 0.8127 0.4994 0.6758 0.0953  0.0178  0.0408  87 GLN B NE2 
723 N N   . ASN B 50 ? 0.5828 0.5233 0.5750 0.0206  -0.0479 0.0116  88 ASN B N   
724 C CA  . ASN B 50 ? 0.6062 0.6001 0.6059 0.0172  -0.0524 0.0122  88 ASN B CA  
725 C C   . ASN B 50 ? 0.7314 0.7169 0.7497 -0.0196 -0.0579 -0.0070 88 ASN B C   
726 O O   . ASN B 50 ? 0.6169 0.5410 0.6222 -0.0276 -0.0570 -0.0085 88 ASN B O   
727 C CB  . ASN B 50 ? 0.4549 0.5411 0.4747 0.0228  -0.0553 0.0138  88 ASN B CB  
728 C CG  . ASN B 50 ? 0.6841 0.7877 0.6851 0.0646  -0.0482 0.0386  88 ASN B CG  
729 O OD1 . ASN B 50 ? 0.7638 0.8474 0.7383 0.0927  -0.0406 0.0590  88 ASN B OD1 
730 N ND2 . ASN B 50 ? 0.7580 0.8958 0.7731 0.0704  -0.0475 0.0385  88 ASN B ND2 
# 
